data_7JQQ
#
_entry.id   7JQQ
#
_cell.length_a   1.00
_cell.length_b   1.00
_cell.length_c   1.00
_cell.angle_alpha   90.00
_cell.angle_beta   90.00
_cell.angle_gamma   90.00
#
_symmetry.space_group_name_H-M   'P 1'
#
loop_
_entity.id
_entity.type
_entity.pdbx_description
1 polymer 'DNA packaging protein'
2 polymer 'pRNA (117-MER)'
3 polymer 'DNA (60-MER)'
4 polymer 'DNA (60-MER)'
5 non-polymer 'PHOSPHOTHIOPHOSPHORIC ACID-ADENYLATE ESTER'
6 non-polymer 'MAGNESIUM ION'
#
loop_
_entity_poly.entity_id
_entity_poly.type
_entity_poly.pdbx_seq_one_letter_code
_entity_poly.pdbx_strand_id
1 'polypeptide(L)'
;MDKSLFYNPQKMLSYDRILNFVIGARGIGKSYAMKVYPINRFIKYGEQFIYVRRYKPELAKVSNYFNDVAQEFPDHELVV
KGRRFYIDGKLAGWAIPLSVWQSEKSNAYPNVSTIVFDEFIREKDNSNYIPNEVSALLNLMDTVFRNRERVRCICLSNAV
SVVNPYFLFFNLVPDVNKRFNVYDDALIEIPDSLDFSSERRKTRFGRLIDGTEYGEMSLDNQFIGDSQVFIEKRSKDSKF
VFSIVYNGFTLGVWVDVNQGLMYIDTAHDPSTKNVYTLTTDDLNENMMLITNYKNNYHLRKLASAFMNGYLRFDNQVIRN
IAYELFRKMRIQ
;
A,B,C,D,E
2 'polyribonucleotide'
;GGAAUGGUACGGUACUUCCAUUGUCAUGUGUAUGUUGGGGAUUAAACCCUGAUUGAGUUCAGCCCACAUACUUUGUUGAU
UGGUUGUCAAUCAUGGCAAAAGUGCACGCUACUUUCC
;
K,L,M,N,O
3 'polydeoxyribonucleotide'
;(DG)(DT)(DC)(DA)(DG)(DT)(DC)(DA)(DG)(DT)(DC)(DA)(DG)(DT)(DC)(DA)(DG)(DT)(DC)(DA)
(DG)(DT)(DC)(DA)(DG)(DT)(DC)(DA)(DG)(DT)(DC)(DA)(DG)(DT)(DC)(DA)(DG)(DT)(DC)(DA)
(DG)(DT)(DC)(DA)(DG)(DT)(DC)(DA)(DG)(DT)(DC)(DA)(DG)(DT)(DC)(DA)(DG)(DT)(DC)(DA)
;
F
4 'polydeoxyribonucleotide'
;(DT)(DG)(DA)(DC)(DT)(DG)(DA)(DC)(DT)(DG)(DA)(DC)(DT)(DG)(DA)(DC)(DT)(DG)(DA)(DC)
(DT)(DG)(DA)(DC)(DT)(DG)(DA)(DC)(DT)(DG)(DA)(DC)(DT)(DG)(DA)(DC)(DT)(DG)(DA)(DC)
(DT)(DG)(DA)(DC)(DT)(DG)(DA)(DC)(DT)(DG)(DA)(DC)(DT)(DG)(DA)(DC)(DT)(DG)(DA)(DC)
;
G
#
loop_
_chem_comp.id
_chem_comp.type
_chem_comp.name
_chem_comp.formula
A RNA linking ADENOSINE-5'-MONOPHOSPHATE 'C10 H14 N5 O7 P'
AGS non-polymer 'PHOSPHOTHIOPHOSPHORIC ACID-ADENYLATE ESTER' 'C10 H16 N5 O12 P3 S'
C RNA linking CYTIDINE-5'-MONOPHOSPHATE 'C9 H14 N3 O8 P'
DA DNA linking 2'-DEOXYADENOSINE-5'-MONOPHOSPHATE 'C10 H14 N5 O6 P'
DC DNA linking 2'-DEOXYCYTIDINE-5'-MONOPHOSPHATE 'C9 H14 N3 O7 P'
DG DNA linking 2'-DEOXYGUANOSINE-5'-MONOPHOSPHATE 'C10 H14 N5 O7 P'
DT DNA linking THYMIDINE-5'-MONOPHOSPHATE 'C10 H15 N2 O8 P'
G RNA linking GUANOSINE-5'-MONOPHOSPHATE 'C10 H14 N5 O8 P'
MG non-polymer 'MAGNESIUM ION' 'Mg 2'
U RNA linking URIDINE-5'-MONOPHOSPHATE 'C9 H13 N2 O9 P'
#
# COMPACT_ATOMS: atom_id res chain seq x y z
N SER A 4 29.87 11.07 36.74
CA SER A 4 30.60 10.06 37.49
C SER A 4 30.51 8.69 36.83
N LEU A 5 29.72 7.80 37.44
CA LEU A 5 29.65 6.41 37.01
C LEU A 5 28.36 6.07 36.29
N PHE A 6 27.20 6.31 36.89
CA PHE A 6 25.94 5.81 36.35
C PHE A 6 24.90 6.93 36.27
N TYR A 7 23.72 6.56 35.79
CA TYR A 7 22.58 7.45 35.84
C TYR A 7 22.22 7.76 37.29
N ASN A 8 21.94 9.03 37.57
CA ASN A 8 21.81 9.52 38.94
C ASN A 8 20.53 10.35 39.06
N PRO A 9 19.45 9.78 39.60
CA PRO A 9 18.17 10.49 39.67
C PRO A 9 18.02 11.42 40.85
N GLN A 10 19.11 11.76 41.54
CA GLN A 10 19.01 12.51 42.78
C GLN A 10 18.47 13.91 42.55
N LYS A 11 19.03 14.64 41.58
CA LYS A 11 18.55 15.98 41.28
C LYS A 11 17.11 15.95 40.79
N MET A 12 16.78 14.95 39.96
CA MET A 12 15.40 14.78 39.48
C MET A 12 14.42 14.65 40.63
N LEU A 13 14.71 13.73 41.54
CA LEU A 13 13.88 13.57 42.73
C LEU A 13 13.91 14.80 43.61
N SER A 14 15.00 15.56 43.57
CA SER A 14 15.18 16.68 44.48
C SER A 14 14.31 17.87 44.10
N TYR A 15 14.47 18.36 42.87
CA TYR A 15 13.75 19.58 42.49
C TYR A 15 12.24 19.37 42.50
N ASP A 16 11.80 18.12 42.53
CA ASP A 16 10.46 17.72 42.95
C ASP A 16 9.36 18.48 42.21
N ARG A 17 9.34 18.30 40.91
CA ARG A 17 8.09 18.50 40.18
C ARG A 17 7.15 17.35 40.51
N ILE A 18 5.85 17.66 40.57
CA ILE A 18 4.89 16.58 40.68
C ILE A 18 4.93 15.74 39.42
N LEU A 19 5.44 16.30 38.33
CA LEU A 19 5.63 15.58 37.06
C LEU A 19 7.02 15.94 36.54
N ASN A 20 7.98 15.02 36.69
CA ASN A 20 9.31 15.21 36.13
C ASN A 20 9.32 14.90 34.64
N PHE A 21 10.35 15.41 33.95
CA PHE A 21 10.50 15.23 32.52
C PHE A 21 11.98 15.20 32.18
N VAL A 22 12.54 14.01 31.96
CA VAL A 22 13.95 13.81 31.69
C VAL A 22 14.10 13.14 30.32
N ILE A 23 15.28 13.27 29.72
CA ILE A 23 15.55 12.70 28.41
C ILE A 23 17.02 12.29 28.35
N GLY A 24 17.31 11.22 27.61
CA GLY A 24 18.66 10.87 27.24
C GLY A 24 19.04 9.49 27.72
N ALA A 25 20.31 9.16 27.52
CA ALA A 25 20.93 7.94 28.03
C ALA A 25 20.20 6.69 27.52
N ARG A 26 20.30 6.51 26.20
CA ARG A 26 19.64 5.39 25.54
C ARG A 26 20.18 4.06 26.07
N GLY A 27 19.37 3.36 26.87
CA GLY A 27 19.85 2.17 27.54
C GLY A 27 20.87 2.43 28.63
N ILE A 28 21.41 3.63 28.73
CA ILE A 28 22.44 3.93 29.74
C ILE A 28 21.67 4.30 31.00
N GLY A 29 21.22 3.28 31.71
CA GLY A 29 20.61 3.48 33.00
C GLY A 29 19.46 4.46 33.08
N LYS A 30 18.98 4.95 31.94
CA LYS A 30 17.80 5.82 31.99
C LYS A 30 16.61 5.05 32.50
N SER A 31 16.68 3.71 32.47
CA SER A 31 15.65 2.85 33.02
C SER A 31 16.09 2.15 34.29
N TYR A 32 17.41 2.10 34.55
CA TYR A 32 17.97 1.44 35.73
C TYR A 32 17.43 2.02 37.02
N ALA A 33 17.80 3.28 37.30
CA ALA A 33 17.43 3.89 38.57
C ALA A 33 15.92 4.00 38.72
N MET A 34 15.22 4.29 37.62
CA MET A 34 13.78 4.46 37.67
C MET A 34 13.02 3.14 37.75
N LYS A 35 13.67 2.01 37.48
CA LYS A 35 13.04 0.74 37.83
C LYS A 35 13.44 0.30 39.23
N VAL A 36 14.59 0.78 39.73
CA VAL A 36 14.94 0.54 41.13
C VAL A 36 13.97 1.26 42.05
N TYR A 37 13.62 2.51 41.71
CA TYR A 37 12.88 3.37 42.63
C TYR A 37 11.54 2.80 43.07
N PRO A 38 10.71 2.19 42.22
CA PRO A 38 9.48 1.59 42.74
C PRO A 38 9.72 0.52 43.79
N ILE A 39 10.75 -0.31 43.61
CA ILE A 39 11.08 -1.28 44.64
C ILE A 39 11.63 -0.61 45.89
N ASN A 40 12.29 0.55 45.74
CA ASN A 40 12.69 1.30 46.93
C ASN A 40 11.46 1.78 47.69
N ARG A 41 10.44 2.26 46.97
CA ARG A 41 9.17 2.60 47.61
C ARG A 41 8.52 1.39 48.26
N PHE A 42 8.72 0.20 47.68
CA PHE A 42 8.16 -1.01 48.28
C PHE A 42 8.91 -1.41 49.54
N ILE A 43 10.23 -1.20 49.57
CA ILE A 43 11.00 -1.45 50.79
C ILE A 43 10.61 -0.44 51.87
N LYS A 44 10.31 0.79 51.48
CA LYS A 44 9.65 1.71 52.38
C LYS A 44 8.19 1.32 52.62
N TYR A 45 7.68 0.35 51.86
CA TYR A 45 6.30 -0.14 51.94
C TYR A 45 5.30 0.98 51.62
N GLY A 46 5.42 1.48 50.39
CA GLY A 46 4.53 2.50 49.88
C GLY A 46 3.37 1.93 49.09
N GLU A 47 3.35 2.17 47.79
CA GLU A 47 2.22 1.79 46.95
C GLU A 47 2.73 1.14 45.67
N GLN A 48 1.84 0.40 45.01
CA GLN A 48 2.15 -0.27 43.76
C GLN A 48 2.30 0.73 42.62
N PHE A 49 2.97 0.30 41.56
CA PHE A 49 3.21 1.17 40.40
C PHE A 49 2.43 0.67 39.19
N ILE A 50 2.37 1.52 38.17
CA ILE A 50 1.61 1.26 36.94
C ILE A 50 2.57 1.25 35.77
N TYR A 51 2.55 0.18 34.97
CA TYR A 51 3.47 0.01 33.84
C TYR A 51 2.67 -0.06 32.54
N VAL A 52 2.69 1.04 31.80
CA VAL A 52 2.12 1.10 30.46
C VAL A 52 3.11 0.51 29.48
N ARG A 53 2.60 -0.16 28.45
CA ARG A 53 3.46 -0.65 27.39
C ARG A 53 2.93 -0.13 26.05
N ARG A 54 3.84 -0.01 25.09
CA ARG A 54 3.47 0.49 23.78
C ARG A 54 2.61 -0.51 23.02
N TYR A 55 2.98 -1.80 23.07
CA TYR A 55 2.17 -2.82 22.41
C TYR A 55 2.30 -4.14 23.15
N LYS A 56 1.55 -5.13 22.66
CA LYS A 56 1.28 -6.39 23.34
C LYS A 56 2.42 -7.40 23.25
N PRO A 57 3.00 -7.66 22.06
CA PRO A 57 4.10 -8.64 22.03
C PRO A 57 5.25 -8.26 22.95
N GLU A 58 5.52 -6.96 23.09
CA GLU A 58 6.58 -6.43 23.96
C GLU A 58 6.43 -6.93 25.39
N LEU A 59 5.29 -7.58 25.69
CA LEU A 59 4.98 -8.05 27.03
C LEU A 59 5.39 -9.49 27.28
N ALA A 60 5.47 -10.33 26.23
CA ALA A 60 5.67 -11.75 26.44
C ALA A 60 7.08 -12.07 26.94
N LYS A 61 8.03 -11.16 26.76
CA LYS A 61 9.43 -11.42 27.08
C LYS A 61 9.92 -10.67 28.31
N VAL A 62 9.15 -9.70 28.81
CA VAL A 62 9.69 -8.68 29.70
C VAL A 62 9.50 -9.05 31.18
N SER A 63 9.22 -10.33 31.47
CA SER A 63 8.98 -10.74 32.85
C SER A 63 10.24 -10.66 33.71
N ASN A 64 11.41 -10.48 33.12
CA ASN A 64 12.65 -10.34 33.90
C ASN A 64 12.96 -8.88 34.19
N TYR A 65 11.98 -8.16 34.74
CA TYR A 65 12.14 -6.73 34.94
C TYR A 65 12.99 -6.39 36.16
N PHE A 66 13.16 -7.33 37.10
CA PHE A 66 13.88 -7.09 38.34
C PHE A 66 15.28 -7.69 38.35
N ASN A 67 15.77 -8.18 37.22
CA ASN A 67 17.09 -8.82 37.21
C ASN A 67 18.19 -7.83 37.58
N ASP A 68 18.13 -6.62 37.05
CA ASP A 68 19.20 -5.64 37.22
C ASP A 68 19.04 -4.80 38.47
N VAL A 69 18.00 -5.03 39.28
CA VAL A 69 17.82 -4.35 40.56
C VAL A 69 18.17 -5.24 41.74
N ALA A 70 18.42 -6.53 41.51
CA ALA A 70 18.90 -7.39 42.57
C ALA A 70 20.26 -6.92 43.07
N GLN A 71 21.18 -6.64 42.13
CA GLN A 71 22.48 -6.12 42.50
C GLN A 71 22.37 -4.76 43.17
N GLU A 72 21.20 -4.11 43.04
CA GLU A 72 20.92 -2.95 43.86
C GLU A 72 20.46 -3.37 45.25
N PHE A 73 19.44 -4.23 45.32
CA PHE A 73 18.86 -4.69 46.59
C PHE A 73 18.82 -6.21 46.61
N PRO A 74 19.94 -6.85 46.98
CA PRO A 74 19.93 -8.31 47.08
C PRO A 74 19.07 -8.84 48.22
N ASP A 75 18.71 -7.98 49.18
CA ASP A 75 18.15 -8.44 50.46
C ASP A 75 16.84 -9.22 50.29
N HIS A 76 15.78 -8.55 49.87
CA HIS A 76 14.45 -9.14 49.97
C HIS A 76 14.07 -9.83 48.66
N GLU A 77 12.86 -10.40 48.66
CA GLU A 77 12.37 -11.19 47.54
C GLU A 77 11.78 -10.27 46.49
N LEU A 78 12.29 -10.37 45.27
CA LEU A 78 11.85 -9.57 44.13
C LEU A 78 11.64 -10.51 42.96
N VAL A 79 10.39 -10.89 42.68
CA VAL A 79 10.10 -11.92 41.69
C VAL A 79 8.89 -11.50 40.87
N VAL A 80 8.53 -12.35 39.91
CA VAL A 80 7.36 -12.17 39.07
C VAL A 80 6.62 -13.49 39.02
N LYS A 81 5.30 -13.47 39.30
CA LYS A 81 4.56 -14.72 39.27
C LYS A 81 4.13 -15.11 37.86
N GLY A 82 4.35 -14.24 36.89
CA GLY A 82 3.71 -14.37 35.60
C GLY A 82 3.56 -13.00 34.98
N ARG A 83 2.33 -12.59 34.67
CA ARG A 83 2.12 -11.22 34.25
C ARG A 83 2.38 -10.25 35.39
N ARG A 84 1.98 -10.61 36.60
CA ARG A 84 2.05 -9.69 37.72
C ARG A 84 3.37 -9.84 38.48
N PHE A 85 3.86 -8.70 38.98
CA PHE A 85 5.11 -8.60 39.70
C PHE A 85 4.84 -8.73 41.19
N TYR A 86 5.70 -9.45 41.91
CA TYR A 86 5.50 -9.66 43.34
C TYR A 86 6.79 -9.41 44.10
N ILE A 87 6.72 -8.56 45.11
CA ILE A 87 7.83 -8.30 46.02
C ILE A 87 7.47 -8.92 47.36
N ASP A 88 8.23 -9.94 47.76
CA ASP A 88 7.91 -10.77 48.92
C ASP A 88 6.49 -11.33 48.83
N GLY A 89 5.94 -11.42 47.63
CA GLY A 89 4.59 -11.91 47.44
C GLY A 89 3.51 -10.85 47.39
N LYS A 90 3.83 -9.60 47.66
CA LYS A 90 2.85 -8.53 47.56
C LYS A 90 2.86 -7.94 46.16
N LEU A 91 1.68 -7.50 45.71
CA LEU A 91 1.52 -7.00 44.35
C LEU A 91 2.38 -5.77 44.14
N ALA A 92 3.07 -5.72 43.00
CA ALA A 92 4.04 -4.67 42.73
C ALA A 92 3.65 -3.80 41.55
N GLY A 93 3.37 -4.39 40.40
CA GLY A 93 3.11 -3.59 39.21
C GLY A 93 1.89 -4.00 38.41
N TRP A 94 1.06 -3.02 38.08
CA TRP A 94 -0.08 -3.23 37.18
C TRP A 94 0.43 -3.04 35.75
N ALA A 95 0.59 -4.15 35.02
CA ALA A 95 1.38 -4.19 33.80
C ALA A 95 0.52 -4.48 32.58
N ILE A 96 0.26 -3.47 31.76
CA ILE A 96 -0.54 -3.68 30.55
C ILE A 96 -0.07 -2.74 29.43
N PRO A 97 -0.13 -3.17 28.15
CA PRO A 97 0.08 -2.23 27.04
C PRO A 97 -1.06 -1.23 26.88
N LEU A 98 -1.03 -0.44 25.80
CA LEU A 98 -1.99 0.65 25.68
C LEU A 98 -3.38 0.20 25.27
N SER A 99 -3.48 -0.78 24.37
CA SER A 99 -4.67 -1.03 23.56
C SER A 99 -6.00 -0.93 24.32
N VAL A 100 -6.03 -1.30 25.59
CA VAL A 100 -7.31 -1.54 26.25
C VAL A 100 -7.44 -0.79 27.58
N TRP A 101 -6.65 0.27 27.79
CA TRP A 101 -6.77 0.99 29.07
C TRP A 101 -8.19 1.43 29.38
N GLN A 102 -9.00 1.70 28.35
CA GLN A 102 -10.37 2.13 28.61
C GLN A 102 -11.15 1.08 29.41
N SER A 103 -11.02 -0.19 29.05
CA SER A 103 -11.70 -1.23 29.81
C SER A 103 -11.18 -1.27 31.26
N GLU A 104 -9.96 -0.80 31.48
CA GLU A 104 -9.41 -0.76 32.83
C GLU A 104 -9.99 0.40 33.64
N LYS A 105 -10.40 1.48 32.97
CA LYS A 105 -10.55 2.76 33.66
C LYS A 105 -11.73 2.81 34.63
N SER A 106 -12.61 1.80 34.65
CA SER A 106 -13.64 1.72 35.66
C SER A 106 -13.19 0.95 36.90
N ASN A 107 -12.01 0.35 36.87
CA ASN A 107 -11.50 -0.36 38.03
C ASN A 107 -11.01 0.61 39.09
N ALA A 108 -10.96 0.13 40.33
CA ALA A 108 -10.39 0.92 41.42
C ALA A 108 -8.87 0.85 41.38
N TYR A 109 -8.23 2.02 41.46
CA TYR A 109 -6.77 2.12 41.37
C TYR A 109 -6.20 2.90 42.55
N PRO A 110 -6.51 2.48 43.79
CA PRO A 110 -6.22 3.34 44.95
C PRO A 110 -4.74 3.57 45.20
N ASN A 111 -3.86 2.71 44.71
CA ASN A 111 -2.44 2.78 45.07
C ASN A 111 -1.59 2.98 43.82
N VAL A 112 -0.90 4.11 43.76
CA VAL A 112 0.12 4.38 42.75
C VAL A 112 1.30 5.02 43.46
N SER A 113 2.50 4.75 42.97
CA SER A 113 3.70 5.38 43.53
C SER A 113 4.38 6.32 42.54
N THR A 114 4.74 5.84 41.36
CA THR A 114 5.60 6.60 40.46
C THR A 114 5.38 6.09 39.04
N ILE A 115 5.80 6.89 38.06
CA ILE A 115 5.82 6.46 36.67
C ILE A 115 7.09 5.65 36.41
N VAL A 116 6.90 4.38 36.01
CA VAL A 116 7.99 3.40 35.90
C VAL A 116 8.05 2.87 34.46
N PHE A 117 7.80 3.75 33.49
CA PHE A 117 7.96 3.42 32.08
C PHE A 117 8.98 4.36 31.46
N ASP A 118 9.69 3.88 30.44
CA ASP A 118 10.47 4.79 29.60
C ASP A 118 10.37 4.32 28.14
N GLU A 119 11.12 5.01 27.28
CA GLU A 119 10.87 5.12 25.83
C GLU A 119 9.39 5.46 25.58
N PHE A 120 8.96 6.56 26.18
CA PHE A 120 7.60 7.04 25.93
C PHE A 120 7.41 7.37 24.45
N ILE A 121 8.37 8.06 23.85
CA ILE A 121 8.34 8.40 22.45
C ILE A 121 9.66 7.99 21.83
N ARG A 122 9.60 7.29 20.70
CA ARG A 122 10.78 6.84 19.99
C ARG A 122 11.07 7.73 18.79
N GLU A 123 12.35 8.06 18.60
CA GLU A 123 12.75 8.87 17.47
C GLU A 123 12.37 8.18 16.17
N LYS A 124 11.74 8.94 15.26
CA LYS A 124 11.35 8.46 13.94
C LYS A 124 10.42 7.24 14.04
N ASP A 125 9.47 7.30 14.96
CA ASP A 125 8.54 6.19 15.21
C ASP A 125 7.15 6.78 15.48
N ASN A 126 6.31 6.85 14.44
CA ASN A 126 4.93 7.23 14.61
C ASN A 126 3.94 6.19 14.10
N SER A 127 4.41 5.12 13.46
CA SER A 127 3.54 3.98 13.19
C SER A 127 3.07 3.35 14.49
N ASN A 128 3.94 3.27 15.49
CA ASN A 128 3.55 2.80 16.81
C ASN A 128 2.52 3.75 17.43
N TYR A 129 2.66 5.04 17.18
CA TYR A 129 1.92 6.07 17.89
C TYR A 129 0.41 5.91 17.75
N ILE A 130 -0.33 6.56 18.63
CA ILE A 130 -1.79 6.59 18.60
C ILE A 130 -2.19 8.05 18.47
N PRO A 131 -3.18 8.39 17.64
CA PRO A 131 -3.56 9.80 17.49
C PRO A 131 -3.91 10.45 18.83
N ASN A 132 -3.34 11.65 19.03
CA ASN A 132 -3.58 12.45 20.22
C ASN A 132 -3.30 11.65 21.50
N GLU A 133 -2.19 10.91 21.50
CA GLU A 133 -1.87 10.10 22.67
C GLU A 133 -1.47 10.97 23.85
N VAL A 134 -1.24 12.26 23.63
CA VAL A 134 -0.99 13.17 24.75
C VAL A 134 -2.20 13.24 25.65
N SER A 135 -3.40 13.24 25.06
CA SER A 135 -4.62 13.19 25.87
C SER A 135 -4.87 11.77 26.37
N ALA A 136 -4.27 10.77 25.70
CA ALA A 136 -4.33 9.41 26.23
C ALA A 136 -3.59 9.31 27.55
N LEU A 137 -2.41 9.95 27.63
CA LEU A 137 -1.72 10.02 28.91
C LEU A 137 -2.52 10.82 29.92
N LEU A 138 -3.32 11.80 29.46
CA LEU A 138 -4.20 12.53 30.36
C LEU A 138 -5.23 11.60 30.99
N ASN A 139 -5.86 10.75 30.16
CA ASN A 139 -6.80 9.77 30.70
C ASN A 139 -6.10 8.80 31.63
N LEU A 140 -4.88 8.37 31.26
CA LEU A 140 -4.11 7.49 32.14
C LEU A 140 -3.87 8.13 33.50
N MET A 141 -3.44 9.40 33.50
CA MET A 141 -3.11 10.05 34.76
C MET A 141 -4.37 10.27 35.60
N ASP A 142 -5.48 10.68 34.97
CA ASP A 142 -6.69 10.88 35.75
C ASP A 142 -7.30 9.55 36.20
N THR A 143 -6.96 8.44 35.55
CA THR A 143 -7.37 7.13 36.06
C THR A 143 -6.28 6.48 36.91
N VAL A 144 -5.22 7.22 37.25
CA VAL A 144 -4.35 6.84 38.35
C VAL A 144 -4.24 7.94 39.39
N PHE A 145 -5.14 8.93 39.35
CA PHE A 145 -5.23 9.99 40.35
C PHE A 145 -6.39 9.73 41.30
N ARG A 146 -6.12 9.91 42.60
CA ARG A 146 -7.14 9.98 43.63
C ARG A 146 -7.10 11.29 44.38
N ASN A 147 -5.92 11.88 44.53
CA ASN A 147 -5.72 13.18 45.16
C ASN A 147 -4.52 13.83 44.49
N ARG A 148 -3.92 14.80 45.15
CA ARG A 148 -2.72 15.44 44.62
C ARG A 148 -1.44 14.69 44.98
N GLU A 149 -1.53 13.61 45.73
CA GLU A 149 -0.35 12.90 46.21
C GLU A 149 -0.32 11.49 45.61
N ARG A 150 0.70 10.72 46.02
CA ARG A 150 1.01 9.35 45.66
C ARG A 150 1.58 9.23 44.26
N VAL A 151 1.61 10.29 43.48
CA VAL A 151 1.97 10.21 42.06
C VAL A 151 3.11 11.17 41.78
N ARG A 152 4.09 10.69 41.01
CA ARG A 152 5.09 11.56 40.41
C ARG A 152 5.50 10.93 39.09
N CYS A 153 5.51 11.74 38.03
CA CYS A 153 5.62 11.25 36.67
C CYS A 153 6.95 11.66 36.05
N ILE A 154 7.32 10.91 35.01
CA ILE A 154 8.50 11.21 34.20
C ILE A 154 8.15 10.98 32.75
N CYS A 155 8.70 11.81 31.88
CA CYS A 155 8.84 11.41 30.49
C CYS A 155 10.29 11.03 30.26
N LEU A 156 10.53 10.23 29.22
CA LEU A 156 11.90 9.82 28.94
C LEU A 156 11.99 9.39 27.47
N SER A 157 12.52 10.28 26.64
CA SER A 157 12.83 9.98 25.25
C SER A 157 14.32 9.71 25.12
N ASN A 158 14.67 8.88 24.14
CA ASN A 158 16.07 8.47 23.98
C ASN A 158 16.97 9.66 23.68
N ALA A 159 16.52 10.56 22.80
CA ALA A 159 17.30 11.72 22.39
C ALA A 159 16.48 12.98 22.55
N VAL A 160 17.13 14.13 22.32
CA VAL A 160 16.50 15.43 22.48
C VAL A 160 16.04 15.94 21.12
N SER A 161 14.75 16.26 21.01
CA SER A 161 14.18 16.84 19.81
C SER A 161 13.31 18.03 20.19
N VAL A 162 13.02 18.87 19.20
CA VAL A 162 12.19 20.04 19.42
C VAL A 162 11.00 20.07 18.45
N VAL A 163 10.62 18.93 17.91
CA VAL A 163 9.54 18.88 16.92
C VAL A 163 8.32 18.12 17.42
N ASN A 164 8.45 17.25 18.41
CA ASN A 164 7.31 16.48 18.85
C ASN A 164 6.23 17.41 19.41
N PRO A 165 4.95 17.04 19.25
CA PRO A 165 3.88 17.95 19.67
C PRO A 165 3.91 18.31 21.15
N TYR A 166 4.37 17.41 22.01
CA TYR A 166 4.31 17.64 23.44
C TYR A 166 5.15 18.86 23.83
N PHE A 167 6.36 18.94 23.30
CA PHE A 167 7.28 20.02 23.67
C PHE A 167 6.70 21.39 23.35
N LEU A 168 6.54 21.69 22.06
CA LEU A 168 6.08 23.01 21.67
C LEU A 168 4.63 23.24 22.09
N PHE A 169 3.87 22.17 22.33
CA PHE A 169 2.59 22.31 22.99
C PHE A 169 2.76 22.83 24.41
N PHE A 170 3.85 22.46 25.08
CA PHE A 170 4.20 23.00 26.38
C PHE A 170 5.40 23.92 26.30
N ASN A 171 5.84 24.28 25.09
CA ASN A 171 6.99 25.16 24.87
C ASN A 171 8.23 24.64 25.57
N LEU A 172 8.36 23.32 25.64
CA LEU A 172 9.52 22.71 26.28
C LEU A 172 10.75 22.98 25.43
N VAL A 173 11.64 23.84 25.92
CA VAL A 173 12.77 24.34 25.16
C VAL A 173 14.04 23.81 25.82
N PRO A 174 14.90 23.10 25.08
CA PRO A 174 16.14 22.60 25.67
C PRO A 174 17.23 23.67 25.67
N ASP A 175 18.14 23.53 26.61
CA ASP A 175 19.27 24.44 26.75
C ASP A 175 20.53 23.60 26.84
N VAL A 176 21.49 23.86 25.95
CA VAL A 176 22.72 23.09 25.93
C VAL A 176 23.78 23.68 26.86
N ASN A 177 23.69 24.98 27.17
CA ASN A 177 24.65 25.57 28.09
C ASN A 177 24.34 25.17 29.54
N LYS A 178 23.06 25.20 29.91
CA LYS A 178 22.64 24.84 31.26
C LYS A 178 21.83 23.54 31.24
N ARG A 179 21.99 22.78 32.31
CA ARG A 179 21.36 21.47 32.40
C ARG A 179 19.85 21.58 32.54
N PHE A 180 19.37 22.43 33.45
CA PHE A 180 17.95 22.55 33.79
C PHE A 180 17.27 23.66 33.02
N ASN A 181 16.05 23.39 32.58
CA ASN A 181 15.10 24.40 32.12
C ASN A 181 13.83 24.22 32.93
N VAL A 182 13.39 25.28 33.60
CA VAL A 182 12.35 25.20 34.62
C VAL A 182 11.10 25.91 34.15
N TYR A 183 9.94 25.34 34.45
CA TYR A 183 8.65 25.97 34.22
C TYR A 183 7.78 25.71 35.44
N ASP A 184 6.46 25.89 35.29
CA ASP A 184 5.54 25.62 36.39
C ASP A 184 5.73 24.21 36.94
N ASP A 185 5.70 23.22 36.07
CA ASP A 185 5.85 21.82 36.46
C ASP A 185 6.81 21.06 35.55
N ALA A 186 7.28 21.68 34.47
CA ALA A 186 8.06 21.00 33.45
C ALA A 186 9.54 21.35 33.57
N LEU A 187 10.38 20.32 33.64
CA LEU A 187 11.82 20.48 33.62
C LEU A 187 12.36 19.83 32.37
N ILE A 188 13.40 20.43 31.80
CA ILE A 188 14.15 19.83 30.69
C ILE A 188 15.60 19.71 31.16
N GLU A 189 16.13 18.51 31.12
CA GLU A 189 17.44 18.26 31.71
C GLU A 189 18.16 17.15 30.93
N ILE A 190 19.29 16.73 31.48
CA ILE A 190 20.24 15.83 30.84
C ILE A 190 21.28 15.58 31.92
N PRO A 191 22.03 14.48 31.92
CA PRO A 191 23.06 14.31 32.96
C PRO A 191 24.19 15.32 32.78
N ASP A 192 25.04 15.38 33.80
CA ASP A 192 26.08 16.40 33.86
C ASP A 192 26.97 16.35 32.62
N SER A 193 27.30 17.54 32.10
CA SER A 193 28.28 17.63 31.03
C SER A 193 29.62 17.07 31.48
N LEU A 194 29.97 17.25 32.75
CA LEU A 194 31.13 16.57 33.31
C LEU A 194 30.92 15.06 33.34
N ASP A 195 29.73 14.62 33.76
CA ASP A 195 29.42 13.20 33.69
C ASP A 195 29.37 12.73 32.24
N PHE A 196 28.92 13.59 31.33
CA PHE A 196 29.01 13.27 29.92
C PHE A 196 30.45 13.00 29.50
N SER A 197 31.36 13.88 29.90
CA SER A 197 32.77 13.68 29.58
C SER A 197 33.27 12.36 30.17
N SER A 198 32.95 12.11 31.44
CA SER A 198 33.43 10.91 32.10
C SER A 198 32.93 9.64 31.40
N GLU A 199 31.63 9.58 31.13
CA GLU A 199 31.05 8.35 30.58
C GLU A 199 31.42 8.17 29.11
N ARG A 200 31.38 9.23 28.32
CA ARG A 200 31.82 9.11 26.92
C ARG A 200 33.29 8.76 26.84
N ARG A 201 34.11 9.27 27.77
CA ARG A 201 35.51 8.85 27.83
C ARG A 201 35.61 7.39 28.23
N LYS A 202 34.73 6.93 29.12
CA LYS A 202 34.71 5.52 29.48
C LYS A 202 34.41 4.65 28.26
N THR A 203 33.48 5.09 27.43
CA THR A 203 33.19 4.38 26.18
C THR A 203 34.36 4.47 25.20
N ARG A 204 35.06 5.61 25.17
CA ARG A 204 36.28 5.72 24.36
C ARG A 204 37.29 4.67 24.81
N PHE A 205 37.44 4.52 26.11
CA PHE A 205 38.22 3.42 26.64
C PHE A 205 37.54 2.09 26.31
N GLY A 206 38.34 1.09 26.06
CA GLY A 206 37.82 -0.22 25.69
C GLY A 206 37.65 -0.35 24.18
N ARG A 207 36.41 -0.56 23.74
CA ARG A 207 36.13 -0.80 22.33
C ARG A 207 36.34 0.51 21.57
N LEU A 208 37.50 0.63 20.91
CA LEU A 208 37.85 1.85 20.20
C LEU A 208 36.88 2.14 19.07
N ILE A 209 36.41 1.10 18.38
CA ILE A 209 35.38 1.29 17.35
C ILE A 209 34.10 1.80 17.97
N ASP A 210 33.73 1.28 19.15
CA ASP A 210 32.57 1.81 19.86
C ASP A 210 32.82 3.19 20.43
N GLY A 211 34.07 3.67 20.39
CA GLY A 211 34.36 5.04 20.74
C GLY A 211 34.23 5.96 19.55
N THR A 212 34.84 5.59 18.43
CA THR A 212 34.74 6.42 17.24
C THR A 212 33.34 6.43 16.66
N GLU A 213 32.54 5.40 16.92
CA GLU A 213 31.13 5.47 16.56
C GLU A 213 30.40 6.55 17.36
N TYR A 214 30.84 6.79 18.59
CA TYR A 214 30.38 7.96 19.34
C TYR A 214 31.01 9.24 18.83
N GLY A 215 32.18 9.14 18.21
CA GLY A 215 32.77 10.31 17.58
C GLY A 215 31.90 10.86 16.47
N GLU A 216 31.19 9.98 15.78
CA GLU A 216 30.15 10.43 14.87
C GLU A 216 29.05 11.15 15.65
N MET A 217 28.40 12.10 15.01
CA MET A 217 27.23 12.72 15.62
C MET A 217 26.09 11.72 15.76
N SER A 218 26.18 10.56 15.11
CA SER A 218 25.12 9.56 15.19
C SER A 218 24.86 9.13 16.63
N LEU A 219 25.91 8.73 17.34
CA LEU A 219 25.79 8.38 18.75
C LEU A 219 25.93 9.60 19.67
N ASP A 220 26.45 10.71 19.15
CA ASP A 220 26.53 11.93 19.96
C ASP A 220 25.15 12.49 20.22
N ASN A 221 24.33 12.61 19.17
CA ASN A 221 23.02 13.24 19.25
C ASN A 221 22.04 12.46 20.11
N GLN A 222 22.29 11.17 20.33
CA GLN A 222 21.39 10.38 21.16
C GLN A 222 21.43 10.86 22.61
N PHE A 223 22.59 11.28 23.09
CA PHE A 223 22.73 11.68 24.49
C PHE A 223 22.85 13.18 24.68
N ILE A 224 23.47 13.91 23.75
CA ILE A 224 23.53 15.37 23.92
C ILE A 224 22.33 16.06 23.30
N GLY A 225 21.77 15.49 22.23
CA GLY A 225 20.53 16.00 21.70
C GLY A 225 20.62 17.27 20.89
N ASP A 226 21.77 17.56 20.28
CA ASP A 226 21.88 18.67 19.35
C ASP A 226 21.21 18.27 18.04
N SER A 227 19.94 18.63 17.89
CA SER A 227 19.18 18.24 16.71
C SER A 227 18.27 19.37 16.28
N GLN A 228 17.89 19.34 14.99
CA GLN A 228 16.86 20.16 14.37
C GLN A 228 17.23 21.63 14.20
N VAL A 229 18.38 22.07 14.69
CA VAL A 229 18.82 23.45 14.46
C VAL A 229 19.70 23.39 13.20
N PHE A 230 19.07 23.64 12.05
CA PHE A 230 19.70 23.40 10.76
C PHE A 230 20.01 24.69 10.02
N ILE A 231 19.00 25.52 9.76
CA ILE A 231 19.21 26.74 8.98
C ILE A 231 19.74 27.83 9.90
N GLU A 232 20.52 28.74 9.32
CA GLU A 232 20.87 29.95 10.04
C GLU A 232 19.60 30.75 10.33
N LYS A 233 19.55 31.34 11.52
CA LYS A 233 18.33 31.98 11.98
C LYS A 233 18.68 33.24 12.75
N ARG A 234 17.90 34.30 12.52
CA ARG A 234 18.13 35.58 13.17
C ARG A 234 16.80 36.33 13.29
N SER A 235 16.88 37.61 13.64
CA SER A 235 15.72 38.48 13.69
C SER A 235 16.20 39.92 13.63
N LYS A 236 15.30 40.83 13.29
CA LYS A 236 15.66 42.23 13.13
C LYS A 236 14.38 43.06 13.15
N ASP A 237 14.56 44.38 13.09
CA ASP A 237 13.51 45.36 13.34
C ASP A 237 12.92 45.97 12.06
N SER A 238 12.83 45.20 10.98
CA SER A 238 12.39 45.76 9.71
C SER A 238 10.89 46.07 9.73
N LYS A 239 10.39 46.59 8.61
CA LYS A 239 8.99 46.91 8.42
C LYS A 239 8.24 45.75 7.80
N PHE A 240 7.00 45.56 8.22
CA PHE A 240 6.14 44.52 7.67
C PHE A 240 5.80 44.85 6.22
N VAL A 241 5.99 43.88 5.32
CA VAL A 241 5.78 44.18 3.90
C VAL A 241 4.79 43.23 3.25
N PHE A 242 4.93 41.93 3.50
CA PHE A 242 4.10 40.94 2.82
C PHE A 242 3.74 39.82 3.79
N SER A 243 2.64 39.15 3.49
CA SER A 243 2.14 38.08 4.34
C SER A 243 1.46 37.03 3.48
N ILE A 244 1.84 35.76 3.68
CA ILE A 244 1.35 34.67 2.85
C ILE A 244 0.49 33.73 3.69
N VAL A 245 -0.83 33.93 3.64
CA VAL A 245 -1.73 33.05 4.38
C VAL A 245 -1.69 31.68 3.73
N TYR A 246 -1.07 30.72 4.41
CA TYR A 246 -0.99 29.34 3.94
C TYR A 246 -1.54 28.42 5.02
N ASN A 247 -2.45 27.53 4.61
CA ASN A 247 -3.11 26.52 5.45
C ASN A 247 -3.49 27.06 6.82
N GLY A 248 -3.86 28.33 6.89
CA GLY A 248 -4.29 28.94 8.13
C GLY A 248 -3.15 29.46 9.00
N PHE A 249 -2.29 30.28 8.42
CA PHE A 249 -1.19 30.89 9.17
C PHE A 249 -1.06 32.35 8.79
N THR A 250 -0.79 33.20 9.78
CA THR A 250 -0.57 34.62 9.55
C THR A 250 0.92 34.92 9.40
N LEU A 251 1.56 34.17 8.51
CA LEU A 251 2.98 34.38 8.27
C LEU A 251 3.22 35.66 7.48
N GLY A 252 4.21 36.44 7.93
CA GLY A 252 4.58 37.66 7.25
C GLY A 252 6.08 37.72 7.03
N VAL A 253 6.49 38.76 6.31
CA VAL A 253 7.89 38.92 5.90
C VAL A 253 8.37 40.30 6.32
N TRP A 254 9.48 40.35 7.02
CA TRP A 254 10.21 41.58 7.28
C TRP A 254 11.39 41.65 6.32
N VAL A 255 11.57 42.80 5.68
CA VAL A 255 12.65 43.02 4.72
C VAL A 255 13.48 44.19 5.22
N ASP A 256 14.74 43.93 5.56
CA ASP A 256 15.62 44.97 6.07
C ASP A 256 16.74 45.19 5.05
N VAL A 257 16.71 46.37 4.39
CA VAL A 257 17.62 46.60 3.28
C VAL A 257 19.06 46.73 3.75
N ASN A 258 19.27 47.37 4.90
CA ASN A 258 20.62 47.47 5.45
C ASN A 258 21.09 46.09 5.87
N GLN A 259 22.20 45.64 5.27
CA GLN A 259 22.59 44.23 5.31
C GLN A 259 21.42 43.36 4.87
N GLY A 260 21.09 43.52 3.59
CA GLY A 260 19.87 42.99 3.02
C GLY A 260 19.64 41.50 3.21
N LEU A 261 18.65 41.17 4.04
CA LEU A 261 18.26 39.80 4.30
C LEU A 261 16.77 39.80 4.60
N MET A 262 16.09 38.70 4.32
CA MET A 262 14.67 38.58 4.59
C MET A 262 14.45 37.77 5.86
N TYR A 263 13.77 38.36 6.83
CA TYR A 263 13.51 37.73 8.11
C TYR A 263 12.04 37.35 8.18
N ILE A 264 11.77 36.11 8.57
CA ILE A 264 10.43 35.53 8.43
C ILE A 264 9.66 35.57 9.74
N ASP A 265 10.02 36.49 10.64
CA ASP A 265 9.33 36.62 11.91
C ASP A 265 7.84 36.87 11.70
N THR A 266 7.06 36.53 12.73
CA THR A 266 5.60 36.67 12.68
C THR A 266 5.19 37.95 13.40
N ALA A 267 4.32 38.73 12.75
CA ALA A 267 3.83 39.99 13.31
C ALA A 267 2.55 40.38 12.58
N HIS A 268 1.97 41.48 13.02
CA HIS A 268 0.75 42.00 12.41
C HIS A 268 0.78 43.52 12.30
N ASP A 269 0.27 44.01 11.17
CA ASP A 269 -0.07 45.40 10.93
C ASP A 269 -1.39 45.42 10.18
N PRO A 270 -2.16 46.51 10.26
CA PRO A 270 -3.44 46.57 9.53
C PRO A 270 -3.26 46.88 8.05
N SER A 271 -2.44 46.05 7.39
CA SER A 271 -2.11 46.31 5.99
C SER A 271 -3.35 46.30 5.12
N THR A 272 -4.24 45.33 5.33
CA THR A 272 -5.48 45.17 4.56
C THR A 272 -5.20 45.01 3.07
N LYS A 273 -4.00 44.58 2.72
CA LYS A 273 -3.58 44.41 1.34
C LYS A 273 -2.32 43.57 1.34
N ASN A 274 -1.87 43.19 0.15
CA ASN A 274 -0.65 42.43 -0.11
C ASN A 274 -0.65 41.06 0.58
N VAL A 275 -1.76 40.65 1.19
CA VAL A 275 -1.83 39.35 1.83
C VAL A 275 -2.20 38.31 0.79
N TYR A 276 -1.40 37.25 0.70
CA TYR A 276 -1.45 36.30 -0.40
C TYR A 276 -1.81 34.92 0.11
N THR A 277 -2.66 34.21 -0.64
CA THR A 277 -3.06 32.86 -0.31
C THR A 277 -2.70 31.92 -1.45
N LEU A 278 -2.10 30.77 -1.09
CA LEU A 278 -1.75 29.74 -2.05
C LEU A 278 -2.76 28.61 -2.12
N THR A 279 -3.84 28.69 -1.35
CA THR A 279 -4.88 27.67 -1.35
C THR A 279 -6.24 28.34 -1.34
N THR A 280 -7.23 27.62 -1.86
CA THR A 280 -8.59 28.14 -1.87
C THR A 280 -9.24 28.08 -0.50
N ASP A 281 -8.82 27.14 0.36
CA ASP A 281 -9.39 27.05 1.69
C ASP A 281 -9.05 28.26 2.54
N ASP A 282 -7.87 28.84 2.33
CA ASP A 282 -7.49 30.04 3.07
C ASP A 282 -7.98 31.31 2.41
N LEU A 283 -8.70 31.22 1.30
CA LEU A 283 -9.20 32.41 0.62
C LEU A 283 -10.62 32.72 1.06
N ASN A 284 -10.85 33.97 1.46
CA ASN A 284 -12.18 34.52 1.68
C ASN A 284 -12.27 35.82 0.89
N GLU A 285 -13.34 36.59 1.11
CA GLU A 285 -13.63 37.72 0.25
C GLU A 285 -12.86 38.99 0.60
N ASN A 286 -11.71 38.89 1.24
CA ASN A 286 -10.88 40.07 1.47
C ASN A 286 -9.40 39.87 1.16
N MET A 287 -8.95 38.67 0.82
CA MET A 287 -7.60 38.45 0.32
C MET A 287 -7.65 37.96 -1.12
N MET A 288 -6.49 37.84 -1.74
CA MET A 288 -6.39 37.56 -3.17
C MET A 288 -5.61 36.26 -3.40
N LEU A 289 -6.05 35.51 -4.42
CA LEU A 289 -5.47 34.22 -4.74
C LEU A 289 -4.36 34.37 -5.78
N ILE A 290 -3.37 33.49 -5.70
CA ILE A 290 -2.20 33.51 -6.58
C ILE A 290 -1.95 32.10 -7.10
N THR A 291 -1.80 31.98 -8.42
CA THR A 291 -1.54 30.70 -9.07
C THR A 291 -0.07 30.34 -8.97
N ASN A 292 0.35 29.36 -9.79
CA ASN A 292 1.67 28.76 -9.64
C ASN A 292 2.79 29.79 -9.73
N TYR A 293 2.96 30.43 -10.89
CA TYR A 293 4.15 31.24 -11.11
C TYR A 293 4.10 32.54 -10.34
N LYS A 294 2.93 33.19 -10.31
CA LYS A 294 2.86 34.58 -9.87
C LYS A 294 3.44 34.79 -8.47
N ASN A 295 3.65 33.72 -7.71
CA ASN A 295 4.43 33.85 -6.48
C ASN A 295 5.89 34.22 -6.78
N ASN A 296 6.48 33.58 -7.80
CA ASN A 296 7.87 33.85 -8.15
C ASN A 296 8.08 35.28 -8.62
N TYR A 297 7.02 35.97 -9.04
CA TYR A 297 7.11 37.34 -9.54
C TYR A 297 6.70 38.37 -8.50
N HIS A 298 5.51 38.22 -7.90
CA HIS A 298 5.10 39.17 -6.87
C HIS A 298 5.95 39.01 -5.62
N LEU A 299 6.21 37.77 -5.22
CA LEU A 299 7.24 37.49 -4.23
C LEU A 299 8.57 37.23 -4.91
N ARG A 300 8.93 38.15 -5.80
CA ARG A 300 10.23 38.08 -6.47
C ARG A 300 11.36 38.18 -5.46
N LYS A 301 11.22 39.07 -4.47
CA LYS A 301 12.20 39.13 -3.40
C LYS A 301 12.26 37.81 -2.65
N LEU A 302 11.10 37.22 -2.35
CA LEU A 302 11.09 35.91 -1.68
C LEU A 302 11.77 34.86 -2.52
N ALA A 303 11.38 34.74 -3.79
CA ALA A 303 11.96 33.72 -4.65
C ALA A 303 13.47 33.88 -4.72
N SER A 304 13.94 35.08 -5.04
CA SER A 304 15.37 35.30 -5.21
C SER A 304 16.12 35.05 -3.90
N ALA A 305 15.61 35.58 -2.79
CA ALA A 305 16.29 35.40 -1.51
C ALA A 305 16.30 33.93 -1.08
N PHE A 306 15.31 33.15 -1.53
CA PHE A 306 15.38 31.71 -1.28
C PHE A 306 16.45 31.06 -2.13
N MET A 307 16.48 31.39 -3.42
CA MET A 307 17.52 30.84 -4.28
C MET A 307 18.90 31.26 -3.79
N ASN A 308 19.07 32.53 -3.45
CA ASN A 308 20.28 32.97 -2.80
C ASN A 308 20.29 32.48 -1.35
N GLY A 309 21.35 32.84 -0.63
CA GLY A 309 21.38 32.60 0.79
C GLY A 309 20.76 33.71 1.60
N TYR A 310 20.10 34.66 0.94
CA TYR A 310 19.65 35.89 1.58
C TYR A 310 18.44 35.68 2.47
N LEU A 311 17.70 34.59 2.30
CA LEU A 311 16.53 34.35 3.13
C LEU A 311 16.96 33.85 4.51
N ARG A 312 16.43 34.47 5.56
CA ARG A 312 16.76 34.11 6.94
C ARG A 312 15.49 33.78 7.70
N PHE A 313 15.66 33.08 8.83
CA PHE A 313 14.53 32.52 9.55
C PHE A 313 14.60 32.92 11.02
N ASP A 314 13.49 32.68 11.72
CA ASP A 314 13.34 33.07 13.12
C ASP A 314 13.04 31.89 14.04
N ASN A 315 12.10 31.03 13.69
CA ASN A 315 11.64 29.98 14.58
C ASN A 315 11.58 28.65 13.85
N GLN A 316 11.78 27.56 14.61
CA GLN A 316 11.87 26.23 14.02
C GLN A 316 10.55 25.81 13.39
N VAL A 317 9.42 26.09 14.06
CA VAL A 317 8.12 25.75 13.47
C VAL A 317 7.91 26.53 12.18
N ILE A 318 8.26 27.82 12.19
CA ILE A 318 8.19 28.61 10.97
C ILE A 318 9.10 28.02 9.90
N ARG A 319 10.29 27.56 10.31
CA ARG A 319 11.20 26.97 9.35
C ARG A 319 10.60 25.74 8.70
N ASN A 320 9.99 24.86 9.50
CA ASN A 320 9.43 23.63 8.96
C ASN A 320 8.26 23.93 8.04
N ILE A 321 7.33 24.78 8.48
CA ILE A 321 6.16 25.05 7.65
C ILE A 321 6.57 25.78 6.39
N ALA A 322 7.58 26.65 6.47
CA ALA A 322 8.02 27.37 5.29
C ALA A 322 8.74 26.48 4.31
N TYR A 323 9.56 25.52 4.78
CA TYR A 323 10.15 24.56 3.85
C TYR A 323 9.10 23.67 3.22
N GLU A 324 8.08 23.28 3.98
CA GLU A 324 7.00 22.52 3.37
C GLU A 324 6.27 23.34 2.31
N LEU A 325 6.05 24.63 2.59
CA LEU A 325 5.47 25.51 1.58
C LEU A 325 6.38 25.60 0.35
N PHE A 326 7.69 25.69 0.59
CA PHE A 326 8.65 25.75 -0.52
C PHE A 326 8.63 24.47 -1.33
N ARG A 327 8.23 23.36 -0.72
CA ARG A 327 8.01 22.14 -1.48
C ARG A 327 6.69 22.20 -2.24
N LYS A 328 5.68 22.87 -1.67
CA LYS A 328 4.38 22.94 -2.33
C LYS A 328 4.39 23.87 -3.53
N MET A 329 5.17 24.95 -3.49
CA MET A 329 5.08 25.99 -4.50
C MET A 329 5.57 25.54 -5.87
N ARG A 330 6.19 24.37 -5.96
CA ARG A 330 6.71 23.85 -7.22
C ARG A 330 7.79 24.75 -7.80
N SER B 4 40.20 -26.71 1.06
CA SER B 4 39.36 -27.81 1.51
C SER B 4 37.93 -27.64 0.99
N LEU B 5 36.98 -28.31 1.66
CA LEU B 5 35.60 -28.25 1.21
C LEU B 5 34.89 -26.99 1.70
N PHE B 6 34.74 -26.86 3.01
CA PHE B 6 34.00 -25.76 3.62
C PHE B 6 34.91 -25.06 4.60
N TYR B 7 35.47 -23.93 4.19
CA TYR B 7 36.43 -23.24 5.03
C TYR B 7 35.80 -22.79 6.35
N ASN B 8 36.57 -22.91 7.42
CA ASN B 8 36.15 -22.47 8.74
C ASN B 8 36.83 -21.16 9.10
N PRO B 9 36.10 -20.19 9.60
CA PRO B 9 36.62 -18.81 9.62
C PRO B 9 37.56 -18.47 10.77
N GLN B 10 38.17 -19.45 11.43
CA GLN B 10 38.98 -19.13 12.61
C GLN B 10 40.19 -18.26 12.25
N LYS B 11 40.81 -18.54 11.09
CA LYS B 11 41.92 -17.70 10.64
C LYS B 11 41.44 -16.27 10.42
N MET B 12 40.23 -16.10 9.89
CA MET B 12 39.64 -14.78 9.78
C MET B 12 39.44 -14.14 11.13
N LEU B 13 38.98 -14.91 12.12
CA LEU B 13 38.70 -14.40 13.45
C LEU B 13 39.99 -14.06 14.20
N SER B 14 41.12 -14.56 13.73
CA SER B 14 42.39 -14.36 14.44
C SER B 14 42.64 -12.88 14.75
N TYR B 15 42.37 -11.99 13.78
CA TYR B 15 42.69 -10.58 13.99
C TYR B 15 41.84 -9.93 15.08
N ASP B 16 40.63 -10.44 15.31
CA ASP B 16 39.77 -10.08 16.43
C ASP B 16 39.15 -8.68 16.33
N ARG B 17 39.17 -8.05 15.16
CA ARG B 17 38.36 -6.85 14.99
C ARG B 17 36.88 -7.23 14.96
N ILE B 18 36.03 -6.35 15.48
CA ILE B 18 34.64 -6.75 15.70
C ILE B 18 33.91 -6.91 14.37
N LEU B 19 34.17 -6.03 13.41
CA LEU B 19 33.45 -6.05 12.14
C LEU B 19 34.07 -7.07 11.19
N ASN B 20 33.26 -8.02 10.74
CA ASN B 20 33.72 -9.07 9.85
C ASN B 20 33.02 -8.89 8.51
N PHE B 21 33.62 -8.13 7.60
CA PHE B 21 33.03 -7.86 6.30
C PHE B 21 33.45 -8.95 5.32
N VAL B 22 32.66 -10.02 5.25
CA VAL B 22 32.80 -11.04 4.22
C VAL B 22 31.70 -10.80 3.19
N ILE B 23 32.06 -10.84 1.92
CA ILE B 23 31.23 -10.37 0.83
C ILE B 23 31.02 -11.48 -0.18
N GLY B 24 29.81 -11.55 -0.74
CA GLY B 24 29.53 -12.52 -1.79
C GLY B 24 29.60 -13.93 -1.24
N ALA B 25 30.43 -14.76 -1.88
CA ALA B 25 30.68 -16.13 -1.44
C ALA B 25 29.38 -16.93 -1.37
N ARG B 26 28.76 -17.11 -2.53
CA ARG B 26 27.55 -17.91 -2.60
C ARG B 26 27.93 -19.37 -2.42
N GLY B 27 27.55 -19.96 -1.28
CA GLY B 27 27.74 -21.37 -1.06
C GLY B 27 29.08 -21.77 -0.49
N ILE B 28 29.77 -20.89 0.23
CA ILE B 28 31.05 -21.27 0.81
C ILE B 28 30.87 -21.93 2.17
N GLY B 29 29.68 -21.90 2.73
CA GLY B 29 29.49 -22.44 4.05
C GLY B 29 29.77 -21.47 5.17
N LYS B 30 29.91 -20.17 4.88
CA LYS B 30 29.92 -19.21 5.98
C LYS B 30 28.61 -19.25 6.74
N SER B 31 27.50 -19.52 6.05
CA SER B 31 26.22 -19.61 6.73
C SER B 31 26.27 -20.66 7.83
N TYR B 32 26.68 -21.88 7.48
CA TYR B 32 26.63 -22.94 8.45
C TYR B 32 27.81 -22.87 9.41
N ALA B 33 28.91 -22.24 9.00
CA ALA B 33 30.00 -21.98 9.93
C ALA B 33 29.58 -21.01 11.03
N MET B 34 28.86 -19.95 10.66
CA MET B 34 28.34 -19.00 11.63
C MET B 34 27.14 -19.57 12.38
N LYS B 35 26.54 -20.64 11.86
CA LYS B 35 25.61 -21.40 12.69
C LYS B 35 26.35 -22.20 13.76
N VAL B 36 27.42 -22.89 13.36
CA VAL B 36 28.12 -23.82 14.24
C VAL B 36 28.90 -23.10 15.32
N TYR B 37 29.59 -22.02 14.95
CA TYR B 37 30.55 -21.35 15.84
C TYR B 37 29.94 -20.95 17.18
N PRO B 38 28.80 -20.26 17.23
CA PRO B 38 28.22 -19.93 18.54
C PRO B 38 27.80 -21.16 19.32
N ILE B 39 27.40 -22.23 18.63
CA ILE B 39 27.09 -23.47 19.33
C ILE B 39 28.34 -24.02 20.01
N ASN B 40 29.47 -24.02 19.31
CA ASN B 40 30.73 -24.44 19.91
C ASN B 40 31.10 -23.56 21.09
N ARG B 41 30.91 -22.24 20.95
CA ARG B 41 31.25 -21.32 22.03
C ARG B 41 30.41 -21.59 23.26
N PHE B 42 29.10 -21.76 23.08
CA PHE B 42 28.24 -22.05 24.22
C PHE B 42 28.60 -23.38 24.85
N ILE B 43 28.94 -24.39 24.03
CA ILE B 43 29.27 -25.70 24.57
C ILE B 43 30.54 -25.64 25.41
N LYS B 44 31.59 -25.01 24.88
CA LYS B 44 32.88 -25.09 25.55
C LYS B 44 33.06 -24.04 26.63
N TYR B 45 32.36 -22.92 26.55
CA TYR B 45 32.54 -21.86 27.54
C TYR B 45 31.24 -21.46 28.23
N GLY B 46 30.13 -21.43 27.51
CA GLY B 46 28.87 -20.97 28.08
C GLY B 46 28.47 -19.57 27.65
N GLU B 47 28.59 -19.26 26.37
CA GLU B 47 28.21 -17.96 25.82
C GLU B 47 26.92 -18.09 25.03
N GLN B 48 25.95 -17.23 25.32
CA GLN B 48 24.67 -17.26 24.64
C GLN B 48 24.80 -16.76 23.20
N PHE B 49 23.83 -17.15 22.37
CA PHE B 49 23.86 -16.81 20.94
C PHE B 49 22.47 -16.37 20.50
N ILE B 50 22.44 -15.54 19.45
CA ILE B 50 21.20 -14.98 18.94
C ILE B 50 21.30 -14.87 17.43
N TYR B 51 20.36 -15.49 16.72
CA TYR B 51 20.36 -15.42 15.26
C TYR B 51 19.64 -14.17 14.81
N VAL B 52 20.37 -13.25 14.19
CA VAL B 52 19.90 -11.89 13.93
C VAL B 52 19.51 -11.78 12.46
N ARG B 53 18.26 -11.40 12.22
CA ARG B 53 17.77 -11.03 10.91
C ARG B 53 17.27 -9.60 10.97
N ARG B 54 16.62 -9.16 9.89
CA ARG B 54 16.22 -7.77 9.75
C ARG B 54 14.75 -7.53 10.05
N TYR B 55 13.90 -8.54 9.92
CA TYR B 55 12.46 -8.33 9.96
C TYR B 55 11.80 -9.33 10.91
N LYS B 56 10.57 -9.01 11.30
CA LYS B 56 9.73 -9.89 12.11
C LYS B 56 9.02 -11.01 11.34
N PRO B 57 8.47 -10.78 10.14
CA PRO B 57 7.47 -11.74 9.61
C PRO B 57 8.01 -13.16 9.44
N GLU B 58 9.32 -13.34 9.36
CA GLU B 58 9.87 -14.69 9.17
C GLU B 58 9.87 -15.42 10.51
N LEU B 59 8.94 -16.36 10.66
CA LEU B 59 8.91 -17.30 11.77
C LEU B 59 9.31 -18.71 11.37
N ALA B 60 9.24 -19.04 10.08
CA ALA B 60 9.61 -20.38 9.62
C ALA B 60 11.07 -20.69 9.86
N LYS B 61 11.90 -19.68 10.15
CA LYS B 61 13.33 -19.87 10.37
C LYS B 61 13.63 -20.50 11.75
N VAL B 62 12.57 -21.02 12.35
CA VAL B 62 12.73 -21.95 13.47
C VAL B 62 13.49 -23.19 13.04
N SER B 63 13.19 -23.72 11.84
CA SER B 63 13.76 -24.96 11.37
C SER B 63 14.74 -24.80 10.22
N ASN B 64 14.71 -23.66 9.53
CA ASN B 64 15.62 -23.44 8.41
C ASN B 64 17.02 -23.08 8.87
N TYR B 65 17.19 -22.66 10.13
CA TYR B 65 18.52 -22.32 10.63
C TYR B 65 19.22 -23.52 11.24
N PHE B 66 18.49 -24.34 11.98
CA PHE B 66 19.12 -25.20 12.96
C PHE B 66 19.16 -26.66 12.55
N ASN B 67 18.28 -27.08 11.65
CA ASN B 67 18.27 -28.47 11.20
C ASN B 67 19.52 -28.81 10.41
N ASP B 68 19.86 -27.99 9.41
CA ASP B 68 20.95 -28.30 8.50
C ASP B 68 22.29 -28.42 9.22
N VAL B 69 22.41 -27.85 10.42
CA VAL B 69 23.64 -27.92 11.19
C VAL B 69 23.48 -28.78 12.43
N ALA B 70 22.28 -29.34 12.66
CA ALA B 70 22.07 -30.15 13.85
C ALA B 70 22.89 -31.44 13.79
N GLN B 71 22.95 -32.09 12.62
CA GLN B 71 23.53 -33.41 12.51
C GLN B 71 25.05 -33.41 12.54
N GLU B 72 25.69 -32.34 12.06
CA GLU B 72 27.15 -32.34 11.94
C GLU B 72 27.82 -32.50 13.30
N PHE B 73 27.17 -32.06 14.37
CA PHE B 73 27.71 -32.29 15.70
C PHE B 73 27.54 -33.76 16.06
N PRO B 74 28.61 -34.47 16.38
CA PRO B 74 28.51 -35.92 16.53
C PRO B 74 27.84 -36.39 17.82
N ASP B 75 28.20 -35.79 18.95
CA ASP B 75 27.89 -36.37 20.26
C ASP B 75 27.37 -35.29 21.21
N HIS B 76 26.40 -34.51 20.77
CA HIS B 76 25.78 -33.54 21.66
C HIS B 76 24.31 -33.38 21.30
N GLU B 77 23.54 -32.90 22.29
CA GLU B 77 22.09 -32.85 22.21
C GLU B 77 21.62 -31.44 21.84
N LEU B 78 20.60 -31.36 20.98
CA LEU B 78 20.04 -30.10 20.53
C LEU B 78 18.53 -30.18 20.55
N VAL B 79 17.89 -29.05 20.87
CA VAL B 79 16.43 -28.98 20.97
C VAL B 79 15.96 -27.69 20.32
N VAL B 80 14.95 -27.81 19.45
CA VAL B 80 14.34 -26.66 18.78
C VAL B 80 12.97 -26.43 19.41
N LYS B 81 12.78 -25.27 20.02
CA LYS B 81 11.57 -24.88 20.73
C LYS B 81 11.08 -23.54 20.18
N GLY B 82 10.92 -23.48 18.87
CA GLY B 82 10.48 -22.24 18.26
C GLY B 82 11.55 -21.18 18.41
N ARG B 83 11.17 -20.05 19.00
CA ARG B 83 12.14 -19.00 19.27
C ARG B 83 13.18 -19.42 20.29
N ARG B 84 13.12 -20.64 20.79
CA ARG B 84 14.07 -21.13 21.79
C ARG B 84 15.02 -22.14 21.14
N PHE B 85 16.30 -22.03 21.46
CA PHE B 85 17.30 -22.98 21.00
C PHE B 85 18.01 -23.54 22.22
N TYR B 86 18.09 -24.87 22.30
CA TYR B 86 18.71 -25.55 23.42
C TYR B 86 19.88 -26.38 22.91
N ILE B 87 21.01 -26.27 23.61
CA ILE B 87 22.19 -27.11 23.36
C ILE B 87 22.44 -27.91 24.61
N ASP B 88 22.39 -29.25 24.50
CA ASP B 88 22.63 -30.14 25.63
C ASP B 88 21.77 -29.77 26.84
N GLY B 89 20.50 -29.44 26.56
CA GLY B 89 19.60 -29.04 27.63
C GLY B 89 19.99 -27.73 28.28
N LYS B 90 20.49 -26.77 27.51
CA LYS B 90 20.78 -25.43 28.01
C LYS B 90 20.23 -24.44 26.99
N LEU B 91 19.34 -23.55 27.46
CA LEU B 91 18.62 -22.63 26.59
C LEU B 91 19.48 -21.39 26.34
N ALA B 92 19.92 -21.19 25.10
CA ALA B 92 20.82 -20.07 24.84
C ALA B 92 20.60 -19.34 23.52
N GLY B 93 19.58 -19.68 22.74
CA GLY B 93 19.45 -19.16 21.39
C GLY B 93 18.05 -18.74 21.02
N TRP B 94 17.95 -17.60 20.34
CA TRP B 94 16.69 -16.99 19.98
C TRP B 94 16.88 -16.16 18.71
N ALA B 95 15.76 -15.88 18.04
CA ALA B 95 15.77 -15.07 16.81
C ALA B 95 15.59 -13.60 17.16
N ILE B 96 16.25 -12.73 16.39
CA ILE B 96 16.32 -11.31 16.68
C ILE B 96 15.91 -10.53 15.44
N PRO B 97 14.77 -9.84 15.48
CA PRO B 97 14.38 -9.00 14.33
C PRO B 97 14.90 -7.57 14.50
N LEU B 98 15.30 -6.96 13.38
CA LEU B 98 15.75 -5.57 13.38
C LEU B 98 14.62 -4.56 13.15
N SER B 99 13.71 -4.84 12.23
CA SER B 99 12.57 -3.96 12.02
C SER B 99 11.82 -3.74 13.32
N VAL B 100 11.60 -4.81 14.09
CA VAL B 100 11.07 -4.69 15.43
C VAL B 100 12.22 -4.36 16.36
N TRP B 101 12.38 -3.08 16.68
CA TRP B 101 13.43 -2.67 17.59
C TRP B 101 12.92 -2.59 19.03
N GLN B 102 11.62 -2.32 19.18
CA GLN B 102 11.07 -1.99 20.50
C GLN B 102 11.16 -3.16 21.45
N SER B 103 10.84 -4.36 20.98
CA SER B 103 10.98 -5.54 21.83
C SER B 103 12.43 -5.73 22.27
N GLU B 104 13.38 -5.28 21.45
CA GLU B 104 14.79 -5.29 21.85
C GLU B 104 15.02 -4.42 23.08
N LYS B 105 14.38 -3.26 23.13
CA LYS B 105 14.68 -2.29 24.19
C LYS B 105 14.01 -2.69 25.50
N SER B 106 13.12 -3.68 25.47
CA SER B 106 12.61 -4.26 26.71
C SER B 106 13.40 -5.49 27.12
N ASN B 107 13.77 -6.32 26.15
CA ASN B 107 14.45 -7.56 26.45
C ASN B 107 15.81 -7.30 27.08
N ALA B 108 16.10 -8.03 28.16
CA ALA B 108 17.44 -8.01 28.72
C ALA B 108 18.41 -8.68 27.75
N TYR B 109 19.62 -8.15 27.67
CA TYR B 109 20.55 -8.65 26.68
C TYR B 109 21.15 -9.98 27.14
N PRO B 110 21.06 -11.03 26.34
CA PRO B 110 21.85 -12.24 26.59
C PRO B 110 23.31 -11.97 26.26
N ASN B 111 24.20 -12.54 27.06
CA ASN B 111 25.64 -12.35 26.85
C ASN B 111 26.06 -13.14 25.62
N VAL B 112 26.18 -12.44 24.49
CA VAL B 112 26.55 -13.05 23.21
C VAL B 112 27.88 -12.48 22.78
N SER B 113 28.85 -13.37 22.54
CA SER B 113 30.18 -12.93 22.15
C SER B 113 30.19 -12.29 20.78
N THR B 114 29.52 -12.91 19.80
CA THR B 114 29.51 -12.43 18.43
C THR B 114 28.09 -12.44 17.90
N ILE B 115 27.67 -11.32 17.31
CA ILE B 115 26.42 -11.26 16.58
C ILE B 115 26.59 -11.91 15.22
N VAL B 116 25.56 -12.60 14.76
CA VAL B 116 25.63 -13.45 13.57
C VAL B 116 24.67 -12.91 12.52
N PHE B 117 25.18 -12.74 11.29
CA PHE B 117 24.40 -12.13 10.23
C PHE B 117 25.02 -12.39 8.87
N ASP B 118 24.33 -13.15 8.01
CA ASP B 118 24.68 -13.12 6.59
C ASP B 118 23.42 -12.75 5.83
N GLU B 119 23.49 -12.85 4.49
CA GLU B 119 22.55 -12.18 3.57
C GLU B 119 22.46 -10.69 3.89
N PHE B 120 23.61 -10.05 4.12
CA PHE B 120 23.62 -8.67 4.57
C PHE B 120 23.10 -7.72 3.50
N ILE B 121 23.48 -7.92 2.25
CA ILE B 121 23.17 -6.95 1.21
C ILE B 121 21.74 -7.16 0.71
N ARG B 122 21.11 -6.08 0.30
CA ARG B 122 19.84 -6.12 -0.41
C ARG B 122 20.14 -5.91 -1.89
N GLU B 123 19.69 -6.84 -2.73
CA GLU B 123 19.88 -6.74 -4.17
C GLU B 123 18.52 -6.54 -4.83
N LYS B 124 18.27 -5.31 -5.29
CA LYS B 124 17.06 -4.99 -6.02
C LYS B 124 15.81 -5.27 -5.19
N ASP B 125 15.90 -4.98 -3.90
CA ASP B 125 14.72 -5.05 -3.06
C ASP B 125 13.75 -3.93 -3.42
N ASN B 126 12.59 -3.92 -2.76
CA ASN B 126 11.63 -2.84 -2.95
C ASN B 126 12.14 -1.52 -2.37
N SER B 127 13.35 -1.52 -1.78
CA SER B 127 14.04 -0.40 -1.15
C SER B 127 13.48 -0.03 0.22
N ASN B 128 12.47 -0.76 0.71
CA ASN B 128 11.98 -0.55 2.07
C ASN B 128 12.85 -1.35 3.04
N TYR B 129 14.06 -0.87 3.22
CA TYR B 129 14.96 -1.38 4.24
C TYR B 129 14.71 -0.62 5.54
N ILE B 130 15.57 -0.81 6.53
CA ILE B 130 15.39 -0.13 7.81
C ILE B 130 15.96 1.28 7.73
N PRO B 131 15.16 2.31 7.92
CA PRO B 131 15.72 3.67 8.03
C PRO B 131 16.56 3.77 9.29
N ASN B 132 17.52 4.70 9.26
CA ASN B 132 18.50 4.87 10.33
C ASN B 132 19.30 3.57 10.53
N GLU B 133 19.60 2.96 9.39
CA GLU B 133 20.18 1.62 9.32
C GLU B 133 21.51 1.51 10.06
N VAL B 134 22.51 2.31 9.66
CA VAL B 134 23.77 2.33 10.39
C VAL B 134 23.52 2.78 11.82
N SER B 135 22.62 3.74 12.00
CA SER B 135 22.25 4.16 13.35
C SER B 135 21.57 3.02 14.10
N ALA B 136 20.82 2.18 13.39
CA ALA B 136 20.20 1.02 14.04
C ALA B 136 21.26 0.06 14.54
N LEU B 137 22.27 -0.24 13.72
CA LEU B 137 23.31 -1.15 14.15
C LEU B 137 24.09 -0.57 15.33
N LEU B 138 24.39 0.74 15.28
CA LEU B 138 25.05 1.40 16.39
C LEU B 138 24.22 1.31 17.66
N ASN B 139 22.91 1.55 17.55
CA ASN B 139 22.04 1.49 18.71
C ASN B 139 22.01 0.09 19.30
N LEU B 140 21.98 -0.93 18.44
CA LEU B 140 22.03 -2.31 18.95
C LEU B 140 23.33 -2.57 19.68
N MET B 141 24.46 -2.16 19.09
CA MET B 141 25.75 -2.41 19.71
C MET B 141 25.85 -1.72 21.06
N ASP B 142 25.34 -0.50 21.16
CA ASP B 142 25.32 0.17 22.45
C ASP B 142 24.36 -0.54 23.41
N THR B 143 23.23 -1.01 22.91
CA THR B 143 22.22 -1.62 23.78
C THR B 143 22.75 -2.88 24.43
N VAL B 144 23.30 -3.79 23.64
CA VAL B 144 23.85 -5.01 24.21
C VAL B 144 25.27 -4.77 24.66
N PHE B 145 25.59 -5.28 25.85
CA PHE B 145 26.91 -5.12 26.47
C PHE B 145 27.29 -3.65 26.58
N ARG B 146 26.47 -2.91 27.34
CA ARG B 146 26.76 -1.52 27.62
C ARG B 146 28.04 -1.35 28.42
N ASN B 147 28.53 -2.42 29.02
CA ASN B 147 29.82 -2.41 29.68
C ASN B 147 30.94 -2.37 28.63
N ARG B 148 32.18 -2.47 29.10
CA ARG B 148 33.33 -2.40 28.21
C ARG B 148 33.82 -3.76 27.76
N GLU B 149 33.11 -4.83 28.09
CA GLU B 149 33.40 -6.14 27.51
C GLU B 149 33.24 -6.07 26.00
N ARG B 150 34.16 -6.72 25.29
CA ARG B 150 34.20 -6.59 23.84
C ARG B 150 33.27 -7.60 23.18
N VAL B 151 32.63 -7.16 22.09
CA VAL B 151 31.67 -7.98 21.35
C VAL B 151 32.00 -7.87 19.87
N ARG B 152 31.94 -9.00 19.18
CA ARG B 152 32.26 -9.11 17.76
C ARG B 152 30.99 -9.24 16.93
N CYS B 153 31.13 -9.03 15.62
CA CYS B 153 30.00 -9.18 14.71
C CYS B 153 30.46 -9.76 13.39
N ILE B 154 29.68 -10.67 12.84
CA ILE B 154 29.96 -11.26 11.54
C ILE B 154 28.78 -10.96 10.61
N CYS B 155 29.10 -10.39 9.44
CA CYS B 155 28.11 -9.98 8.47
C CYS B 155 28.59 -10.34 7.07
N LEU B 156 27.72 -11.02 6.33
CA LEU B 156 28.02 -11.54 5.00
C LEU B 156 26.96 -11.11 4.00
N SER B 157 27.41 -10.72 2.81
CA SER B 157 26.53 -10.30 1.72
C SER B 157 26.47 -11.41 0.67
N ASN B 158 25.31 -11.51 0.02
CA ASN B 158 25.10 -12.56 -0.99
C ASN B 158 26.00 -12.35 -2.21
N ALA B 159 26.10 -11.12 -2.68
CA ALA B 159 26.83 -10.80 -3.90
C ALA B 159 27.73 -9.59 -3.64
N VAL B 160 28.71 -9.40 -4.51
CA VAL B 160 29.73 -8.36 -4.32
C VAL B 160 29.13 -7.05 -4.79
N SER B 161 28.46 -6.36 -3.88
CA SER B 161 28.06 -4.97 -4.07
C SER B 161 29.14 -4.11 -3.45
N VAL B 162 29.88 -3.39 -4.30
CA VAL B 162 31.09 -2.70 -3.84
C VAL B 162 30.75 -1.66 -2.78
N VAL B 163 29.62 -0.99 -2.92
CA VAL B 163 29.21 0.05 -1.98
C VAL B 163 27.82 -0.30 -1.44
N ASN B 164 27.70 -0.28 -0.11
CA ASN B 164 26.45 -0.50 0.60
C ASN B 164 26.38 0.51 1.74
N PRO B 165 25.18 0.76 2.28
CA PRO B 165 25.03 1.88 3.23
C PRO B 165 26.02 1.87 4.37
N TYR B 166 26.29 0.72 4.98
CA TYR B 166 27.26 0.67 6.07
C TYR B 166 28.68 0.81 5.55
N PHE B 167 29.00 0.09 4.48
CA PHE B 167 30.33 0.14 3.88
C PHE B 167 30.67 1.57 3.47
N LEU B 168 29.74 2.23 2.81
CA LEU B 168 29.89 3.63 2.47
C LEU B 168 29.97 4.48 3.74
N PHE B 169 29.14 4.15 4.72
CA PHE B 169 29.00 4.98 5.91
C PHE B 169 30.32 5.09 6.67
N PHE B 170 31.02 3.98 6.84
CA PHE B 170 32.27 3.98 7.58
C PHE B 170 33.49 4.11 6.66
N ASN B 171 33.27 4.62 5.43
CA ASN B 171 34.34 4.96 4.48
C ASN B 171 35.34 3.83 4.30
N LEU B 172 34.85 2.59 4.29
CA LEU B 172 35.69 1.47 3.93
C LEU B 172 35.90 1.45 2.42
N VAL B 173 36.92 0.71 1.98
CA VAL B 173 37.25 0.60 0.57
C VAL B 173 37.59 -0.86 0.28
N PRO B 174 37.16 -1.41 -0.87
CA PRO B 174 37.45 -2.81 -1.16
C PRO B 174 38.70 -3.02 -1.98
N ASP B 175 39.23 -4.25 -1.97
CA ASP B 175 40.47 -4.58 -2.66
C ASP B 175 40.46 -6.09 -2.91
N VAL B 176 40.16 -6.48 -4.15
CA VAL B 176 40.09 -7.91 -4.48
C VAL B 176 41.46 -8.56 -4.35
N ASN B 177 42.53 -7.81 -4.65
CA ASN B 177 43.86 -8.40 -4.72
C ASN B 177 44.31 -8.94 -3.36
N LYS B 178 44.05 -8.20 -2.29
CA LYS B 178 44.42 -8.60 -0.94
C LYS B 178 43.18 -9.11 -0.23
N ARG B 179 43.16 -10.40 0.10
CA ARG B 179 41.94 -11.04 0.58
C ARG B 179 41.43 -10.37 1.85
N PHE B 180 42.28 -10.23 2.85
CA PHE B 180 41.89 -9.57 4.09
C PHE B 180 42.31 -8.11 4.05
N ASN B 181 41.67 -7.31 4.89
CA ASN B 181 41.97 -5.89 5.01
C ASN B 181 41.77 -5.49 6.46
N VAL B 182 42.69 -4.69 6.99
CA VAL B 182 42.65 -4.30 8.38
C VAL B 182 42.83 -2.79 8.46
N TYR B 183 42.05 -2.16 9.33
CA TYR B 183 42.15 -0.75 9.65
C TYR B 183 42.38 -0.61 11.14
N ASP B 184 42.28 0.64 11.63
CA ASP B 184 42.41 0.87 13.07
C ASP B 184 41.37 0.06 13.85
N ASP B 185 40.15 -0.02 13.34
CA ASP B 185 39.07 -0.70 14.06
C ASP B 185 38.17 -1.50 13.13
N ALA B 186 38.69 -1.96 11.99
CA ALA B 186 37.84 -2.61 11.00
C ALA B 186 38.56 -3.78 10.37
N LEU B 187 37.79 -4.82 10.03
CA LEU B 187 38.29 -6.00 9.34
C LEU B 187 37.39 -6.30 8.15
N ILE B 188 38.01 -6.46 6.97
CA ILE B 188 37.32 -6.74 5.72
C ILE B 188 37.89 -8.05 5.18
N GLU B 189 37.07 -8.80 4.44
CA GLU B 189 37.58 -10.03 3.85
C GLU B 189 36.83 -10.34 2.56
N ILE B 190 37.52 -11.04 1.66
CA ILE B 190 37.02 -11.35 0.32
C ILE B 190 37.17 -12.85 0.09
N PRO B 191 36.26 -13.51 -0.62
CA PRO B 191 36.43 -14.94 -0.91
C PRO B 191 37.55 -15.19 -1.89
N ASP B 192 38.07 -16.42 -1.83
CA ASP B 192 39.11 -16.84 -2.75
C ASP B 192 38.53 -17.10 -4.14
N SER B 193 39.42 -17.27 -5.11
CA SER B 193 39.03 -17.65 -6.46
C SER B 193 39.21 -19.14 -6.72
N LEU B 194 40.08 -19.82 -5.97
CA LEU B 194 40.30 -21.24 -6.19
C LEU B 194 39.04 -22.05 -5.89
N ASP B 195 38.39 -21.76 -4.78
CA ASP B 195 37.15 -22.48 -4.43
C ASP B 195 36.05 -22.18 -5.43
N PHE B 196 35.94 -20.92 -5.87
CA PHE B 196 34.94 -20.60 -6.88
C PHE B 196 35.21 -21.33 -8.19
N SER B 197 36.48 -21.42 -8.60
CA SER B 197 36.82 -22.19 -9.79
C SER B 197 36.46 -23.66 -9.60
N SER B 198 36.74 -24.21 -8.41
CA SER B 198 36.41 -25.60 -8.15
C SER B 198 34.91 -25.84 -8.22
N GLU B 199 34.12 -24.94 -7.63
CA GLU B 199 32.67 -25.08 -7.67
C GLU B 199 32.13 -24.88 -9.08
N ARG B 200 32.74 -24.00 -9.87
CA ARG B 200 32.31 -23.81 -11.25
C ARG B 200 32.55 -25.07 -12.08
N ARG B 201 33.71 -25.71 -11.91
CA ARG B 201 33.93 -26.99 -12.56
C ARG B 201 32.96 -28.04 -12.05
N LYS B 202 32.64 -28.00 -10.76
CA LYS B 202 31.67 -28.94 -10.22
C LYS B 202 30.31 -28.80 -10.90
N THR B 203 29.86 -27.55 -11.07
CA THR B 203 28.57 -27.33 -11.75
C THR B 203 28.63 -27.75 -13.20
N ARG B 204 29.71 -27.39 -13.90
CA ARG B 204 29.78 -27.69 -15.33
C ARG B 204 29.85 -29.19 -15.59
N PHE B 205 30.70 -29.91 -14.84
CA PHE B 205 30.80 -31.35 -15.02
C PHE B 205 29.55 -32.05 -14.50
N GLY B 206 28.96 -31.53 -13.43
CA GLY B 206 27.77 -32.15 -12.89
C GLY B 206 26.61 -32.15 -13.87
N ARG B 207 26.07 -30.98 -14.17
CA ARG B 207 25.00 -30.89 -15.14
C ARG B 207 25.36 -29.84 -16.18
N LEU B 208 24.90 -30.04 -17.41
CA LEU B 208 25.18 -29.08 -18.45
C LEU B 208 24.27 -27.87 -18.38
N ILE B 209 23.19 -27.93 -17.58
CA ILE B 209 22.36 -26.75 -17.38
C ILE B 209 23.16 -25.64 -16.70
N ASP B 210 23.82 -25.96 -15.58
CA ASP B 210 24.66 -24.99 -14.92
C ASP B 210 26.05 -24.92 -15.55
N GLY B 211 26.44 -25.91 -16.34
CA GLY B 211 27.62 -25.75 -17.17
C GLY B 211 27.46 -24.65 -18.19
N THR B 212 26.29 -24.59 -18.84
CA THR B 212 26.01 -23.50 -19.77
C THR B 212 25.69 -22.21 -19.01
N GLU B 213 25.03 -22.31 -17.87
CA GLU B 213 24.74 -21.14 -17.05
C GLU B 213 26.00 -20.51 -16.48
N TYR B 214 27.11 -21.26 -16.40
CA TYR B 214 28.35 -20.70 -15.90
C TYR B 214 28.86 -19.58 -16.79
N GLY B 215 28.72 -19.74 -18.10
CA GLY B 215 29.09 -18.70 -19.03
C GLY B 215 28.16 -17.50 -19.03
N GLU B 216 27.07 -17.56 -18.27
CA GLU B 216 26.13 -16.45 -18.20
C GLU B 216 26.59 -15.44 -17.15
N MET B 217 26.05 -14.22 -17.27
CA MET B 217 26.46 -13.13 -16.42
C MET B 217 26.08 -13.37 -14.97
N SER B 218 24.88 -13.90 -14.74
CA SER B 218 24.35 -13.97 -13.38
C SER B 218 25.20 -14.87 -12.49
N LEU B 219 25.62 -16.03 -13.00
CA LEU B 219 26.46 -16.90 -12.20
C LEU B 219 27.80 -16.25 -11.90
N ASP B 220 28.39 -15.55 -12.87
CA ASP B 220 29.57 -14.75 -12.59
C ASP B 220 29.30 -13.80 -11.43
N ASN B 221 28.13 -13.18 -11.42
CA ASN B 221 27.77 -12.25 -10.35
C ASN B 221 27.64 -13.00 -9.02
N GLN B 222 27.25 -14.27 -9.06
CA GLN B 222 27.09 -15.02 -7.81
C GLN B 222 28.44 -15.29 -7.15
N PHE B 223 29.52 -15.35 -7.94
CA PHE B 223 30.86 -15.57 -7.39
C PHE B 223 31.67 -14.29 -7.32
N ILE B 224 31.85 -13.62 -8.46
CA ILE B 224 32.70 -12.43 -8.51
C ILE B 224 31.93 -11.17 -8.16
N GLY B 225 30.60 -11.18 -8.30
CA GLY B 225 29.82 -10.04 -7.90
C GLY B 225 29.99 -8.83 -8.80
N ASP B 226 29.48 -8.92 -10.01
CA ASP B 226 29.57 -7.82 -10.96
C ASP B 226 28.87 -6.57 -10.40
N SER B 227 29.57 -5.45 -10.44
CA SER B 227 29.05 -4.18 -9.97
C SER B 227 29.29 -3.09 -11.01
N GLN B 228 29.08 -1.84 -10.63
CA GLN B 228 29.24 -0.71 -11.53
C GLN B 228 30.68 -0.24 -11.67
N VAL B 229 31.66 -1.07 -11.28
CA VAL B 229 33.05 -0.67 -11.40
C VAL B 229 33.50 -0.62 -12.86
N PHE B 230 32.76 -1.27 -13.76
CA PHE B 230 33.23 -1.43 -15.13
C PHE B 230 33.37 -0.07 -15.82
N ILE B 231 32.44 0.84 -15.56
CA ILE B 231 32.52 2.16 -16.19
C ILE B 231 33.84 2.83 -15.80
N GLU B 232 34.30 3.74 -16.68
CA GLU B 232 35.62 4.34 -16.56
C GLU B 232 35.81 5.02 -15.20
N LYS B 233 37.01 4.86 -14.65
CA LYS B 233 37.29 5.33 -13.29
C LYS B 233 38.75 5.78 -13.20
N ARG B 234 39.00 7.06 -13.41
CA ARG B 234 40.32 7.65 -13.22
C ARG B 234 40.17 9.08 -12.71
N SER B 235 41.25 9.60 -12.15
CA SER B 235 41.34 11.02 -11.85
C SER B 235 42.61 11.57 -12.46
N LYS B 236 42.78 12.89 -12.39
CA LYS B 236 43.94 13.54 -12.96
C LYS B 236 44.20 14.84 -12.22
N ASP B 237 45.38 15.41 -12.45
CA ASP B 237 45.87 16.57 -11.71
C ASP B 237 45.67 17.87 -12.50
N SER B 238 44.54 17.98 -13.19
CA SER B 238 44.26 19.15 -14.01
C SER B 238 43.85 20.33 -13.13
N LYS B 239 43.35 21.39 -13.75
CA LYS B 239 42.91 22.57 -13.03
C LYS B 239 41.45 22.43 -12.60
N PHE B 240 41.12 23.07 -11.49
CA PHE B 240 39.79 22.97 -10.89
C PHE B 240 38.83 23.95 -11.55
N VAL B 241 37.57 23.55 -11.67
CA VAL B 241 36.60 24.39 -12.35
C VAL B 241 35.36 24.67 -11.52
N PHE B 242 34.72 23.65 -10.95
CA PHE B 242 33.37 23.86 -10.41
C PHE B 242 33.13 22.95 -9.22
N SER B 243 32.03 23.19 -8.49
CA SER B 243 31.77 22.43 -7.28
C SER B 243 30.29 22.41 -6.95
N ILE B 244 29.80 21.25 -6.50
CA ILE B 244 28.42 21.08 -6.05
C ILE B 244 28.43 20.34 -4.72
N VAL B 245 27.29 20.39 -4.03
CA VAL B 245 27.06 19.60 -2.83
C VAL B 245 25.71 18.90 -3.00
N TYR B 246 25.68 17.59 -2.75
CA TYR B 246 24.48 16.79 -2.93
C TYR B 246 24.31 15.89 -1.71
N ASN B 247 23.29 16.20 -0.90
CA ASN B 247 22.82 15.42 0.25
C ASN B 247 23.92 14.69 1.01
N GLY B 248 25.03 15.38 1.30
CA GLY B 248 26.08 14.83 2.12
C GLY B 248 27.45 14.86 1.49
N PHE B 249 27.56 14.78 0.17
CA PHE B 249 28.86 14.75 -0.50
C PHE B 249 29.12 16.06 -1.21
N THR B 250 30.33 16.60 -1.00
CA THR B 250 30.74 17.88 -1.58
C THR B 250 31.61 17.60 -2.80
N LEU B 251 30.93 17.35 -3.93
CA LEU B 251 31.62 17.03 -5.16
C LEU B 251 32.39 18.25 -5.66
N GLY B 252 33.63 18.03 -6.08
CA GLY B 252 34.43 19.06 -6.71
C GLY B 252 34.97 18.58 -8.03
N VAL B 253 34.70 19.31 -9.11
CA VAL B 253 34.97 18.85 -10.47
C VAL B 253 36.08 19.70 -11.07
N TRP B 254 37.06 19.03 -11.67
CA TRP B 254 38.19 19.60 -12.37
C TRP B 254 37.98 19.48 -13.88
N VAL B 255 38.75 20.27 -14.63
CA VAL B 255 38.70 20.24 -16.09
C VAL B 255 40.13 20.25 -16.62
N ASP B 256 40.37 19.49 -17.68
CA ASP B 256 41.67 19.48 -18.35
C ASP B 256 41.51 19.97 -19.78
N VAL B 257 42.19 21.07 -20.10
CA VAL B 257 42.18 21.58 -21.47
C VAL B 257 42.91 20.62 -22.40
N ASN B 258 43.97 19.98 -21.92
CA ASN B 258 44.60 18.92 -22.71
C ASN B 258 43.60 17.78 -22.86
N GLN B 259 43.10 17.62 -24.08
CA GLN B 259 41.98 16.75 -24.43
C GLN B 259 40.67 17.34 -23.91
N GLY B 260 40.78 18.38 -23.07
CA GLY B 260 39.62 19.14 -22.64
C GLY B 260 38.53 18.36 -21.95
N LEU B 261 38.85 17.23 -21.33
CA LEU B 261 37.81 16.48 -20.65
C LEU B 261 37.53 17.05 -19.26
N MET B 262 36.62 16.41 -18.55
CA MET B 262 36.22 16.84 -17.23
C MET B 262 36.32 15.66 -16.28
N TYR B 263 36.86 15.89 -15.09
CA TYR B 263 37.08 14.85 -14.10
C TYR B 263 36.35 15.21 -12.82
N ILE B 264 35.83 14.18 -12.13
CA ILE B 264 35.05 14.36 -10.92
C ILE B 264 35.77 13.67 -9.77
N ASP B 265 36.06 14.44 -8.72
CA ASP B 265 36.76 13.94 -7.55
C ASP B 265 36.03 14.42 -6.29
N THR B 266 36.14 13.62 -5.23
CA THR B 266 35.58 14.04 -3.95
C THR B 266 36.35 15.22 -3.35
N ALA B 267 37.56 15.49 -3.86
CA ALA B 267 38.31 16.64 -3.38
C ALA B 267 37.57 17.93 -3.74
N HIS B 268 37.51 18.84 -2.77
CA HIS B 268 36.74 20.06 -2.92
C HIS B 268 37.68 21.25 -2.76
N ASP B 269 37.53 22.24 -3.62
CA ASP B 269 38.30 23.47 -3.51
C ASP B 269 37.59 24.40 -2.53
N PRO B 270 38.20 24.76 -1.41
CA PRO B 270 37.59 25.76 -0.54
C PRO B 270 37.62 27.12 -1.22
N SER B 271 36.46 27.53 -1.73
CA SER B 271 36.40 28.71 -2.57
C SER B 271 34.98 29.25 -2.55
N THR B 272 34.87 30.58 -2.58
CA THR B 272 33.61 31.27 -2.50
C THR B 272 32.82 31.21 -3.80
N LYS B 273 33.32 30.47 -4.79
CA LYS B 273 32.59 30.36 -6.04
C LYS B 273 31.25 29.68 -5.82
N ASN B 274 30.27 30.05 -6.62
CA ASN B 274 28.93 29.51 -6.49
C ASN B 274 28.94 27.98 -6.52
N VAL B 275 28.22 27.39 -5.57
CA VAL B 275 28.11 25.94 -5.45
C VAL B 275 26.66 25.56 -5.65
N TYR B 276 26.40 24.74 -6.66
CA TYR B 276 25.04 24.39 -7.04
C TYR B 276 24.53 23.26 -6.15
N THR B 277 23.48 23.52 -5.39
CA THR B 277 22.86 22.53 -4.53
C THR B 277 21.54 22.10 -5.15
N LEU B 278 21.35 20.79 -5.32
CA LEU B 278 20.14 20.31 -5.96
C LEU B 278 18.94 20.37 -5.02
N THR B 279 19.17 20.23 -3.72
CA THR B 279 18.11 20.28 -2.72
C THR B 279 18.55 21.18 -1.56
N THR B 280 17.58 21.92 -1.02
CA THR B 280 17.87 22.88 0.04
C THR B 280 18.37 22.23 1.32
N ASP B 281 18.39 20.91 1.40
CA ASP B 281 18.92 20.24 2.58
C ASP B 281 20.39 20.57 2.77
N ASP B 282 21.06 21.01 1.71
CA ASP B 282 22.41 21.52 1.81
C ASP B 282 22.48 23.04 1.69
N LEU B 283 21.35 23.74 1.70
CA LEU B 283 21.39 25.19 1.61
C LEU B 283 21.99 25.79 2.86
N ASN B 284 22.80 26.83 2.67
CA ASN B 284 23.37 27.62 3.75
C ASN B 284 23.56 29.04 3.23
N GLU B 285 24.44 29.79 3.90
CA GLU B 285 24.66 31.17 3.49
C GLU B 285 25.25 31.25 2.10
N ASN B 286 26.25 30.40 1.81
CA ASN B 286 27.08 30.62 0.62
C ASN B 286 26.69 29.70 -0.54
N MET B 287 26.16 28.51 -0.27
CA MET B 287 25.63 27.72 -1.36
C MET B 287 24.44 28.39 -2.03
N MET B 288 23.96 27.77 -3.10
CA MET B 288 22.99 28.35 -4.02
C MET B 288 22.01 27.26 -4.45
N LEU B 289 20.73 27.60 -4.52
CA LEU B 289 19.75 26.66 -5.03
C LEU B 289 19.49 26.91 -6.51
N ILE B 290 19.44 25.84 -7.29
CA ILE B 290 19.22 25.93 -8.73
C ILE B 290 18.26 24.81 -9.13
N THR B 291 17.48 25.08 -10.18
CA THR B 291 16.46 24.16 -10.66
C THR B 291 16.93 23.55 -11.97
N ASN B 292 16.10 22.66 -12.53
CA ASN B 292 16.52 21.77 -13.61
C ASN B 292 16.95 22.50 -14.87
N TYR B 293 16.53 23.75 -15.08
CA TYR B 293 16.88 24.42 -16.33
C TYR B 293 18.27 25.05 -16.28
N LYS B 294 18.46 26.02 -15.39
CA LYS B 294 19.65 26.84 -15.45
C LYS B 294 20.89 26.08 -14.98
N ASN B 295 20.71 25.05 -14.14
CA ASN B 295 21.82 24.15 -13.87
C ASN B 295 22.25 23.42 -15.13
N ASN B 296 21.28 22.96 -15.92
CA ASN B 296 21.61 22.37 -17.21
C ASN B 296 22.23 23.40 -18.14
N TYR B 297 21.76 24.65 -18.12
CA TYR B 297 22.28 25.65 -19.04
C TYR B 297 23.71 26.06 -18.68
N HIS B 298 24.03 26.17 -17.39
CA HIS B 298 25.36 26.56 -16.98
C HIS B 298 26.31 25.38 -16.79
N LEU B 299 25.81 24.15 -16.80
CA LEU B 299 26.64 22.96 -16.79
C LEU B 299 26.41 22.10 -18.02
N ARG B 300 25.97 22.74 -19.10
CA ARG B 300 25.97 22.06 -20.38
C ARG B 300 27.35 21.52 -20.72
N LYS B 301 28.39 22.20 -20.24
CA LYS B 301 29.73 21.64 -20.34
C LYS B 301 29.77 20.24 -19.75
N LEU B 302 29.31 20.10 -18.50
CA LEU B 302 29.31 18.81 -17.83
C LEU B 302 28.39 17.81 -18.53
N ALA B 303 27.21 18.25 -18.93
CA ALA B 303 26.25 17.33 -19.53
C ALA B 303 26.74 16.80 -20.87
N SER B 304 27.16 17.70 -21.76
CA SER B 304 27.69 17.29 -23.05
C SER B 304 28.97 16.48 -22.90
N ALA B 305 29.76 16.77 -21.86
CA ALA B 305 30.92 15.94 -21.59
C ALA B 305 30.53 14.56 -21.10
N PHE B 306 29.41 14.45 -20.39
CA PHE B 306 28.97 13.15 -19.92
C PHE B 306 28.42 12.30 -21.04
N MET B 307 27.59 12.86 -21.90
CA MET B 307 27.08 12.07 -23.02
C MET B 307 28.22 11.66 -23.94
N ASN B 308 29.16 12.57 -24.19
CA ASN B 308 30.38 12.19 -24.89
C ASN B 308 31.27 11.41 -23.94
N GLY B 309 32.45 11.02 -24.43
CA GLY B 309 33.37 10.27 -23.59
C GLY B 309 34.27 11.18 -22.79
N TYR B 310 33.70 12.16 -22.11
CA TYR B 310 34.47 13.23 -21.49
C TYR B 310 34.24 13.31 -19.98
N LEU B 311 34.14 12.16 -19.30
CA LEU B 311 34.19 12.12 -17.85
C LEU B 311 34.92 10.88 -17.38
N ARG B 312 35.76 11.05 -16.36
CA ARG B 312 36.43 9.95 -15.70
C ARG B 312 36.43 10.20 -14.21
N PHE B 313 35.96 9.22 -13.44
CA PHE B 313 35.65 9.38 -12.04
C PHE B 313 36.80 8.88 -11.18
N ASP B 314 37.07 9.60 -10.08
CA ASP B 314 38.18 9.22 -9.22
C ASP B 314 37.88 7.95 -8.42
N ASN B 315 36.66 7.80 -7.92
CA ASN B 315 36.34 6.72 -7.00
C ASN B 315 35.04 6.06 -7.40
N GLN B 316 34.87 4.82 -6.92
CA GLN B 316 33.66 4.07 -7.22
C GLN B 316 32.43 4.75 -6.63
N VAL B 317 32.51 5.16 -5.36
CA VAL B 317 31.39 5.86 -4.75
C VAL B 317 31.15 7.20 -5.45
N ILE B 318 32.22 7.82 -5.97
CA ILE B 318 32.04 9.03 -6.75
C ILE B 318 31.21 8.75 -7.99
N ARG B 319 31.52 7.65 -8.68
CA ARG B 319 30.72 7.27 -9.84
C ARG B 319 29.27 7.04 -9.44
N ASN B 320 29.07 6.35 -8.32
CA ASN B 320 27.71 6.02 -7.88
C ASN B 320 26.90 7.28 -7.62
N ILE B 321 27.44 8.19 -6.80
CA ILE B 321 26.69 9.40 -6.45
C ILE B 321 26.52 10.29 -7.67
N ALA B 322 27.53 10.39 -8.52
CA ALA B 322 27.40 11.20 -9.73
C ALA B 322 26.29 10.67 -10.62
N TYR B 323 26.25 9.36 -10.83
CA TYR B 323 25.21 8.78 -11.67
C TYR B 323 23.83 8.96 -11.05
N GLU B 324 23.72 8.77 -9.74
CA GLU B 324 22.43 8.94 -9.10
C GLU B 324 21.95 10.38 -9.21
N LEU B 325 22.86 11.33 -9.02
CA LEU B 325 22.50 12.74 -9.19
C LEU B 325 22.07 13.02 -10.62
N PHE B 326 22.79 12.48 -11.59
CA PHE B 326 22.41 12.71 -12.99
C PHE B 326 21.04 12.13 -13.26
N ARG B 327 20.73 10.97 -12.67
CA ARG B 327 19.39 10.43 -12.79
C ARG B 327 18.36 11.36 -12.19
N LYS B 328 18.67 11.95 -11.03
CA LYS B 328 17.76 12.92 -10.44
C LYS B 328 17.50 14.08 -11.38
N MET B 329 18.57 14.65 -11.94
CA MET B 329 18.41 15.70 -12.92
C MET B 329 17.81 15.15 -14.22
N ARG B 330 18.34 14.01 -14.67
CA ARG B 330 17.95 13.39 -15.93
C ARG B 330 17.96 14.38 -17.09
N SER C 4 -3.56 -39.27 -26.05
CA SER C 4 -4.97 -39.21 -25.66
C SER C 4 -5.29 -37.87 -25.04
N LEU C 5 -6.46 -37.77 -24.41
CA LEU C 5 -6.89 -36.50 -23.81
C LEU C 5 -5.96 -36.10 -22.68
N PHE C 6 -5.53 -37.05 -21.88
CA PHE C 6 -4.60 -36.75 -20.78
C PHE C 6 -3.28 -36.23 -21.32
N TYR C 7 -2.62 -35.38 -20.53
CA TYR C 7 -1.30 -34.87 -20.88
C TYR C 7 -0.24 -35.92 -20.52
N ASN C 8 0.52 -36.34 -21.53
CA ASN C 8 1.50 -37.41 -21.37
C ASN C 8 2.94 -36.89 -21.40
N PRO C 9 3.68 -37.05 -20.31
CA PRO C 9 5.05 -36.53 -20.21
C PRO C 9 6.15 -37.51 -20.62
N GLN C 10 5.82 -38.62 -21.30
CA GLN C 10 6.84 -39.62 -21.61
C GLN C 10 7.93 -39.05 -22.49
N LYS C 11 7.57 -38.58 -23.68
CA LYS C 11 8.57 -37.95 -24.54
C LYS C 11 9.14 -36.70 -23.90
N MET C 12 8.41 -36.08 -22.97
CA MET C 12 8.94 -34.90 -22.29
C MET C 12 10.15 -35.28 -21.43
N LEU C 13 10.05 -36.40 -20.71
CA LEU C 13 11.19 -36.91 -19.95
C LEU C 13 12.17 -37.70 -20.81
N SER C 14 11.81 -38.00 -22.07
CA SER C 14 12.70 -38.77 -22.94
C SER C 14 14.10 -38.19 -22.99
N TYR C 15 14.22 -36.86 -23.00
CA TYR C 15 15.51 -36.23 -22.90
C TYR C 15 15.90 -35.94 -21.45
N ASP C 16 14.93 -35.59 -20.62
CA ASP C 16 15.13 -35.38 -19.19
C ASP C 16 16.26 -34.38 -18.92
N ARG C 17 16.03 -33.14 -19.35
CA ARG C 17 16.90 -32.03 -18.99
C ARG C 17 16.23 -31.19 -17.92
N ILE C 18 17.04 -30.46 -17.16
CA ILE C 18 16.54 -29.82 -15.95
C ILE C 18 15.61 -28.66 -16.29
N LEU C 19 15.96 -27.87 -17.31
CA LEU C 19 15.13 -26.74 -17.73
C LEU C 19 14.11 -27.25 -18.73
N ASN C 20 12.91 -27.53 -18.23
CA ASN C 20 11.82 -28.06 -19.05
C ASN C 20 10.73 -27.00 -19.17
N PHE C 21 10.88 -26.12 -20.16
CA PHE C 21 9.86 -25.14 -20.48
C PHE C 21 8.73 -25.87 -21.19
N VAL C 22 7.62 -26.08 -20.47
CA VAL C 22 6.50 -26.80 -21.05
C VAL C 22 5.43 -25.79 -21.47
N ILE C 23 5.02 -25.85 -22.74
CA ILE C 23 4.19 -24.81 -23.34
C ILE C 23 2.98 -25.46 -24.01
N GLY C 24 1.89 -24.69 -24.09
CA GLY C 24 0.72 -25.11 -24.83
C GLY C 24 -0.29 -25.82 -23.94
N ALA C 25 -1.45 -26.09 -24.52
CA ALA C 25 -2.52 -26.83 -23.84
C ALA C 25 -2.94 -26.14 -22.55
N ARG C 26 -3.53 -24.95 -22.71
CA ARG C 26 -3.98 -24.16 -21.56
C ARG C 26 -4.93 -24.96 -20.67
N GLY C 27 -4.49 -25.20 -19.43
CA GLY C 27 -5.34 -25.84 -18.44
C GLY C 27 -5.85 -27.20 -18.83
N ILE C 28 -4.98 -28.08 -19.32
CA ILE C 28 -5.39 -29.41 -19.76
C ILE C 28 -4.87 -30.48 -18.79
N GLY C 29 -4.68 -30.15 -17.53
CA GLY C 29 -4.30 -31.16 -16.56
C GLY C 29 -2.83 -31.52 -16.62
N LYS C 30 -2.04 -30.72 -17.33
CA LYS C 30 -0.59 -30.91 -17.29
C LYS C 30 -0.05 -30.68 -15.89
N SER C 31 -0.62 -29.72 -15.18
CA SER C 31 -0.17 -29.43 -13.82
C SER C 31 -0.57 -30.56 -12.88
N TYR C 32 -1.73 -31.18 -13.10
CA TYR C 32 -2.11 -32.36 -12.33
C TYR C 32 -1.17 -33.54 -12.63
N ALA C 33 -0.84 -33.74 -13.91
CA ALA C 33 0.11 -34.78 -14.29
C ALA C 33 1.45 -34.54 -13.61
N MET C 34 1.84 -33.27 -13.46
CA MET C 34 2.97 -32.95 -12.60
C MET C 34 2.71 -33.43 -11.18
N LYS C 35 1.58 -33.03 -10.59
CA LYS C 35 1.31 -33.31 -9.18
C LYS C 35 1.41 -34.81 -8.89
N VAL C 36 1.11 -35.64 -9.88
CA VAL C 36 1.23 -37.08 -9.67
C VAL C 36 2.70 -37.48 -9.55
N TYR C 37 3.62 -36.64 -10.03
CA TYR C 37 5.02 -37.03 -10.10
C TYR C 37 5.76 -36.97 -8.76
N PRO C 38 5.77 -35.85 -8.02
CA PRO C 38 6.57 -35.81 -6.79
C PRO C 38 6.08 -36.81 -5.75
N ILE C 39 4.83 -37.25 -5.84
CA ILE C 39 4.37 -38.33 -4.99
C ILE C 39 5.14 -39.60 -5.31
N ASN C 40 5.19 -39.96 -6.60
CA ASN C 40 5.94 -41.13 -7.05
C ASN C 40 7.41 -41.03 -6.69
N ARG C 41 7.95 -39.82 -6.59
CA ARG C 41 9.35 -39.68 -6.19
C ARG C 41 9.55 -39.79 -4.69
N PHE C 42 8.80 -39.02 -3.90
CA PHE C 42 8.98 -39.02 -2.46
C PHE C 42 8.65 -40.37 -1.84
N ILE C 43 7.48 -40.92 -2.14
CA ILE C 43 7.01 -42.09 -1.42
C ILE C 43 7.98 -43.25 -1.60
N LYS C 44 8.42 -43.46 -2.83
CA LYS C 44 9.34 -44.55 -3.12
C LYS C 44 10.79 -44.19 -2.83
N TYR C 45 11.10 -42.90 -2.66
CA TYR C 45 12.50 -42.51 -2.51
C TYR C 45 12.78 -41.50 -1.42
N GLY C 46 11.79 -40.78 -0.91
CA GLY C 46 12.03 -39.80 0.14
C GLY C 46 12.48 -38.43 -0.33
N GLU C 47 12.63 -38.22 -1.64
CA GLU C 47 13.01 -36.90 -2.13
C GLU C 47 11.88 -35.90 -1.93
N GLN C 48 12.26 -34.64 -1.73
CA GLN C 48 11.33 -33.59 -1.38
C GLN C 48 11.12 -32.64 -2.55
N PHE C 49 9.90 -32.17 -2.72
CA PHE C 49 9.50 -31.36 -3.86
C PHE C 49 9.31 -29.90 -3.49
N ILE C 50 9.33 -29.05 -4.52
CA ILE C 50 9.26 -27.60 -4.36
C ILE C 50 8.13 -27.08 -5.25
N TYR C 51 7.23 -26.30 -4.66
CA TYR C 51 6.18 -25.60 -5.39
C TYR C 51 6.52 -24.11 -5.45
N VAL C 52 6.35 -23.54 -6.63
CA VAL C 52 6.80 -22.18 -6.91
C VAL C 52 5.68 -21.40 -7.58
N ARG C 53 5.39 -20.23 -7.02
CA ARG C 53 4.42 -19.30 -7.62
C ARG C 53 4.73 -17.90 -7.10
N ARG C 54 4.36 -16.91 -7.91
CA ARG C 54 4.76 -15.52 -7.68
C ARG C 54 4.31 -14.95 -6.34
N TYR C 55 3.02 -15.04 -6.02
CA TYR C 55 2.42 -14.10 -5.09
C TYR C 55 1.70 -14.78 -3.93
N LYS C 56 1.42 -13.95 -2.92
CA LYS C 56 0.95 -14.43 -1.63
C LYS C 56 -0.37 -15.19 -1.65
N PRO C 57 -1.41 -14.80 -2.40
CA PRO C 57 -2.64 -15.61 -2.39
C PRO C 57 -2.39 -17.06 -2.79
N GLU C 58 -1.46 -17.30 -3.69
CA GLU C 58 -1.10 -18.66 -4.08
C GLU C 58 -0.19 -19.35 -3.08
N LEU C 59 0.39 -18.58 -2.14
CA LEU C 59 1.05 -19.18 -0.98
C LEU C 59 0.04 -19.70 0.03
N ALA C 60 -1.03 -18.94 0.26
CA ALA C 60 -1.96 -19.28 1.34
C ALA C 60 -2.81 -20.49 1.00
N LYS C 61 -3.35 -20.55 -0.21
CA LYS C 61 -4.31 -21.57 -0.60
C LYS C 61 -3.66 -22.75 -1.32
N VAL C 62 -2.39 -23.06 -0.99
CA VAL C 62 -1.74 -24.21 -1.58
C VAL C 62 -2.27 -25.53 -1.03
N SER C 63 -2.86 -25.51 0.17
CA SER C 63 -3.45 -26.73 0.72
C SER C 63 -4.57 -27.24 -0.17
N ASN C 64 -5.42 -26.34 -0.66
CA ASN C 64 -6.51 -26.75 -1.55
C ASN C 64 -5.96 -27.35 -2.83
N TYR C 65 -4.88 -26.75 -3.36
CA TYR C 65 -4.21 -27.32 -4.52
C TYR C 65 -3.61 -28.68 -4.19
N PHE C 66 -3.33 -28.91 -2.91
CA PHE C 66 -2.98 -30.26 -2.44
C PHE C 66 -4.22 -31.05 -2.06
N ASN C 67 -5.31 -30.36 -1.72
CA ASN C 67 -6.54 -31.05 -1.33
C ASN C 67 -7.12 -31.83 -2.51
N ASP C 68 -7.01 -31.28 -3.72
CA ASP C 68 -7.48 -31.99 -4.90
C ASP C 68 -6.60 -33.21 -5.18
N VAL C 69 -5.47 -33.32 -4.47
CA VAL C 69 -4.63 -34.51 -4.56
C VAL C 69 -5.08 -35.60 -3.61
N ALA C 70 -5.92 -35.27 -2.62
CA ALA C 70 -6.35 -36.22 -1.59
C ALA C 70 -7.15 -37.39 -2.13
N GLN C 71 -7.42 -37.43 -3.44
CA GLN C 71 -8.10 -38.57 -4.04
C GLN C 71 -7.16 -39.50 -4.78
N GLU C 72 -5.95 -39.03 -5.11
CA GLU C 72 -5.09 -39.79 -6.03
C GLU C 72 -4.45 -40.99 -5.33
N PHE C 73 -3.93 -40.79 -4.12
CA PHE C 73 -3.21 -41.85 -3.39
C PHE C 73 -3.93 -42.12 -2.08
N PRO C 74 -4.83 -43.11 -2.07
CA PRO C 74 -5.69 -43.31 -0.88
C PRO C 74 -4.95 -43.82 0.34
N ASP C 75 -4.08 -44.82 0.17
CA ASP C 75 -3.46 -45.47 1.33
C ASP C 75 -2.59 -44.49 2.11
N HIS C 76 -1.86 -43.64 1.40
CA HIS C 76 -0.98 -42.69 2.06
C HIS C 76 -1.77 -41.52 2.64
N GLU C 77 -1.21 -40.89 3.67
CA GLU C 77 -1.84 -39.76 4.34
C GLU C 77 -1.27 -38.46 3.77
N LEU C 78 -2.15 -37.61 3.25
CA LEU C 78 -1.75 -36.38 2.57
C LEU C 78 -2.42 -35.20 3.27
N VAL C 79 -1.69 -34.54 4.16
CA VAL C 79 -2.22 -33.45 4.98
C VAL C 79 -1.30 -32.24 4.88
N VAL C 80 -1.89 -31.06 4.77
CA VAL C 80 -1.12 -29.82 4.70
C VAL C 80 -1.14 -29.17 6.07
N LYS C 81 0.01 -29.13 6.71
CA LYS C 81 0.15 -28.49 8.02
C LYS C 81 0.88 -27.17 7.84
N GLY C 82 0.27 -26.09 8.35
CA GLY C 82 0.74 -24.77 7.98
C GLY C 82 0.69 -24.63 6.48
N ARG C 83 1.81 -24.25 5.89
CA ARG C 83 1.99 -24.22 4.44
C ARG C 83 3.01 -25.26 4.00
N ARG C 84 2.92 -26.46 4.56
CA ARG C 84 3.82 -27.55 4.21
C ARG C 84 3.03 -28.81 3.93
N PHE C 85 3.54 -29.62 3.01
CA PHE C 85 2.90 -30.85 2.57
C PHE C 85 3.46 -32.03 3.37
N TYR C 86 2.57 -32.86 3.91
CA TYR C 86 2.94 -34.06 4.62
C TYR C 86 2.32 -35.24 3.90
N ILE C 87 3.17 -36.12 3.38
CA ILE C 87 2.74 -37.36 2.74
C ILE C 87 3.19 -38.51 3.61
N ASP C 88 2.26 -39.43 3.89
CA ASP C 88 2.51 -40.57 4.77
C ASP C 88 3.03 -40.10 6.13
N GLY C 89 2.52 -38.96 6.58
CA GLY C 89 2.94 -38.42 7.86
C GLY C 89 4.37 -37.92 7.90
N LYS C 90 4.96 -37.59 6.75
CA LYS C 90 6.31 -37.06 6.72
C LYS C 90 6.38 -35.86 5.78
N LEU C 91 7.29 -34.94 6.09
CA LEU C 91 7.43 -33.71 5.32
C LEU C 91 7.94 -34.04 3.92
N ALA C 92 7.12 -33.76 2.90
CA ALA C 92 7.45 -34.16 1.54
C ALA C 92 7.76 -32.99 0.61
N GLY C 93 7.31 -31.79 0.92
CA GLY C 93 7.58 -30.68 0.02
C GLY C 93 7.35 -29.35 0.70
N TRP C 94 7.80 -28.30 0.03
CA TRP C 94 7.58 -26.94 0.49
C TRP C 94 7.10 -26.08 -0.68
N ALA C 95 6.20 -25.16 -0.38
CA ALA C 95 5.76 -24.16 -1.33
C ALA C 95 6.39 -22.82 -0.93
N ILE C 96 7.18 -22.24 -1.84
CA ILE C 96 7.93 -21.03 -1.56
C ILE C 96 7.63 -19.99 -2.63
N PRO C 97 7.11 -18.82 -2.27
CA PRO C 97 6.94 -17.75 -3.26
C PRO C 97 8.28 -17.11 -3.60
N LEU C 98 8.28 -16.35 -4.69
CA LEU C 98 9.52 -15.76 -5.21
C LEU C 98 9.84 -14.44 -4.52
N SER C 99 8.85 -13.53 -4.48
CA SER C 99 9.09 -12.16 -4.04
C SER C 99 9.75 -12.11 -2.68
N VAL C 100 9.40 -13.04 -1.79
CA VAL C 100 10.17 -13.25 -0.57
C VAL C 100 11.26 -14.24 -0.94
N TRP C 101 12.33 -13.71 -1.51
CA TRP C 101 13.36 -14.52 -2.16
C TRP C 101 14.70 -14.48 -1.42
N GLN C 102 15.27 -13.29 -1.20
CA GLN C 102 16.62 -13.21 -0.64
C GLN C 102 16.74 -13.99 0.66
N SER C 103 15.84 -13.71 1.61
CA SER C 103 15.89 -14.39 2.90
C SER C 103 15.73 -15.89 2.73
N GLU C 104 14.90 -16.32 1.79
CA GLU C 104 14.63 -17.73 1.57
C GLU C 104 15.77 -18.44 0.86
N LYS C 105 16.79 -17.70 0.43
CA LYS C 105 17.97 -18.36 -0.15
C LYS C 105 18.66 -19.26 0.87
N SER C 106 18.55 -18.95 2.16
CA SER C 106 19.15 -19.74 3.21
C SER C 106 18.24 -20.86 3.70
N ASN C 107 17.28 -21.29 2.89
CA ASN C 107 16.39 -22.37 3.28
C ASN C 107 17.13 -23.70 3.26
N ALA C 108 16.56 -24.69 3.95
CA ALA C 108 17.14 -26.02 3.97
C ALA C 108 16.94 -26.73 2.64
N TYR C 109 18.01 -27.33 2.13
CA TYR C 109 17.94 -28.24 0.98
C TYR C 109 18.75 -29.49 1.31
N PRO C 110 18.30 -30.29 2.29
CA PRO C 110 18.97 -31.58 2.50
C PRO C 110 18.87 -32.47 1.28
N ASN C 111 17.75 -32.43 0.58
CA ASN C 111 17.57 -33.09 -0.70
C ASN C 111 16.39 -32.45 -1.41
N VAL C 112 16.53 -32.25 -2.71
CA VAL C 112 15.51 -31.59 -3.52
C VAL C 112 15.31 -32.41 -4.79
N SER C 113 14.03 -32.59 -5.16
CA SER C 113 13.68 -33.39 -6.33
C SER C 113 13.32 -32.53 -7.53
N THR C 114 12.30 -31.68 -7.38
CA THR C 114 11.81 -30.89 -8.51
C THR C 114 11.22 -29.58 -8.01
N ILE C 115 11.57 -28.51 -8.71
CA ILE C 115 11.10 -27.16 -8.42
C ILE C 115 10.12 -26.79 -9.51
N VAL C 116 8.83 -26.83 -9.22
CA VAL C 116 7.79 -26.72 -10.24
C VAL C 116 7.13 -25.35 -10.15
N PHE C 117 6.91 -24.72 -11.29
CA PHE C 117 6.38 -23.36 -11.39
C PHE C 117 5.44 -23.28 -12.60
N ASP C 118 4.14 -23.39 -12.36
CA ASP C 118 3.17 -23.14 -13.41
C ASP C 118 3.25 -21.68 -13.86
N GLU C 119 2.71 -21.42 -15.06
CA GLU C 119 2.54 -20.08 -15.62
C GLU C 119 3.81 -19.22 -15.51
N PHE C 120 4.93 -19.74 -15.99
CA PHE C 120 6.15 -18.95 -15.97
C PHE C 120 6.05 -17.76 -16.93
N ILE C 121 5.12 -17.80 -17.86
CA ILE C 121 4.79 -16.65 -18.69
C ILE C 121 3.69 -15.85 -18.00
N ARG C 122 3.76 -14.53 -18.08
CA ARG C 122 2.76 -13.69 -17.43
C ARG C 122 1.49 -13.63 -18.27
N GLU C 123 0.35 -13.64 -17.58
CA GLU C 123 -0.95 -13.76 -18.21
C GLU C 123 -1.61 -12.39 -18.27
N LYS C 124 -1.65 -11.81 -19.47
CA LYS C 124 -2.40 -10.59 -19.79
C LYS C 124 -2.22 -9.49 -18.75
N ASP C 125 -1.01 -9.34 -18.21
CA ASP C 125 -0.78 -8.38 -17.13
C ASP C 125 -0.03 -7.18 -17.66
N ASN C 126 0.34 -6.27 -16.75
CA ASN C 126 1.00 -5.02 -17.10
C ASN C 126 2.38 -5.01 -16.45
N SER C 127 3.36 -5.57 -17.16
CA SER C 127 4.77 -5.52 -16.77
C SER C 127 5.03 -6.11 -15.39
N ASN C 128 4.10 -6.89 -14.85
CA ASN C 128 4.25 -7.43 -13.51
C ASN C 128 5.19 -8.64 -13.53
N TYR C 129 6.43 -8.38 -13.94
CA TYR C 129 7.52 -9.33 -13.84
C TYR C 129 8.47 -8.85 -12.76
N ILE C 130 8.76 -9.73 -11.80
CA ILE C 130 9.77 -9.41 -10.78
C ILE C 130 11.06 -9.13 -11.53
N PRO C 131 11.68 -7.96 -11.34
CA PRO C 131 12.81 -7.58 -12.20
C PRO C 131 13.99 -8.54 -12.07
N ASN C 132 14.50 -8.97 -13.22
CA ASN C 132 15.39 -10.12 -13.30
C ASN C 132 14.88 -11.29 -12.48
N GLU C 133 13.63 -11.67 -12.79
CA GLU C 133 13.07 -12.91 -12.26
C GLU C 133 13.96 -14.09 -12.60
N VAL C 134 14.61 -14.05 -13.78
CA VAL C 134 15.52 -15.12 -14.17
C VAL C 134 16.66 -15.23 -13.15
N SER C 135 17.12 -14.10 -12.62
CA SER C 135 18.16 -14.13 -11.60
C SER C 135 17.69 -14.86 -10.36
N ALA C 136 16.47 -14.57 -9.89
CA ALA C 136 15.95 -15.25 -8.71
C ALA C 136 15.81 -16.74 -8.95
N LEU C 137 15.27 -17.13 -10.12
CA LEU C 137 15.14 -18.55 -10.43
C LEU C 137 16.49 -19.25 -10.45
N LEU C 138 17.47 -18.68 -11.13
CA LEU C 138 18.77 -19.33 -11.21
C LEU C 138 19.47 -19.36 -9.87
N ASN C 139 19.24 -18.36 -9.01
CA ASN C 139 19.72 -18.45 -7.64
C ASN C 139 19.08 -19.63 -6.92
N LEU C 140 17.78 -19.84 -7.15
CA LEU C 140 17.13 -21.01 -6.59
C LEU C 140 17.81 -22.29 -7.03
N MET C 141 17.99 -22.47 -8.35
CA MET C 141 18.66 -23.68 -8.83
C MET C 141 20.06 -23.81 -8.29
N ASP C 142 20.76 -22.69 -8.10
CA ASP C 142 22.09 -22.75 -7.49
C ASP C 142 22.00 -23.30 -6.07
N THR C 143 21.01 -22.84 -5.30
CA THR C 143 20.93 -23.24 -3.90
C THR C 143 20.47 -24.68 -3.77
N VAL C 144 19.67 -25.17 -4.72
CA VAL C 144 19.17 -26.54 -4.66
C VAL C 144 20.20 -27.51 -5.17
N PHE C 145 21.32 -27.00 -5.68
CA PHE C 145 22.25 -27.84 -6.41
C PHE C 145 23.27 -28.52 -5.49
N ARG C 146 23.14 -28.35 -4.17
CA ARG C 146 24.07 -28.98 -3.25
C ARG C 146 23.99 -30.50 -3.31
N ASN C 147 22.78 -31.05 -3.36
CA ASN C 147 22.58 -32.47 -3.62
C ASN C 147 22.43 -32.65 -5.12
N ARG C 148 23.53 -33.01 -5.78
CA ARG C 148 23.52 -33.16 -7.23
C ARG C 148 22.39 -34.05 -7.73
N GLU C 149 22.38 -35.32 -7.31
CA GLU C 149 21.66 -36.35 -8.05
C GLU C 149 20.17 -36.02 -8.17
N ARG C 150 19.66 -36.13 -9.40
CA ARG C 150 18.23 -36.02 -9.69
C ARG C 150 17.64 -34.70 -9.21
N VAL C 151 18.11 -33.61 -9.80
CA VAL C 151 17.53 -32.28 -9.58
C VAL C 151 16.79 -31.88 -10.85
N ARG C 152 15.56 -31.38 -10.69
CA ARG C 152 14.79 -30.90 -11.82
C ARG C 152 14.17 -29.55 -11.48
N CYS C 153 14.04 -28.69 -12.49
CA CYS C 153 13.39 -27.39 -12.34
C CYS C 153 12.35 -27.25 -13.45
N ILE C 154 11.13 -27.69 -13.14
CA ILE C 154 10.06 -27.73 -14.11
C ILE C 154 9.33 -26.40 -14.12
N CYS C 155 9.20 -25.81 -15.31
CA CYS C 155 8.47 -24.57 -15.49
C CYS C 155 7.43 -24.78 -16.59
N LEU C 156 6.17 -24.50 -16.26
CA LEU C 156 5.05 -24.82 -17.14
C LEU C 156 4.24 -23.57 -17.44
N SER C 157 3.80 -23.46 -18.70
CA SER C 157 3.00 -22.34 -19.17
C SER C 157 1.94 -22.87 -20.12
N ASN C 158 1.31 -21.96 -20.88
CA ASN C 158 0.09 -22.33 -21.60
C ASN C 158 0.03 -21.79 -23.02
N ALA C 159 1.06 -21.13 -23.54
CA ALA C 159 0.98 -20.55 -24.87
C ALA C 159 2.37 -20.22 -25.37
N VAL C 160 2.59 -20.44 -26.67
CA VAL C 160 3.88 -20.12 -27.28
C VAL C 160 3.97 -18.61 -27.46
N SER C 161 5.04 -18.02 -26.93
CA SER C 161 5.18 -16.56 -26.96
C SER C 161 6.65 -16.22 -26.82
N VAL C 162 7.22 -15.64 -27.87
CA VAL C 162 8.57 -15.08 -27.80
C VAL C 162 8.48 -13.75 -27.06
N VAL C 163 7.28 -13.37 -26.67
CA VAL C 163 7.07 -12.20 -25.80
C VAL C 163 7.25 -12.72 -24.38
N ASN C 164 8.51 -12.80 -23.97
CA ASN C 164 8.91 -13.47 -22.75
C ASN C 164 10.34 -13.08 -22.41
N PRO C 165 10.61 -12.67 -21.18
CA PRO C 165 12.01 -12.49 -20.76
C PRO C 165 12.83 -13.77 -20.90
N TYR C 166 12.21 -14.95 -20.81
CA TYR C 166 12.99 -16.18 -20.73
C TYR C 166 13.63 -16.53 -22.07
N PHE C 167 12.81 -16.73 -23.10
CA PHE C 167 13.32 -17.14 -24.40
C PHE C 167 14.23 -16.07 -24.98
N LEU C 168 13.85 -14.81 -24.80
CA LEU C 168 14.68 -13.71 -25.28
C LEU C 168 16.01 -13.66 -24.52
N PHE C 169 15.98 -14.00 -23.23
CA PHE C 169 17.19 -13.95 -22.42
C PHE C 169 18.17 -15.05 -22.79
N PHE C 170 17.67 -16.27 -23.01
CA PHE C 170 18.57 -17.35 -23.36
C PHE C 170 18.93 -17.37 -24.84
N ASN C 171 18.39 -16.45 -25.63
CA ASN C 171 18.76 -16.28 -27.03
C ASN C 171 18.46 -17.52 -27.85
N LEU C 172 17.37 -18.21 -27.51
CA LEU C 172 16.96 -19.38 -28.26
C LEU C 172 16.03 -18.99 -29.41
N VAL C 173 16.05 -19.80 -30.46
CA VAL C 173 15.13 -19.63 -31.57
C VAL C 173 14.09 -20.75 -31.51
N PRO C 174 12.86 -20.45 -31.09
CA PRO C 174 11.86 -21.51 -30.97
C PRO C 174 11.37 -21.98 -32.32
N ASP C 175 10.57 -23.04 -32.30
CA ASP C 175 9.90 -23.52 -33.49
C ASP C 175 8.44 -23.84 -33.16
N VAL C 176 7.61 -23.82 -34.19
CA VAL C 176 6.18 -24.07 -34.04
C VAL C 176 5.77 -25.46 -34.52
N ASN C 177 6.67 -26.20 -35.18
CA ASN C 177 6.36 -27.52 -35.70
C ASN C 177 7.24 -28.61 -35.13
N LYS C 178 8.53 -28.33 -34.91
CA LYS C 178 9.40 -29.31 -34.27
C LYS C 178 8.90 -29.57 -32.85
N ARG C 179 8.44 -30.80 -32.61
CA ARG C 179 7.74 -31.11 -31.36
C ARG C 179 8.58 -30.78 -30.14
N PHE C 180 9.90 -30.87 -30.25
CA PHE C 180 10.80 -30.55 -29.14
C PHE C 180 12.00 -29.82 -29.67
N ASN C 181 12.12 -28.54 -29.34
CA ASN C 181 13.33 -27.78 -29.60
C ASN C 181 14.29 -27.99 -28.43
N VAL C 182 15.32 -28.81 -28.64
CA VAL C 182 16.16 -29.27 -27.55
C VAL C 182 17.55 -28.68 -27.72
N TYR C 183 18.22 -28.46 -26.58
CA TYR C 183 19.64 -28.19 -26.57
C TYR C 183 20.30 -29.12 -25.57
N ASP C 184 21.58 -28.89 -25.28
CA ASP C 184 22.27 -29.74 -24.31
C ASP C 184 21.67 -29.64 -22.92
N ASP C 185 20.86 -28.62 -22.64
CA ASP C 185 20.36 -28.37 -21.30
C ASP C 185 18.87 -28.07 -21.20
N ALA C 186 18.21 -27.63 -22.27
CA ALA C 186 16.85 -27.13 -22.15
C ALA C 186 15.96 -27.70 -23.25
N LEU C 187 14.65 -27.60 -23.02
CA LEU C 187 13.63 -28.11 -23.92
C LEU C 187 12.56 -27.03 -24.16
N ILE C 188 12.03 -27.01 -25.38
CA ILE C 188 10.87 -26.20 -25.72
C ILE C 188 9.84 -27.14 -26.33
N GLU C 189 8.69 -27.26 -25.67
CA GLU C 189 7.66 -28.23 -26.06
C GLU C 189 6.41 -27.53 -26.58
N ILE C 190 6.06 -27.83 -27.82
CA ILE C 190 4.72 -27.57 -28.35
C ILE C 190 3.97 -28.90 -28.32
N PRO C 191 2.77 -28.94 -27.75
CA PRO C 191 2.10 -30.23 -27.54
C PRO C 191 1.72 -30.89 -28.85
N ASP C 192 1.17 -32.09 -28.73
CA ASP C 192 0.81 -32.89 -29.89
C ASP C 192 -0.31 -32.22 -30.68
N SER C 193 -0.65 -32.84 -31.81
CA SER C 193 -1.69 -32.35 -32.70
C SER C 193 -3.03 -33.04 -32.51
N LEU C 194 -3.02 -34.37 -32.31
CA LEU C 194 -4.28 -35.10 -32.21
C LEU C 194 -5.07 -34.66 -30.99
N ASP C 195 -4.39 -34.48 -29.85
CA ASP C 195 -5.11 -34.06 -28.65
C ASP C 195 -5.63 -32.65 -28.76
N PHE C 196 -4.98 -31.80 -29.57
CA PHE C 196 -5.56 -30.49 -29.87
C PHE C 196 -6.96 -30.65 -30.45
N SER C 197 -7.09 -31.45 -31.50
CA SER C 197 -8.38 -31.68 -32.11
C SER C 197 -9.34 -32.36 -31.13
N SER C 198 -8.83 -33.32 -30.36
CA SER C 198 -9.69 -34.03 -29.42
C SER C 198 -10.31 -33.07 -28.41
N GLU C 199 -9.48 -32.28 -27.73
CA GLU C 199 -9.99 -31.35 -26.73
C GLU C 199 -10.83 -30.26 -27.37
N ARG C 200 -10.52 -29.87 -28.61
CA ARG C 200 -11.30 -28.82 -29.24
C ARG C 200 -12.70 -29.32 -29.62
N ARG C 201 -12.79 -30.53 -30.19
CA ARG C 201 -14.11 -31.14 -30.36
C ARG C 201 -14.81 -31.35 -29.04
N LYS C 202 -14.06 -31.63 -27.96
CA LYS C 202 -14.69 -31.76 -26.64
C LYS C 202 -15.33 -30.45 -26.23
N THR C 203 -14.60 -29.35 -26.37
CA THR C 203 -15.15 -28.03 -26.09
C THR C 203 -16.39 -27.76 -26.94
N ARG C 204 -16.30 -28.06 -28.24
CA ARG C 204 -17.41 -27.78 -29.14
C ARG C 204 -18.64 -28.59 -28.76
N PHE C 205 -18.46 -29.88 -28.48
CA PHE C 205 -19.60 -30.75 -28.15
C PHE C 205 -20.23 -30.34 -26.83
N GLY C 206 -19.42 -30.02 -25.81
CA GLY C 206 -19.98 -29.64 -24.54
C GLY C 206 -20.88 -28.42 -24.63
N ARG C 207 -20.50 -27.46 -25.46
CA ARG C 207 -21.21 -26.19 -25.56
C ARG C 207 -20.69 -25.45 -26.80
N LEU C 208 -21.57 -24.71 -27.45
CA LEU C 208 -21.23 -24.13 -28.74
C LEU C 208 -20.54 -22.78 -28.63
N ILE C 209 -20.80 -22.00 -27.57
CA ILE C 209 -19.98 -20.82 -27.32
C ILE C 209 -18.56 -21.23 -26.97
N ASP C 210 -18.37 -22.44 -26.44
CA ASP C 210 -17.03 -22.99 -26.41
C ASP C 210 -16.50 -23.18 -27.83
N GLY C 211 -17.39 -23.50 -28.77
CA GLY C 211 -16.99 -23.49 -30.16
C GLY C 211 -16.60 -22.10 -30.65
N THR C 212 -17.31 -21.07 -30.18
CA THR C 212 -16.93 -19.70 -30.52
C THR C 212 -15.58 -19.35 -29.93
N GLU C 213 -15.32 -19.81 -28.71
CA GLU C 213 -13.98 -19.71 -28.15
C GLU C 213 -12.96 -20.39 -29.04
N TYR C 214 -13.33 -21.55 -29.59
CA TYR C 214 -12.50 -22.20 -30.60
C TYR C 214 -12.36 -21.32 -31.84
N GLY C 215 -13.32 -20.42 -32.07
CA GLY C 215 -13.15 -19.39 -33.07
C GLY C 215 -12.45 -18.16 -32.57
N GLU C 216 -12.41 -17.97 -31.25
CA GLU C 216 -11.63 -16.88 -30.67
C GLU C 216 -10.14 -17.20 -30.79
N MET C 217 -9.38 -16.25 -31.31
CA MET C 217 -7.95 -16.45 -31.48
C MET C 217 -7.23 -16.62 -30.15
N SER C 218 -7.84 -16.20 -29.04
CA SER C 218 -7.21 -16.38 -27.74
C SER C 218 -7.02 -17.87 -27.44
N LEU C 219 -8.05 -18.67 -27.73
CA LEU C 219 -7.93 -20.10 -27.50
C LEU C 219 -6.86 -20.72 -28.39
N ASP C 220 -6.78 -20.29 -29.65
CA ASP C 220 -5.72 -20.79 -30.53
C ASP C 220 -4.35 -20.43 -29.99
N ASN C 221 -4.18 -19.18 -29.55
CA ASN C 221 -2.90 -18.76 -28.97
C ASN C 221 -2.57 -19.59 -27.74
N GLN C 222 -3.57 -19.88 -26.91
CA GLN C 222 -3.36 -20.78 -25.78
C GLN C 222 -3.24 -22.23 -26.20
N PHE C 223 -3.41 -22.54 -27.49
CA PHE C 223 -3.23 -23.89 -28.00
C PHE C 223 -2.10 -23.97 -29.03
N ILE C 224 -2.10 -23.11 -30.05
CA ILE C 224 -1.02 -23.15 -31.04
C ILE C 224 0.05 -22.09 -30.80
N GLY C 225 -0.26 -21.05 -30.04
CA GLY C 225 0.74 -20.06 -29.66
C GLY C 225 0.80 -18.89 -30.62
N ASP C 226 1.06 -17.71 -30.06
CA ASP C 226 1.27 -16.50 -30.86
C ASP C 226 2.77 -16.29 -31.04
N SER C 227 3.25 -16.59 -32.24
CA SER C 227 4.64 -16.33 -32.62
C SER C 227 4.85 -14.90 -33.08
N GLN C 228 3.78 -14.12 -33.22
CA GLN C 228 3.82 -12.75 -33.71
C GLN C 228 4.52 -12.64 -35.06
N VAL C 229 4.56 -13.74 -35.82
CA VAL C 229 5.18 -13.75 -37.14
C VAL C 229 4.39 -12.92 -38.13
N PHE C 230 3.22 -12.42 -37.71
CA PHE C 230 2.33 -11.70 -38.61
C PHE C 230 2.91 -10.38 -39.09
N ILE C 231 3.63 -9.65 -38.22
CA ILE C 231 4.24 -8.39 -38.63
C ILE C 231 5.31 -8.62 -39.69
N GLU C 232 5.37 -7.69 -40.65
CA GLU C 232 6.24 -7.81 -41.80
C GLU C 232 7.67 -8.16 -41.39
N LYS C 233 8.32 -8.98 -42.20
CA LYS C 233 9.68 -9.42 -41.93
C LYS C 233 10.39 -9.73 -43.24
N ARG C 234 11.60 -9.20 -43.40
CA ARG C 234 12.45 -9.37 -44.58
C ARG C 234 13.84 -8.86 -44.26
N SER C 235 14.74 -9.03 -45.22
CA SER C 235 16.08 -8.48 -45.16
C SER C 235 16.59 -8.27 -46.57
N LYS C 236 17.62 -7.44 -46.70
CA LYS C 236 18.17 -7.12 -48.01
C LYS C 236 19.62 -6.69 -47.83
N ASP C 237 20.43 -6.93 -48.87
CA ASP C 237 21.86 -6.66 -48.80
C ASP C 237 22.19 -5.18 -48.73
N SER C 238 21.20 -4.30 -48.89
CA SER C 238 21.47 -2.87 -48.91
C SER C 238 22.04 -2.40 -47.56
N LYS C 239 22.78 -1.30 -47.61
CA LYS C 239 23.57 -0.84 -46.47
C LYS C 239 22.70 -0.11 -45.45
N PHE C 240 23.36 0.58 -44.53
CA PHE C 240 22.71 1.21 -43.39
C PHE C 240 23.34 2.58 -43.13
N VAL C 241 22.66 3.41 -42.35
CA VAL C 241 23.16 4.73 -42.00
C VAL C 241 23.49 4.85 -40.53
N PHE C 242 22.57 4.52 -39.64
CA PHE C 242 22.76 4.74 -38.22
C PHE C 242 23.08 3.42 -37.52
N SER C 243 23.12 3.46 -36.19
CA SER C 243 23.43 2.29 -35.37
C SER C 243 23.02 2.56 -33.93
N ILE C 244 22.34 1.62 -33.29
CA ILE C 244 21.75 1.84 -31.98
C ILE C 244 22.10 0.65 -31.10
N VAL C 245 22.10 0.86 -29.79
CA VAL C 245 22.20 -0.21 -28.80
C VAL C 245 21.13 0.05 -27.76
N TYR C 246 20.25 -0.92 -27.53
CA TYR C 246 19.19 -0.76 -26.56
C TYR C 246 19.08 -2.02 -25.72
N ASN C 247 18.94 -1.84 -24.41
CA ASN C 247 18.83 -2.93 -23.45
C ASN C 247 19.89 -4.00 -23.70
N GLY C 248 21.13 -3.54 -23.84
CA GLY C 248 22.26 -4.43 -24.00
C GLY C 248 22.34 -5.16 -25.31
N PHE C 249 21.52 -4.80 -26.29
CA PHE C 249 21.50 -5.46 -27.60
C PHE C 249 21.84 -4.44 -28.68
N THR C 250 22.80 -4.78 -29.52
CA THR C 250 23.08 -3.94 -30.67
C THR C 250 21.91 -3.97 -31.64
N LEU C 251 21.94 -3.07 -32.61
CA LEU C 251 20.83 -2.89 -33.54
C LEU C 251 21.30 -2.05 -34.72
N GLY C 252 21.04 -2.54 -35.92
CA GLY C 252 21.43 -1.83 -37.12
C GLY C 252 20.20 -1.44 -37.92
N VAL C 253 20.30 -0.30 -38.59
CA VAL C 253 19.19 0.18 -39.41
C VAL C 253 19.58 0.17 -40.89
N TRP C 254 19.32 -0.96 -41.55
CA TRP C 254 19.61 -1.05 -42.97
C TRP C 254 18.69 -0.14 -43.78
N VAL C 255 19.28 0.51 -44.78
CA VAL C 255 18.58 1.43 -45.67
C VAL C 255 18.62 0.85 -47.07
N ASP C 256 17.47 0.85 -47.74
CA ASP C 256 17.37 0.29 -49.09
C ASP C 256 17.63 1.37 -50.12
N VAL C 257 18.34 0.98 -51.18
CA VAL C 257 18.68 1.91 -52.26
C VAL C 257 17.42 2.50 -52.87
N ASN C 258 16.47 1.63 -53.22
CA ASN C 258 15.21 2.04 -53.82
C ASN C 258 14.06 1.82 -52.85
N GLN C 259 12.95 2.52 -53.12
CA GLN C 259 11.65 2.32 -52.51
C GLN C 259 11.65 2.59 -51.00
N GLY C 260 12.81 2.90 -50.43
CA GLY C 260 12.90 3.30 -49.03
C GLY C 260 12.32 2.31 -48.05
N LEU C 261 12.52 1.01 -48.29
CA LEU C 261 12.00 -0.03 -47.41
C LEU C 261 13.03 -0.25 -46.31
N MET C 262 12.76 0.30 -45.13
CA MET C 262 13.76 0.34 -44.08
C MET C 262 13.79 -0.98 -43.33
N TYR C 263 15.01 -1.41 -42.98
CA TYR C 263 15.23 -2.67 -42.29
C TYR C 263 15.96 -2.43 -40.98
N ILE C 264 15.63 -3.23 -39.97
CA ILE C 264 16.20 -3.06 -38.65
C ILE C 264 17.01 -4.32 -38.34
N ASP C 265 17.60 -4.92 -39.36
CA ASP C 265 18.37 -6.14 -39.16
C ASP C 265 19.59 -5.89 -38.30
N THR C 266 20.03 -6.93 -37.59
CA THR C 266 21.16 -6.84 -36.67
C THR C 266 22.48 -6.94 -37.44
N ALA C 267 22.84 -5.82 -38.06
CA ALA C 267 24.11 -5.69 -38.79
C ALA C 267 24.94 -4.61 -38.10
N HIS C 268 25.70 -5.03 -37.10
CA HIS C 268 26.52 -4.12 -36.30
C HIS C 268 27.97 -4.30 -36.74
N ASP C 269 28.44 -3.40 -37.60
CA ASP C 269 29.84 -3.39 -37.97
C ASP C 269 30.64 -2.63 -36.92
N PRO C 270 31.76 -3.17 -36.46
CA PRO C 270 32.57 -2.42 -35.49
C PRO C 270 33.23 -1.22 -36.16
N SER C 271 32.70 -0.03 -35.92
CA SER C 271 33.13 1.15 -36.62
C SER C 271 33.14 2.34 -35.66
N THR C 272 33.95 3.34 -35.99
CA THR C 272 33.91 4.61 -35.29
C THR C 272 32.71 5.46 -35.66
N LYS C 273 31.82 4.94 -36.51
CA LYS C 273 30.63 5.66 -36.90
C LYS C 273 29.83 6.07 -35.67
N ASN C 274 28.99 7.08 -35.85
CA ASN C 274 28.14 7.54 -34.76
C ASN C 274 27.13 6.46 -34.37
N VAL C 275 27.05 6.19 -33.06
CA VAL C 275 26.13 5.22 -32.50
C VAL C 275 25.34 5.91 -31.38
N TYR C 276 24.04 5.65 -31.32
CA TYR C 276 23.14 6.37 -30.45
C TYR C 276 22.38 5.42 -29.54
N THR C 277 22.09 5.86 -28.32
CA THR C 277 21.21 5.15 -27.41
C THR C 277 20.25 6.14 -26.77
N LEU C 278 19.29 5.60 -26.04
CA LEU C 278 18.39 6.39 -25.22
C LEU C 278 18.45 6.02 -23.75
N THR C 279 18.59 4.73 -23.44
CA THR C 279 18.75 4.30 -22.06
C THR C 279 20.10 4.76 -21.54
N THR C 280 20.09 5.38 -20.35
CA THR C 280 21.31 5.95 -19.80
C THR C 280 22.34 4.90 -19.42
N ASP C 281 21.93 3.65 -19.27
CA ASP C 281 22.89 2.60 -18.92
C ASP C 281 23.88 2.35 -20.04
N ASP C 282 23.55 2.77 -21.26
CA ASP C 282 24.40 2.53 -22.43
C ASP C 282 25.27 3.76 -22.66
N LEU C 283 26.54 3.68 -22.28
CA LEU C 283 27.48 4.75 -22.56
C LEU C 283 28.84 4.14 -22.89
N ASN C 284 29.46 4.65 -23.95
CA ASN C 284 30.76 4.16 -24.38
C ASN C 284 31.65 5.36 -24.67
N GLU C 285 32.96 5.11 -24.70
CA GLU C 285 33.91 6.18 -25.04
C GLU C 285 33.79 6.57 -26.50
N ASN C 286 33.12 5.75 -27.31
CA ASN C 286 33.08 5.99 -28.74
C ASN C 286 31.76 6.60 -29.20
N MET C 287 30.67 6.32 -28.52
CA MET C 287 29.35 6.64 -29.04
C MET C 287 28.70 7.80 -28.29
N MET C 288 27.54 8.21 -28.79
CA MET C 288 26.85 9.41 -28.33
C MET C 288 25.52 9.05 -27.68
N LEU C 289 25.15 9.80 -26.65
CA LEU C 289 23.79 9.74 -26.13
C LEU C 289 22.90 10.72 -26.88
N ILE C 290 21.59 10.55 -26.76
CA ILE C 290 20.60 11.39 -27.42
C ILE C 290 19.50 11.72 -26.42
N THR C 291 19.04 12.97 -26.44
CA THR C 291 17.95 13.41 -25.60
C THR C 291 17.04 14.35 -26.37
N ASN C 292 15.97 14.80 -25.69
CA ASN C 292 15.01 15.80 -26.17
C ASN C 292 14.76 15.70 -27.67
N TYR C 293 14.58 14.46 -28.14
CA TYR C 293 14.01 14.20 -29.46
C TYR C 293 14.97 14.62 -30.57
N LYS C 294 16.27 14.65 -30.26
CA LYS C 294 17.26 14.85 -31.30
C LYS C 294 17.25 13.70 -32.29
N ASN C 295 17.03 12.48 -31.81
CA ASN C 295 16.96 11.31 -32.68
C ASN C 295 15.86 11.46 -33.71
N ASN C 296 14.77 12.14 -33.37
CA ASN C 296 13.76 12.48 -34.36
C ASN C 296 14.34 13.40 -35.43
N TYR C 297 15.33 14.21 -35.07
CA TYR C 297 15.96 15.11 -36.04
C TYR C 297 17.20 14.49 -36.65
N HIS C 298 17.52 13.26 -36.26
CA HIS C 298 18.67 12.58 -36.83
C HIS C 298 18.24 11.48 -37.79
N LEU C 299 17.41 10.56 -37.31
CA LEU C 299 16.79 9.52 -38.11
C LEU C 299 15.37 9.93 -38.50
N ARG C 300 15.27 10.97 -39.32
CA ARG C 300 13.97 11.42 -39.78
C ARG C 300 13.32 10.37 -40.65
N LYS C 301 14.11 9.76 -41.53
CA LYS C 301 13.57 8.78 -42.44
C LYS C 301 13.11 7.53 -41.70
N LEU C 302 13.81 7.14 -40.63
CA LEU C 302 13.33 6.01 -39.86
C LEU C 302 12.02 6.35 -39.15
N ALA C 303 11.96 7.53 -38.52
CA ALA C 303 10.72 7.90 -37.84
C ALA C 303 9.55 7.91 -38.81
N SER C 304 9.71 8.55 -39.97
CA SER C 304 8.63 8.59 -40.95
C SER C 304 8.33 7.20 -41.49
N ALA C 305 9.37 6.41 -41.76
CA ALA C 305 9.17 5.09 -42.34
C ALA C 305 8.37 4.18 -41.43
N PHE C 306 8.64 4.25 -40.12
CA PHE C 306 7.77 3.54 -39.19
C PHE C 306 6.40 4.17 -39.15
N MET C 307 6.33 5.51 -39.21
CA MET C 307 5.03 6.15 -39.29
C MET C 307 4.35 5.84 -40.61
N ASN C 308 5.10 5.32 -41.58
CA ASN C 308 4.57 4.81 -42.83
C ASN C 308 4.66 3.29 -42.82
N GLY C 309 4.34 2.68 -43.96
CA GLY C 309 4.53 1.25 -44.11
C GLY C 309 5.90 0.85 -44.60
N TYR C 310 6.82 1.80 -44.74
CA TYR C 310 8.13 1.51 -45.31
C TYR C 310 8.89 0.50 -44.46
N LEU C 311 8.86 0.66 -43.14
CA LEU C 311 9.73 -0.11 -42.26
C LEU C 311 9.41 -1.59 -42.31
N ARG C 312 10.44 -2.42 -42.17
CA ARG C 312 10.28 -3.86 -42.08
C ARG C 312 11.32 -4.42 -41.12
N PHE C 313 10.89 -5.29 -40.22
CA PHE C 313 11.71 -5.78 -39.13
C PHE C 313 12.22 -7.17 -39.49
N ASP C 314 13.50 -7.41 -39.28
CA ASP C 314 14.04 -8.70 -39.72
C ASP C 314 13.67 -9.84 -38.78
N ASN C 315 13.62 -9.58 -37.47
CA ASN C 315 13.43 -10.65 -36.50
C ASN C 315 12.37 -10.28 -35.46
N GLN C 316 11.72 -11.30 -34.93
CA GLN C 316 10.71 -11.10 -33.89
C GLN C 316 11.28 -10.37 -32.69
N VAL C 317 12.42 -10.85 -32.20
CA VAL C 317 13.08 -10.15 -31.10
C VAL C 317 13.42 -8.72 -31.52
N ILE C 318 13.93 -8.56 -32.74
CA ILE C 318 14.23 -7.22 -33.25
C ILE C 318 12.97 -6.38 -33.33
N ARG C 319 11.88 -6.97 -33.84
CA ARG C 319 10.65 -6.22 -34.03
C ARG C 319 10.10 -5.73 -32.71
N ASN C 320 9.95 -6.63 -31.73
CA ASN C 320 9.45 -6.20 -30.44
C ASN C 320 10.37 -5.15 -29.82
N ILE C 321 11.69 -5.44 -29.80
CA ILE C 321 12.64 -4.51 -29.18
C ILE C 321 12.49 -3.12 -29.79
N ALA C 322 12.30 -3.05 -31.11
CA ALA C 322 12.06 -1.76 -31.74
C ALA C 322 10.76 -1.14 -31.23
N TYR C 323 9.72 -1.96 -31.05
CA TYR C 323 8.48 -1.45 -30.49
C TYR C 323 8.71 -0.79 -29.12
N GLU C 324 9.36 -1.50 -28.20
CA GLU C 324 9.55 -0.90 -26.88
C GLU C 324 10.49 0.29 -26.95
N LEU C 325 11.45 0.29 -27.88
CA LEU C 325 12.30 1.45 -28.04
C LEU C 325 11.48 2.66 -28.46
N PHE C 326 10.54 2.46 -29.38
CA PHE C 326 9.66 3.55 -29.76
C PHE C 326 8.80 4.01 -28.59
N ARG C 327 8.32 3.06 -27.78
CA ARG C 327 7.54 3.42 -26.60
C ARG C 327 8.35 4.30 -25.66
N LYS C 328 9.62 3.95 -25.45
CA LYS C 328 10.49 4.74 -24.59
C LYS C 328 10.94 6.04 -25.25
N MET C 329 10.85 6.13 -26.58
CA MET C 329 11.36 7.31 -27.27
C MET C 329 10.63 8.57 -26.84
N ARG C 330 9.31 8.50 -26.72
CA ARG C 330 8.51 9.65 -26.36
C ARG C 330 8.44 9.84 -24.85
N SER D 4 -46.68 -7.71 -13.72
CA SER D 4 -46.66 -8.71 -12.66
C SER D 4 -45.81 -8.22 -11.49
N LEU D 5 -46.30 -8.45 -10.27
CA LEU D 5 -45.65 -7.91 -9.08
C LEU D 5 -44.25 -8.50 -8.86
N PHE D 6 -44.09 -9.80 -9.06
CA PHE D 6 -42.85 -10.49 -8.73
C PHE D 6 -42.17 -10.95 -10.01
N TYR D 7 -40.91 -10.55 -10.18
CA TYR D 7 -40.11 -11.11 -11.25
C TYR D 7 -39.87 -12.59 -10.97
N ASN D 8 -39.93 -13.39 -12.03
CA ASN D 8 -39.77 -14.83 -11.90
C ASN D 8 -38.51 -15.28 -12.63
N PRO D 9 -37.42 -15.62 -11.92
CA PRO D 9 -36.25 -16.16 -12.62
C PRO D 9 -36.54 -17.44 -13.37
N GLN D 10 -37.72 -18.04 -13.12
CA GLN D 10 -38.20 -19.08 -14.00
C GLN D 10 -38.27 -18.61 -15.45
N LYS D 11 -38.60 -17.34 -15.66
CA LYS D 11 -38.64 -16.82 -17.02
C LYS D 11 -37.25 -16.91 -17.67
N MET D 12 -36.20 -16.55 -16.91
CA MET D 12 -34.84 -16.61 -17.43
C MET D 12 -34.39 -18.04 -17.67
N LEU D 13 -34.64 -18.93 -16.71
CA LEU D 13 -34.14 -20.29 -16.86
C LEU D 13 -35.08 -21.16 -17.69
N SER D 14 -36.22 -20.64 -18.11
CA SER D 14 -37.06 -21.34 -19.07
C SER D 14 -36.38 -21.43 -20.42
N TYR D 15 -35.68 -20.38 -20.82
CA TYR D 15 -34.91 -20.45 -22.06
C TYR D 15 -33.55 -21.08 -21.82
N ASP D 16 -33.14 -21.19 -20.55
CA ASP D 16 -32.09 -22.11 -20.09
C ASP D 16 -30.83 -22.07 -20.95
N ARG D 17 -30.55 -20.93 -21.56
CA ARG D 17 -29.32 -20.77 -22.33
C ARG D 17 -28.13 -20.69 -21.39
N ILE D 18 -26.98 -21.20 -21.85
CA ILE D 18 -25.79 -21.24 -21.00
C ILE D 18 -25.31 -19.83 -20.67
N LEU D 19 -25.23 -18.97 -21.68
CA LEU D 19 -24.83 -17.58 -21.49
C LEU D 19 -26.05 -16.77 -21.08
N ASN D 20 -26.04 -16.24 -19.87
CA ASN D 20 -27.19 -15.59 -19.28
C ASN D 20 -26.86 -14.15 -18.90
N PHE D 21 -27.68 -13.22 -19.37
CA PHE D 21 -27.55 -11.80 -19.07
C PHE D 21 -28.89 -11.27 -18.61
N VAL D 22 -29.02 -11.01 -17.31
CA VAL D 22 -30.19 -10.36 -16.75
C VAL D 22 -29.83 -8.90 -16.56
N ILE D 23 -30.41 -8.03 -17.38
CA ILE D 23 -29.96 -6.65 -17.47
C ILE D 23 -31.14 -5.72 -17.27
N GLY D 24 -30.85 -4.52 -16.78
CA GLY D 24 -31.86 -3.50 -16.61
C GLY D 24 -32.85 -3.73 -15.51
N ALA D 25 -32.56 -4.59 -14.55
CA ALA D 25 -33.48 -4.85 -13.46
C ALA D 25 -33.49 -3.68 -12.48
N ARG D 26 -34.58 -3.55 -11.72
CA ARG D 26 -34.63 -2.59 -10.64
C ARG D 26 -33.95 -3.10 -9.37
N GLY D 27 -33.60 -4.39 -9.33
CA GLY D 27 -32.85 -4.94 -8.23
C GLY D 27 -33.59 -5.00 -6.91
N ILE D 28 -34.91 -4.99 -6.91
CA ILE D 28 -35.66 -5.16 -5.67
C ILE D 28 -36.24 -6.56 -5.67
N GLY D 29 -37.20 -6.81 -6.54
CA GLY D 29 -37.76 -8.15 -6.64
C GLY D 29 -36.88 -9.08 -7.44
N LYS D 30 -36.19 -8.53 -8.45
CA LYS D 30 -35.22 -9.31 -9.20
C LYS D 30 -34.08 -9.75 -8.31
N SER D 31 -33.53 -8.84 -7.51
CA SER D 31 -32.49 -9.20 -6.56
C SER D 31 -33.02 -10.18 -5.52
N TYR D 32 -34.24 -9.95 -5.03
CA TYR D 32 -34.83 -10.84 -4.03
C TYR D 32 -34.94 -12.27 -4.55
N ALA D 33 -35.54 -12.45 -5.73
CA ALA D 33 -35.70 -13.78 -6.31
C ALA D 33 -34.35 -14.40 -6.68
N MET D 34 -33.44 -13.60 -7.26
CA MET D 34 -32.13 -14.13 -7.63
C MET D 34 -31.37 -14.60 -6.40
N LYS D 35 -31.46 -13.84 -5.30
CA LYS D 35 -30.83 -14.26 -4.06
C LYS D 35 -31.44 -15.55 -3.56
N VAL D 36 -32.77 -15.69 -3.65
CA VAL D 36 -33.42 -16.90 -3.16
C VAL D 36 -33.00 -18.12 -3.98
N TYR D 37 -32.77 -17.93 -5.29
CA TYR D 37 -32.61 -19.08 -6.19
C TYR D 37 -31.47 -20.02 -5.83
N PRO D 38 -30.21 -19.58 -5.69
CA PRO D 38 -29.11 -20.55 -5.77
C PRO D 38 -28.96 -21.42 -4.54
N ILE D 39 -29.16 -20.87 -3.35
CA ILE D 39 -29.04 -21.65 -2.13
C ILE D 39 -30.13 -22.73 -2.10
N ASN D 40 -31.35 -22.38 -2.50
CA ASN D 40 -32.41 -23.37 -2.60
C ASN D 40 -32.08 -24.44 -3.64
N ARG D 41 -31.50 -24.01 -4.77
CA ARG D 41 -31.11 -24.97 -5.80
C ARG D 41 -30.08 -25.97 -5.28
N PHE D 42 -29.05 -25.46 -4.57
CA PHE D 42 -28.06 -26.35 -3.99
C PHE D 42 -28.68 -27.27 -2.94
N ILE D 43 -29.54 -26.73 -2.09
CA ILE D 43 -30.10 -27.52 -1.01
C ILE D 43 -30.93 -28.67 -1.57
N LYS D 44 -31.72 -28.40 -2.60
CA LYS D 44 -32.47 -29.50 -3.22
C LYS D 44 -31.54 -30.47 -3.92
N TYR D 45 -30.55 -29.98 -4.68
CA TYR D 45 -29.65 -30.86 -5.41
C TYR D 45 -28.21 -30.78 -4.94
N GLY D 46 -27.59 -29.61 -5.00
CA GLY D 46 -26.17 -29.50 -4.73
C GLY D 46 -25.39 -28.79 -5.82
N GLU D 47 -24.62 -27.77 -5.43
CA GLU D 47 -23.84 -26.95 -6.36
C GLU D 47 -22.93 -26.03 -5.57
N GLN D 48 -21.84 -25.62 -6.21
CA GLN D 48 -20.92 -24.64 -5.66
C GLN D 48 -21.05 -23.34 -6.46
N PHE D 49 -20.90 -22.20 -5.77
CA PHE D 49 -21.10 -20.91 -6.43
C PHE D 49 -19.94 -19.97 -6.13
N ILE D 50 -19.71 -19.05 -7.06
CA ILE D 50 -18.66 -18.05 -6.97
C ILE D 50 -19.33 -16.68 -7.04
N TYR D 51 -18.99 -15.82 -6.09
CA TYR D 51 -19.53 -14.46 -6.08
C TYR D 51 -18.45 -13.53 -6.63
N VAL D 52 -18.49 -13.34 -7.94
CA VAL D 52 -17.51 -12.49 -8.63
C VAL D 52 -17.86 -11.04 -8.39
N ARG D 53 -16.87 -10.24 -8.02
CA ARG D 53 -17.05 -8.81 -7.80
C ARG D 53 -15.94 -8.04 -8.49
N ARG D 54 -16.01 -6.71 -8.37
CA ARG D 54 -15.14 -5.85 -9.16
C ARG D 54 -13.78 -5.67 -8.49
N TYR D 55 -13.75 -5.12 -7.28
CA TYR D 55 -12.51 -4.67 -6.66
C TYR D 55 -12.46 -5.13 -5.21
N LYS D 56 -11.46 -4.65 -4.48
CA LYS D 56 -11.20 -4.97 -3.08
C LYS D 56 -12.07 -4.21 -2.09
N PRO D 57 -12.35 -2.91 -2.29
CA PRO D 57 -13.21 -2.21 -1.32
C PRO D 57 -14.58 -2.81 -1.13
N GLU D 58 -15.10 -3.54 -2.13
CA GLU D 58 -16.39 -4.20 -2.01
C GLU D 58 -16.30 -5.58 -1.37
N LEU D 59 -15.11 -5.96 -0.91
CA LEU D 59 -14.97 -7.24 -0.21
C LEU D 59 -15.78 -7.28 1.08
N ALA D 60 -16.07 -6.12 1.67
CA ALA D 60 -16.88 -6.06 2.89
C ALA D 60 -18.37 -6.04 2.61
N LYS D 61 -18.78 -5.85 1.35
CA LYS D 61 -20.19 -5.86 1.01
C LYS D 61 -20.75 -7.27 0.93
N VAL D 62 -19.90 -8.26 0.62
CA VAL D 62 -20.39 -9.63 0.41
C VAL D 62 -20.84 -10.25 1.71
N SER D 63 -20.24 -9.87 2.85
CA SER D 63 -20.63 -10.44 4.13
C SER D 63 -22.05 -10.08 4.51
N ASN D 64 -22.65 -9.10 3.83
CA ASN D 64 -24.02 -8.67 4.07
C ASN D 64 -24.83 -9.03 2.83
N TYR D 65 -25.29 -10.28 2.76
CA TYR D 65 -26.02 -10.75 1.60
C TYR D 65 -27.28 -11.53 1.92
N PHE D 66 -27.42 -12.09 3.12
CA PHE D 66 -28.52 -13.00 3.45
C PHE D 66 -29.63 -12.31 4.23
N ASN D 67 -29.91 -11.05 3.90
CA ASN D 67 -30.97 -10.32 4.58
C ASN D 67 -32.36 -10.84 4.24
N ASP D 68 -32.50 -11.59 3.14
CA ASP D 68 -33.78 -12.14 2.71
C ASP D 68 -33.81 -13.66 2.67
N VAL D 69 -32.72 -14.28 2.22
CA VAL D 69 -32.71 -15.73 2.01
C VAL D 69 -32.95 -16.47 3.33
N ALA D 70 -32.29 -16.02 4.40
CA ALA D 70 -32.53 -16.62 5.71
C ALA D 70 -33.99 -16.47 6.13
N GLN D 71 -34.64 -15.39 5.71
CA GLN D 71 -36.07 -15.26 5.96
C GLN D 71 -36.85 -16.35 5.25
N GLU D 72 -36.43 -16.71 4.04
CA GLU D 72 -37.02 -17.84 3.34
C GLU D 72 -36.57 -19.18 3.93
N PHE D 73 -35.64 -19.17 4.88
CA PHE D 73 -35.17 -20.39 5.54
C PHE D 73 -35.32 -20.22 7.05
N PRO D 74 -36.54 -20.33 7.59
CA PRO D 74 -36.70 -20.32 9.05
C PRO D 74 -35.93 -21.42 9.76
N ASP D 75 -35.39 -22.40 9.05
CA ASP D 75 -34.77 -23.55 9.67
C ASP D 75 -33.36 -23.84 9.18
N HIS D 76 -32.85 -23.09 8.21
CA HIS D 76 -31.48 -23.22 7.75
C HIS D 76 -30.68 -22.03 8.29
N GLU D 77 -29.51 -22.32 8.86
CA GLU D 77 -28.65 -21.30 9.44
C GLU D 77 -27.47 -21.05 8.50
N LEU D 78 -27.47 -19.89 7.84
CA LEU D 78 -26.38 -19.50 6.97
C LEU D 78 -25.45 -18.58 7.75
N VAL D 79 -24.23 -19.05 7.99
CA VAL D 79 -23.27 -18.30 8.79
C VAL D 79 -22.23 -17.67 7.88
N VAL D 80 -21.95 -16.39 8.09
CA VAL D 80 -20.96 -15.66 7.31
C VAL D 80 -19.59 -15.86 7.96
N LYS D 81 -18.68 -16.49 7.24
CA LYS D 81 -17.32 -16.75 7.72
C LYS D 81 -16.36 -15.92 6.89
N GLY D 82 -16.09 -14.71 7.35
CA GLY D 82 -15.21 -13.81 6.63
C GLY D 82 -15.76 -13.47 5.25
N ARG D 83 -15.14 -14.02 4.21
CA ARG D 83 -15.57 -13.80 2.85
C ARG D 83 -16.33 -15.00 2.27
N ARG D 84 -16.75 -15.94 3.11
CA ARG D 84 -17.45 -17.14 2.65
C ARG D 84 -18.80 -17.25 3.36
N PHE D 85 -19.63 -18.14 2.85
CA PHE D 85 -20.89 -18.51 3.49
C PHE D 85 -20.89 -20.00 3.76
N TYR D 86 -21.47 -20.37 4.91
CA TYR D 86 -21.64 -21.78 5.27
C TYR D 86 -23.13 -22.03 5.44
N ILE D 87 -23.68 -22.86 4.56
CA ILE D 87 -25.05 -23.34 4.64
C ILE D 87 -25.08 -24.46 5.67
N ASP D 88 -25.75 -24.22 6.80
CA ASP D 88 -25.93 -25.24 7.83
C ASP D 88 -24.58 -25.78 8.31
N GLY D 89 -23.58 -24.91 8.32
CA GLY D 89 -22.24 -25.29 8.73
C GLY D 89 -21.37 -25.88 7.65
N LYS D 90 -21.77 -25.80 6.38
CA LYS D 90 -21.04 -26.37 5.27
C LYS D 90 -20.60 -25.27 4.33
N LEU D 91 -19.30 -25.22 4.02
CA LEU D 91 -18.76 -24.25 3.07
C LEU D 91 -19.50 -24.35 1.74
N ALA D 92 -20.21 -23.27 1.37
CA ALA D 92 -21.02 -23.33 0.16
C ALA D 92 -20.19 -23.07 -1.08
N GLY D 93 -19.64 -21.87 -1.19
CA GLY D 93 -18.84 -21.50 -2.33
C GLY D 93 -17.76 -20.54 -1.90
N TRP D 94 -17.44 -19.61 -2.79
CA TRP D 94 -16.42 -18.61 -2.45
C TRP D 94 -16.69 -17.29 -3.16
N ALA D 95 -16.08 -16.22 -2.64
CA ALA D 95 -16.23 -14.88 -3.19
C ALA D 95 -14.84 -14.27 -3.36
N ILE D 96 -14.55 -13.79 -4.56
CA ILE D 96 -13.24 -13.23 -4.91
C ILE D 96 -13.41 -12.03 -5.83
N PRO D 97 -12.66 -10.95 -5.63
CA PRO D 97 -12.61 -9.89 -6.65
C PRO D 97 -12.05 -10.43 -7.95
N LEU D 98 -12.53 -9.87 -9.06
CA LEU D 98 -12.27 -10.49 -10.35
C LEU D 98 -10.81 -10.35 -10.77
N SER D 99 -10.23 -9.16 -10.60
CA SER D 99 -8.89 -8.93 -11.12
C SER D 99 -7.87 -9.84 -10.45
N VAL D 100 -7.97 -9.98 -9.12
CA VAL D 100 -7.05 -10.84 -8.38
C VAL D 100 -7.08 -12.26 -8.94
N TRP D 101 -8.20 -12.63 -9.58
CA TRP D 101 -8.30 -13.98 -10.13
C TRP D 101 -7.16 -14.28 -11.10
N GLN D 102 -6.67 -13.27 -11.82
CA GLN D 102 -5.55 -13.53 -12.73
C GLN D 102 -4.36 -14.07 -11.96
N SER D 103 -4.04 -13.48 -10.81
CA SER D 103 -3.02 -14.05 -9.93
C SER D 103 -3.42 -15.45 -9.47
N GLU D 104 -4.70 -15.64 -9.17
CA GLU D 104 -5.25 -16.94 -8.83
C GLU D 104 -5.70 -17.71 -10.08
N LYS D 105 -5.06 -17.44 -11.22
CA LYS D 105 -5.51 -17.99 -12.49
C LYS D 105 -5.47 -19.53 -12.50
N SER D 106 -4.32 -20.11 -12.16
CA SER D 106 -4.07 -21.50 -12.52
C SER D 106 -4.80 -22.48 -11.60
N ASN D 107 -5.39 -21.98 -10.52
CA ASN D 107 -6.08 -22.87 -9.58
C ASN D 107 -7.31 -23.50 -10.24
N ALA D 108 -7.44 -24.81 -10.06
CA ALA D 108 -8.53 -25.60 -10.65
C ALA D 108 -9.49 -26.04 -9.55
N TYR D 109 -10.79 -25.87 -9.81
CA TYR D 109 -11.86 -26.09 -8.84
C TYR D 109 -12.80 -27.18 -9.32
N PRO D 110 -13.38 -27.96 -8.39
CA PRO D 110 -13.88 -29.30 -8.76
C PRO D 110 -15.02 -29.34 -9.76
N ASN D 111 -16.15 -28.73 -9.42
CA ASN D 111 -17.31 -28.73 -10.32
C ASN D 111 -18.21 -27.57 -9.89
N VAL D 112 -18.15 -26.48 -10.63
CA VAL D 112 -18.91 -25.29 -10.30
C VAL D 112 -20.13 -25.21 -11.21
N SER D 113 -21.29 -25.00 -10.62
CA SER D 113 -22.54 -25.04 -11.37
C SER D 113 -22.97 -23.66 -11.87
N THR D 114 -23.20 -22.73 -10.95
CA THR D 114 -23.63 -21.38 -11.30
C THR D 114 -22.51 -20.40 -11.00
N ILE D 115 -22.17 -19.57 -11.97
CA ILE D 115 -21.11 -18.58 -11.83
C ILE D 115 -21.79 -17.22 -11.72
N VAL D 116 -21.84 -16.68 -10.50
CA VAL D 116 -22.60 -15.49 -10.18
C VAL D 116 -21.76 -14.26 -10.44
N PHE D 117 -22.36 -13.26 -11.09
CA PHE D 117 -21.73 -11.96 -11.24
C PHE D 117 -22.80 -10.89 -11.21
N ASP D 118 -22.48 -9.74 -10.63
CA ASP D 118 -23.41 -8.62 -10.52
C ASP D 118 -22.80 -7.37 -11.13
N GLU D 119 -23.64 -6.64 -11.87
CA GLU D 119 -23.28 -5.34 -12.45
C GLU D 119 -21.99 -5.44 -13.28
N PHE D 120 -22.05 -6.25 -14.35
CA PHE D 120 -20.93 -6.30 -15.26
C PHE D 120 -20.73 -4.97 -15.98
N ILE D 121 -21.81 -4.22 -16.18
CA ILE D 121 -21.73 -2.86 -16.68
C ILE D 121 -22.05 -1.92 -15.52
N ARG D 122 -21.16 -0.96 -15.29
CA ARG D 122 -21.29 0.00 -14.20
C ARG D 122 -21.69 1.35 -14.78
N GLU D 123 -22.94 1.73 -14.58
CA GLU D 123 -23.55 2.83 -15.31
C GLU D 123 -23.50 4.12 -14.50
N LYS D 124 -23.34 5.23 -15.21
CA LYS D 124 -23.45 6.58 -14.65
C LYS D 124 -22.43 6.80 -13.53
N ASP D 125 -21.16 6.60 -13.87
CA ASP D 125 -20.07 6.80 -12.92
C ASP D 125 -18.75 6.89 -13.70
N ASN D 126 -17.64 6.81 -12.97
CA ASN D 126 -16.34 6.66 -13.59
C ASN D 126 -16.30 5.43 -14.49
N SER D 127 -16.79 4.29 -13.99
CA SER D 127 -16.86 3.05 -14.75
C SER D 127 -15.48 2.65 -15.30
N ASN D 128 -14.45 2.81 -14.48
CA ASN D 128 -13.10 2.44 -14.91
C ASN D 128 -13.01 0.92 -15.03
N TYR D 129 -12.66 0.45 -16.22
CA TYR D 129 -12.62 -0.97 -16.51
C TYR D 129 -11.19 -1.38 -16.85
N ILE D 130 -10.73 -2.45 -16.21
CA ILE D 130 -9.39 -2.98 -16.48
C ILE D 130 -9.32 -3.42 -17.93
N PRO D 131 -8.21 -3.17 -18.64
CA PRO D 131 -8.13 -3.62 -20.05
C PRO D 131 -8.32 -5.13 -20.16
N ASN D 132 -9.06 -5.52 -21.20
CA ASN D 132 -9.33 -6.93 -21.51
C ASN D 132 -10.09 -7.62 -20.39
N GLU D 133 -11.08 -6.92 -19.82
CA GLU D 133 -11.92 -7.54 -18.81
C GLU D 133 -12.63 -8.78 -19.34
N VAL D 134 -13.17 -8.68 -20.57
CA VAL D 134 -13.89 -9.80 -21.14
C VAL D 134 -12.95 -10.98 -21.38
N SER D 135 -11.71 -10.69 -21.78
CA SER D 135 -10.74 -11.76 -21.96
C SER D 135 -10.42 -12.44 -20.64
N ALA D 136 -10.33 -11.67 -19.55
CA ALA D 136 -10.09 -12.27 -18.24
C ALA D 136 -11.28 -13.13 -17.79
N LEU D 137 -12.50 -12.65 -18.01
CA LEU D 137 -13.67 -13.45 -17.67
C LEU D 137 -13.70 -14.75 -18.47
N LEU D 138 -13.40 -14.67 -19.77
CA LEU D 138 -13.35 -15.88 -20.58
C LEU D 138 -12.20 -16.78 -20.12
N ASN D 139 -11.11 -16.18 -19.65
CA ASN D 139 -10.02 -16.97 -19.09
C ASN D 139 -10.49 -17.76 -17.88
N LEU D 140 -11.28 -17.13 -17.01
CA LEU D 140 -11.82 -17.85 -15.86
C LEU D 140 -12.75 -18.98 -16.31
N MET D 141 -13.63 -18.67 -17.26
CA MET D 141 -14.57 -19.68 -17.75
C MET D 141 -13.81 -20.88 -18.31
N ASP D 142 -12.79 -20.63 -19.14
CA ASP D 142 -11.99 -21.71 -19.68
C ASP D 142 -11.26 -22.45 -18.57
N THR D 143 -10.80 -21.74 -17.54
CA THR D 143 -10.02 -22.38 -16.49
C THR D 143 -10.84 -23.40 -15.72
N VAL D 144 -12.03 -23.01 -15.26
CA VAL D 144 -12.78 -23.89 -14.36
C VAL D 144 -13.55 -24.98 -15.10
N PHE D 145 -13.46 -25.05 -16.43
CA PHE D 145 -14.34 -25.91 -17.21
C PHE D 145 -13.54 -26.90 -18.05
N ARG D 146 -13.93 -28.17 -17.96
CA ARG D 146 -13.64 -29.19 -18.96
C ARG D 146 -14.92 -29.84 -19.48
N ASN D 147 -15.83 -30.15 -18.55
CA ASN D 147 -17.08 -30.84 -18.87
C ASN D 147 -18.22 -29.86 -18.62
N ARG D 148 -18.99 -29.59 -19.68
CA ARG D 148 -20.02 -28.56 -19.65
C ARG D 148 -21.40 -29.11 -19.32
N GLU D 149 -21.47 -30.17 -18.51
CA GLU D 149 -22.74 -30.76 -18.12
C GLU D 149 -23.44 -29.83 -17.14
N ARG D 150 -24.40 -29.05 -17.65
CA ARG D 150 -25.23 -28.16 -16.85
C ARG D 150 -24.40 -27.20 -16.02
N VAL D 151 -23.67 -26.33 -16.72
CA VAL D 151 -22.89 -25.27 -16.11
C VAL D 151 -23.34 -23.95 -16.71
N ARG D 152 -23.51 -22.93 -15.88
CA ARG D 152 -24.06 -21.66 -16.32
C ARG D 152 -23.26 -20.50 -15.76
N CYS D 153 -23.21 -19.42 -16.52
CA CYS D 153 -22.58 -18.16 -16.12
C CYS D 153 -23.67 -17.10 -16.10
N ILE D 154 -24.13 -16.72 -14.91
CA ILE D 154 -25.24 -15.80 -14.74
C ILE D 154 -24.70 -14.47 -14.24
N CYS D 155 -25.08 -13.39 -14.92
CA CYS D 155 -24.72 -12.05 -14.54
C CYS D 155 -25.96 -11.16 -14.51
N LEU D 156 -26.03 -10.33 -13.49
CA LEU D 156 -27.12 -9.37 -13.31
C LEU D 156 -26.56 -7.96 -13.34
N SER D 157 -27.17 -7.11 -14.16
CA SER D 157 -26.85 -5.69 -14.20
C SER D 157 -28.16 -4.91 -14.19
N ASN D 158 -28.14 -3.74 -13.55
CA ASN D 158 -29.35 -2.93 -13.41
C ASN D 158 -29.43 -1.81 -14.44
N ALA D 159 -28.91 -2.03 -15.65
CA ALA D 159 -28.90 -1.02 -16.69
C ALA D 159 -29.40 -1.60 -18.00
N VAL D 160 -30.12 -0.79 -18.77
CA VAL D 160 -30.51 -1.13 -20.13
C VAL D 160 -29.68 -0.25 -21.06
N SER D 161 -28.69 -0.86 -21.72
CA SER D 161 -27.83 -0.11 -22.61
C SER D 161 -27.06 -1.07 -23.51
N VAL D 162 -27.08 -0.79 -24.81
CA VAL D 162 -26.36 -1.61 -25.76
C VAL D 162 -24.89 -1.21 -25.89
N VAL D 163 -24.47 -0.13 -25.24
CA VAL D 163 -23.07 0.29 -25.27
C VAL D 163 -22.41 -0.19 -23.98
N ASN D 164 -21.44 -1.08 -24.13
CA ASN D 164 -20.68 -1.67 -23.05
C ASN D 164 -19.62 -2.58 -23.65
N PRO D 165 -18.60 -2.94 -22.88
CA PRO D 165 -17.58 -3.84 -23.45
C PRO D 165 -18.13 -5.17 -23.95
N TYR D 166 -19.10 -5.75 -23.26
CA TYR D 166 -19.49 -7.13 -23.53
C TYR D 166 -20.29 -7.26 -24.82
N PHE D 167 -21.27 -6.38 -25.04
CA PHE D 167 -22.10 -6.51 -26.23
C PHE D 167 -21.28 -6.29 -27.49
N LEU D 168 -20.43 -5.27 -27.48
CA LEU D 168 -19.52 -5.05 -28.62
C LEU D 168 -18.57 -6.22 -28.77
N PHE D 169 -18.07 -6.75 -27.66
CA PHE D 169 -17.17 -7.90 -27.71
C PHE D 169 -17.82 -9.07 -28.44
N PHE D 170 -19.07 -9.37 -28.11
CA PHE D 170 -19.77 -10.51 -28.69
C PHE D 170 -20.58 -10.14 -29.92
N ASN D 171 -20.41 -8.94 -30.46
CA ASN D 171 -21.08 -8.52 -31.68
C ASN D 171 -22.59 -8.60 -31.55
N LEU D 172 -23.09 -8.39 -30.34
CA LEU D 172 -24.52 -8.46 -30.08
C LEU D 172 -25.23 -7.21 -30.59
N VAL D 173 -26.45 -7.40 -31.08
CA VAL D 173 -27.28 -6.26 -31.46
C VAL D 173 -28.67 -6.43 -30.87
N PRO D 174 -28.82 -6.43 -29.53
CA PRO D 174 -30.16 -6.54 -28.95
C PRO D 174 -30.87 -5.20 -28.96
N ASP D 175 -32.15 -5.23 -29.27
CA ASP D 175 -32.97 -4.02 -29.33
C ASP D 175 -33.70 -3.85 -28.00
N VAL D 176 -33.47 -2.71 -27.34
CA VAL D 176 -33.95 -2.50 -25.99
C VAL D 176 -35.46 -2.31 -25.93
N ASN D 177 -36.11 -2.01 -27.06
CA ASN D 177 -37.55 -1.82 -27.04
C ASN D 177 -38.26 -3.11 -26.65
N LYS D 178 -37.80 -4.25 -27.16
CA LYS D 178 -38.43 -5.53 -26.89
C LYS D 178 -38.02 -6.03 -25.51
N ARG D 179 -38.34 -7.28 -25.19
CA ARG D 179 -38.01 -7.86 -23.90
C ARG D 179 -37.29 -9.19 -23.98
N PHE D 180 -37.11 -9.78 -25.16
CA PHE D 180 -36.40 -11.05 -25.27
C PHE D 180 -35.77 -11.13 -26.65
N ASN D 181 -34.47 -10.88 -26.71
CA ASN D 181 -33.65 -11.17 -27.88
C ASN D 181 -32.78 -12.38 -27.57
N VAL D 182 -32.46 -13.15 -28.60
CA VAL D 182 -31.76 -14.41 -28.41
C VAL D 182 -30.58 -14.48 -29.36
N TYR D 183 -29.59 -15.28 -28.97
CA TYR D 183 -28.49 -15.68 -29.83
C TYR D 183 -28.43 -17.19 -29.80
N ASP D 184 -27.38 -17.79 -30.37
CA ASP D 184 -27.33 -19.24 -30.42
C ASP D 184 -27.30 -19.84 -29.01
N ASP D 185 -26.50 -19.28 -28.11
CA ASP D 185 -26.46 -19.75 -26.73
C ASP D 185 -26.52 -18.62 -25.70
N ALA D 186 -27.01 -17.44 -26.08
CA ALA D 186 -27.13 -16.33 -25.15
C ALA D 186 -28.54 -15.77 -25.20
N LEU D 187 -28.94 -15.12 -24.11
CA LEU D 187 -30.27 -14.54 -24.03
C LEU D 187 -30.20 -13.15 -23.41
N ILE D 188 -30.96 -12.23 -23.97
CA ILE D 188 -31.04 -10.85 -23.48
C ILE D 188 -32.50 -10.55 -23.18
N GLU D 189 -32.78 -10.03 -21.99
CA GLU D 189 -34.14 -9.71 -21.57
C GLU D 189 -34.14 -8.44 -20.76
N ILE D 190 -35.31 -7.81 -20.69
CA ILE D 190 -35.54 -6.65 -19.84
C ILE D 190 -36.72 -6.96 -18.93
N PRO D 191 -36.50 -7.14 -17.62
CA PRO D 191 -37.63 -7.46 -16.74
C PRO D 191 -38.57 -6.28 -16.63
N ASP D 192 -39.85 -6.58 -16.42
CA ASP D 192 -40.85 -5.54 -16.26
C ASP D 192 -40.50 -4.66 -15.07
N SER D 193 -40.54 -3.34 -15.30
CA SER D 193 -40.11 -2.40 -14.26
C SER D 193 -40.98 -2.53 -13.01
N LEU D 194 -42.27 -2.80 -13.18
CA LEU D 194 -43.14 -2.94 -12.03
C LEU D 194 -42.87 -4.25 -11.30
N ASP D 195 -41.74 -4.31 -10.59
CA ASP D 195 -41.42 -5.42 -9.70
C ASP D 195 -40.99 -4.97 -8.31
N PHE D 196 -40.59 -3.72 -8.14
CA PHE D 196 -40.13 -3.24 -6.85
C PHE D 196 -41.26 -3.15 -5.83
N SER D 197 -42.51 -3.05 -6.28
CA SER D 197 -43.62 -2.70 -5.42
C SER D 197 -43.83 -3.69 -4.28
N SER D 198 -44.17 -4.94 -4.62
CA SER D 198 -44.52 -5.91 -3.60
C SER D 198 -43.35 -6.28 -2.71
N GLU D 199 -42.12 -5.92 -3.10
CA GLU D 199 -40.99 -6.16 -2.23
C GLU D 199 -40.75 -4.99 -1.27
N ARG D 200 -40.91 -3.76 -1.75
CA ARG D 200 -40.56 -2.61 -0.94
C ARG D 200 -41.75 -1.96 -0.23
N ARG D 201 -42.81 -1.56 -0.93
CA ARG D 201 -43.75 -0.74 -0.19
C ARG D 201 -44.79 -1.60 0.52
N LYS D 202 -44.80 -2.91 0.33
CA LYS D 202 -45.53 -3.76 1.27
C LYS D 202 -44.87 -3.75 2.64
N THR D 203 -43.56 -4.01 2.68
CA THR D 203 -42.88 -4.02 3.96
C THR D 203 -42.70 -2.61 4.53
N ARG D 204 -42.93 -1.58 3.71
CA ARG D 204 -43.00 -0.24 4.28
C ARG D 204 -44.41 0.10 4.76
N PHE D 205 -45.43 -0.32 4.01
CA PHE D 205 -46.82 -0.08 4.40
C PHE D 205 -47.15 -0.78 5.70
N GLY D 206 -46.46 -1.89 5.98
CA GLY D 206 -46.59 -2.50 7.29
C GLY D 206 -46.33 -1.48 8.39
N ARG D 207 -45.06 -1.07 8.56
CA ARG D 207 -44.69 -0.06 9.53
C ARG D 207 -43.55 0.77 8.97
N LEU D 208 -43.48 2.04 9.39
CA LEU D 208 -42.48 2.95 8.85
C LEU D 208 -41.06 2.54 9.25
N ILE D 209 -40.90 2.09 10.49
CA ILE D 209 -39.58 1.63 10.93
C ILE D 209 -39.16 0.40 10.13
N ASP D 210 -40.13 -0.39 9.67
CA ASP D 210 -39.83 -1.47 8.72
C ASP D 210 -39.32 -0.91 7.40
N GLY D 211 -39.96 0.15 6.89
CA GLY D 211 -39.50 0.76 5.65
C GLY D 211 -38.10 1.29 5.76
N THR D 212 -37.74 1.87 6.90
CA THR D 212 -36.36 2.25 7.13
C THR D 212 -35.46 1.04 7.33
N GLU D 213 -36.03 -0.07 7.83
CA GLU D 213 -35.28 -1.31 7.94
C GLU D 213 -34.89 -1.84 6.57
N TYR D 214 -35.69 -1.53 5.54
CA TYR D 214 -35.31 -1.96 4.20
C TYR D 214 -33.97 -1.35 3.80
N GLY D 215 -33.96 -0.03 3.57
CA GLY D 215 -32.72 0.74 3.53
C GLY D 215 -31.60 0.18 2.66
N GLU D 216 -30.43 0.05 3.28
CA GLU D 216 -29.11 -0.20 2.69
C GLU D 216 -28.63 0.97 1.84
N MET D 217 -29.48 1.96 1.61
CA MET D 217 -29.19 3.21 0.90
C MET D 217 -28.64 2.99 -0.51
N SER D 218 -28.69 1.78 -1.06
CA SER D 218 -28.11 1.49 -2.36
C SER D 218 -29.14 1.05 -3.39
N LEU D 219 -30.34 0.67 -2.96
CA LEU D 219 -31.38 0.28 -3.92
C LEU D 219 -31.84 1.47 -4.75
N ASP D 220 -31.63 2.69 -4.24
CA ASP D 220 -32.10 3.87 -4.95
C ASP D 220 -31.28 4.15 -6.21
N ASN D 221 -30.00 3.80 -6.20
CA ASN D 221 -29.16 4.04 -7.36
C ASN D 221 -29.58 3.18 -8.55
N GLN D 222 -29.91 1.91 -8.29
CA GLN D 222 -30.21 1.00 -9.39
C GLN D 222 -31.59 1.25 -9.97
N PHE D 223 -32.55 1.67 -9.13
CA PHE D 223 -33.92 1.79 -9.57
C PHE D 223 -34.08 2.84 -10.67
N ILE D 224 -33.39 3.98 -10.53
CA ILE D 224 -33.51 5.04 -11.52
C ILE D 224 -32.94 4.58 -12.85
N GLY D 225 -33.48 5.14 -13.93
CA GLY D 225 -32.99 4.81 -15.27
C GLY D 225 -32.72 6.04 -16.11
N ASP D 226 -31.69 5.97 -16.95
CA ASP D 226 -31.29 7.09 -17.79
C ASP D 226 -31.02 6.59 -19.20
N SER D 227 -31.18 7.50 -20.17
CA SER D 227 -30.95 7.20 -21.58
C SER D 227 -29.65 7.87 -22.02
N GLN D 228 -28.78 7.09 -22.65
CA GLN D 228 -27.46 7.60 -23.01
C GLN D 228 -27.52 8.44 -24.29
N VAL D 229 -28.65 8.43 -25.00
CA VAL D 229 -28.74 9.14 -26.27
C VAL D 229 -28.62 10.63 -26.02
N PHE D 230 -27.71 11.28 -26.76
CA PHE D 230 -27.45 12.70 -26.63
C PHE D 230 -27.91 13.50 -27.83
N ILE D 231 -27.46 13.13 -29.03
CA ILE D 231 -27.94 13.73 -30.26
C ILE D 231 -28.50 12.62 -31.14
N GLU D 232 -28.99 13.02 -32.31
CA GLU D 232 -29.61 12.08 -33.22
C GLU D 232 -28.59 11.10 -33.78
N LYS D 233 -29.07 9.91 -34.14
CA LYS D 233 -28.27 8.89 -34.79
C LYS D 233 -28.91 8.57 -36.14
N ARG D 234 -28.21 8.87 -37.23
CA ARG D 234 -28.78 8.73 -38.56
C ARG D 234 -27.70 8.32 -39.55
N SER D 235 -28.15 7.94 -40.75
CA SER D 235 -27.28 7.61 -41.87
C SER D 235 -27.69 8.45 -43.07
N LYS D 236 -26.70 8.97 -43.79
CA LYS D 236 -26.95 9.92 -44.87
C LYS D 236 -26.46 9.34 -46.19
N ASP D 237 -27.10 9.75 -47.27
CA ASP D 237 -26.86 9.21 -48.61
C ASP D 237 -25.73 9.91 -49.34
N SER D 238 -25.04 10.85 -48.71
CA SER D 238 -23.94 11.53 -49.36
C SER D 238 -22.62 10.78 -49.12
N LYS D 239 -21.74 10.83 -50.11
CA LYS D 239 -20.55 10.00 -50.12
C LYS D 239 -19.55 10.47 -49.06
N PHE D 240 -18.54 9.63 -48.83
CA PHE D 240 -17.55 9.83 -47.78
C PHE D 240 -16.25 10.36 -48.34
N VAL D 241 -15.37 10.80 -47.44
CA VAL D 241 -14.11 11.37 -47.86
C VAL D 241 -12.92 10.70 -47.16
N PHE D 242 -12.99 10.58 -45.82
CA PHE D 242 -11.88 10.04 -45.04
C PHE D 242 -12.36 8.86 -44.20
N SER D 243 -11.41 8.07 -43.70
CA SER D 243 -11.74 6.92 -42.86
C SER D 243 -10.59 6.65 -41.90
N ILE D 244 -10.93 6.01 -40.77
CA ILE D 244 -9.99 5.77 -39.67
C ILE D 244 -10.21 4.37 -39.12
N VAL D 245 -9.22 3.89 -38.35
CA VAL D 245 -9.31 2.61 -37.67
C VAL D 245 -8.78 2.78 -36.26
N TYR D 246 -9.56 2.37 -35.26
CA TYR D 246 -9.27 2.59 -33.86
C TYR D 246 -9.45 1.30 -33.08
N ASN D 247 -8.45 0.96 -32.27
CA ASN D 247 -8.42 -0.21 -31.39
C ASN D 247 -9.05 -1.44 -32.02
N GLY D 248 -8.75 -1.67 -33.30
CA GLY D 248 -9.31 -2.80 -34.01
C GLY D 248 -10.72 -2.61 -34.49
N PHE D 249 -11.32 -1.45 -34.25
CA PHE D 249 -12.67 -1.15 -34.69
C PHE D 249 -12.59 -0.10 -35.80
N THR D 250 -13.09 -0.44 -36.98
CA THR D 250 -12.96 0.42 -38.14
C THR D 250 -14.00 1.53 -38.11
N LEU D 251 -13.86 2.50 -39.01
CA LEU D 251 -14.79 3.61 -39.09
C LEU D 251 -14.50 4.41 -40.36
N GLY D 252 -15.53 4.99 -40.93
CA GLY D 252 -15.34 5.87 -42.08
C GLY D 252 -16.24 7.08 -42.03
N VAL D 253 -15.67 8.28 -42.04
CA VAL D 253 -16.45 9.50 -41.91
C VAL D 253 -16.98 9.89 -43.28
N TRP D 254 -18.28 10.17 -43.35
CA TRP D 254 -18.94 10.61 -44.56
C TRP D 254 -19.30 12.08 -44.39
N VAL D 255 -19.47 12.77 -45.51
CA VAL D 255 -19.83 14.18 -45.49
C VAL D 255 -21.02 14.41 -46.41
N ASP D 256 -21.92 15.27 -45.97
CA ASP D 256 -23.04 15.74 -46.78
C ASP D 256 -22.92 17.26 -46.85
N VAL D 257 -22.52 17.76 -48.02
CA VAL D 257 -22.27 19.20 -48.15
C VAL D 257 -23.57 19.97 -47.97
N ASN D 258 -24.69 19.41 -48.42
CA ASN D 258 -25.98 20.01 -48.10
C ASN D 258 -26.15 20.06 -46.59
N GLN D 259 -26.62 21.21 -46.10
CA GLN D 259 -26.82 21.49 -44.67
C GLN D 259 -25.57 21.22 -43.84
N GLY D 260 -24.42 21.09 -44.50
CA GLY D 260 -23.12 21.04 -43.84
C GLY D 260 -22.95 19.97 -42.77
N LEU D 261 -23.38 18.75 -43.05
CA LEU D 261 -23.39 17.69 -42.06
C LEU D 261 -22.24 16.71 -42.29
N MET D 262 -21.87 16.01 -41.22
CA MET D 262 -20.95 14.89 -41.32
C MET D 262 -21.55 13.70 -40.58
N TYR D 263 -21.35 12.51 -41.14
CA TYR D 263 -21.89 11.27 -40.62
C TYR D 263 -20.74 10.32 -40.28
N ILE D 264 -21.01 9.41 -39.33
CA ILE D 264 -19.95 8.56 -38.81
C ILE D 264 -20.30 7.10 -39.04
N ASP D 265 -20.95 6.81 -40.16
CA ASP D 265 -21.30 5.44 -40.52
C ASP D 265 -20.08 4.54 -40.49
N THR D 266 -20.23 3.37 -39.86
CA THR D 266 -19.12 2.42 -39.79
C THR D 266 -18.83 1.81 -41.16
N ALA D 267 -19.86 1.63 -41.98
CA ALA D 267 -19.65 1.08 -43.32
C ALA D 267 -18.76 2.00 -44.13
N HIS D 268 -17.54 1.56 -44.40
CA HIS D 268 -16.55 2.37 -45.10
C HIS D 268 -15.99 1.59 -46.27
N ASP D 269 -15.85 2.27 -47.40
CA ASP D 269 -15.41 1.62 -48.63
C ASP D 269 -13.88 1.54 -48.66
N PRO D 270 -13.30 0.35 -48.70
CA PRO D 270 -11.85 0.25 -48.95
C PRO D 270 -11.53 0.73 -50.36
N SER D 271 -10.39 1.38 -50.49
CA SER D 271 -9.87 1.86 -51.77
C SER D 271 -8.41 2.22 -51.52
N THR D 272 -7.78 2.89 -52.48
CA THR D 272 -6.38 3.26 -52.30
C THR D 272 -6.20 4.17 -51.09
N LYS D 273 -7.22 4.96 -50.77
CA LYS D 273 -7.13 5.89 -49.65
C LYS D 273 -6.85 5.11 -48.38
N ASN D 274 -5.66 5.30 -47.82
CA ASN D 274 -5.30 4.60 -46.60
C ASN D 274 -5.79 5.38 -45.39
N VAL D 275 -6.28 4.64 -44.40
CA VAL D 275 -7.01 5.22 -43.29
C VAL D 275 -6.05 5.79 -42.25
N TYR D 276 -6.58 6.56 -41.32
CA TYR D 276 -5.78 7.04 -40.20
C TYR D 276 -5.61 5.93 -39.17
N THR D 277 -4.73 6.21 -38.21
CA THR D 277 -4.52 5.33 -37.06
C THR D 277 -3.94 6.18 -35.95
N LEU D 278 -4.07 5.69 -34.71
CA LEU D 278 -3.62 6.44 -33.55
C LEU D 278 -2.60 5.72 -32.68
N THR D 279 -2.49 4.40 -32.77
CA THR D 279 -1.55 3.65 -31.95
C THR D 279 -0.77 2.67 -32.80
N THR D 280 0.42 2.31 -32.30
CA THR D 280 1.36 1.53 -33.10
C THR D 280 0.88 0.10 -33.33
N ASP D 281 0.23 -0.49 -32.32
CA ASP D 281 -0.26 -1.86 -32.45
C ASP D 281 -1.28 -1.96 -33.60
N ASP D 282 -2.18 -0.98 -33.69
CA ASP D 282 -3.19 -0.95 -34.74
C ASP D 282 -2.59 -0.78 -36.13
N LEU D 283 -1.37 -0.25 -36.23
CA LEU D 283 -0.74 0.04 -37.51
C LEU D 283 -0.37 -1.25 -38.25
N ASN D 284 -0.19 -1.12 -39.57
CA ASN D 284 0.13 -2.25 -40.43
C ASN D 284 1.03 -1.76 -41.56
N GLU D 285 1.15 -2.56 -42.62
CA GLU D 285 2.06 -2.29 -43.72
C GLU D 285 1.47 -1.41 -44.80
N ASN D 286 0.23 -0.97 -44.65
CA ASN D 286 -0.42 -0.18 -45.70
C ASN D 286 -1.00 1.12 -45.18
N MET D 287 -1.45 1.15 -43.93
CA MET D 287 -2.19 2.29 -43.42
C MET D 287 -1.24 3.43 -43.02
N MET D 288 -1.83 4.58 -42.78
CA MET D 288 -1.11 5.80 -42.41
C MET D 288 -1.48 6.16 -40.98
N LEU D 289 -0.49 6.56 -40.18
CA LEU D 289 -0.72 6.97 -38.81
C LEU D 289 -0.27 8.41 -38.63
N ILE D 290 -0.97 9.13 -37.75
CA ILE D 290 -0.77 10.56 -37.56
C ILE D 290 -0.64 10.84 -36.07
N THR D 291 0.05 11.93 -35.73
CA THR D 291 0.07 12.40 -34.35
C THR D 291 -1.17 13.20 -34.05
N ASN D 292 -1.40 13.44 -32.75
CA ASN D 292 -2.67 14.03 -32.32
C ASN D 292 -2.83 15.46 -32.82
N TYR D 293 -1.75 16.24 -32.84
CA TYR D 293 -1.86 17.64 -33.26
C TYR D 293 -2.20 17.75 -34.74
N LYS D 294 -1.48 17.01 -35.58
CA LYS D 294 -1.75 17.06 -37.01
C LYS D 294 -3.10 16.45 -37.37
N ASN D 295 -3.75 15.76 -36.43
CA ASN D 295 -5.09 15.25 -36.66
C ASN D 295 -6.07 16.40 -36.93
N ASN D 296 -5.99 17.46 -36.12
CA ASN D 296 -6.86 18.62 -36.34
C ASN D 296 -6.55 19.31 -37.67
N TYR D 297 -5.26 19.42 -38.00
CA TYR D 297 -4.88 20.06 -39.25
C TYR D 297 -5.23 19.21 -40.47
N HIS D 298 -5.54 17.93 -40.27
CA HIS D 298 -6.23 17.17 -41.30
C HIS D 298 -7.73 17.42 -41.28
N LEU D 299 -8.38 17.14 -40.15
CA LEU D 299 -9.83 17.25 -40.06
C LEU D 299 -10.20 18.40 -39.14
N ARG D 300 -10.01 19.61 -39.67
CA ARG D 300 -10.57 20.80 -39.06
C ARG D 300 -12.08 20.71 -38.95
N LYS D 301 -12.75 20.09 -39.93
CA LYS D 301 -14.19 19.97 -39.85
C LYS D 301 -14.60 19.02 -38.72
N LEU D 302 -13.82 17.96 -38.51
CA LEU D 302 -14.02 17.12 -37.33
C LEU D 302 -13.80 17.92 -36.05
N ALA D 303 -12.76 18.73 -36.02
CA ALA D 303 -12.52 19.58 -34.85
C ALA D 303 -13.72 20.47 -34.55
N SER D 304 -14.22 21.17 -35.57
CA SER D 304 -15.34 22.07 -35.39
C SER D 304 -16.60 21.32 -34.99
N ALA D 305 -16.86 20.16 -35.62
CA ALA D 305 -18.00 19.35 -35.26
C ALA D 305 -17.89 18.77 -33.87
N PHE D 306 -16.68 18.68 -33.33
CA PHE D 306 -16.54 18.36 -31.93
C PHE D 306 -16.73 19.58 -31.04
N MET D 307 -16.46 20.78 -31.57
CA MET D 307 -16.66 21.99 -30.80
C MET D 307 -18.15 22.26 -30.57
N ASN D 308 -18.88 22.48 -31.66
CA ASN D 308 -20.33 22.65 -31.61
C ASN D 308 -20.99 21.30 -31.88
N GLY D 309 -22.28 21.29 -32.19
CA GLY D 309 -22.99 20.05 -32.43
C GLY D 309 -23.17 19.67 -33.89
N TYR D 310 -22.16 19.91 -34.73
CA TYR D 310 -22.29 19.58 -36.15
C TYR D 310 -22.31 18.08 -36.39
N LEU D 311 -21.37 17.34 -35.79
CA LEU D 311 -21.20 15.92 -36.07
C LEU D 311 -22.44 15.14 -35.67
N ARG D 312 -22.74 14.10 -36.43
CA ARG D 312 -23.86 13.20 -36.17
C ARG D 312 -23.35 11.80 -35.87
N PHE D 313 -24.28 10.86 -35.67
CA PHE D 313 -23.94 9.49 -35.38
C PHE D 313 -24.86 8.55 -36.13
N ASP D 314 -24.50 7.26 -36.10
CA ASP D 314 -25.29 6.20 -36.72
C ASP D 314 -25.81 5.18 -35.72
N ASN D 315 -25.26 5.16 -34.51
CA ASN D 315 -25.66 4.22 -33.48
C ASN D 315 -25.26 4.80 -32.13
N GLN D 316 -26.02 4.46 -31.09
CA GLN D 316 -25.71 5.00 -29.77
C GLN D 316 -24.47 4.36 -29.17
N VAL D 317 -24.01 3.24 -29.73
CA VAL D 317 -22.76 2.64 -29.25
C VAL D 317 -21.56 3.30 -29.91
N ILE D 318 -21.75 3.81 -31.14
CA ILE D 318 -20.65 4.46 -31.86
C ILE D 318 -20.15 5.66 -31.10
N ARG D 319 -21.06 6.36 -30.40
CA ARG D 319 -20.68 7.54 -29.64
C ARG D 319 -19.62 7.21 -28.60
N ASN D 320 -19.55 5.96 -28.14
CA ASN D 320 -18.49 5.55 -27.23
C ASN D 320 -17.12 5.61 -27.91
N ILE D 321 -17.01 4.97 -29.08
CA ILE D 321 -15.73 4.96 -29.78
C ILE D 321 -15.34 6.38 -30.16
N ALA D 322 -16.31 7.18 -30.57
CA ALA D 322 -16.03 8.57 -30.94
C ALA D 322 -15.52 9.37 -29.73
N TYR D 323 -16.20 9.24 -28.59
CA TYR D 323 -15.73 9.93 -27.39
C TYR D 323 -14.31 9.53 -27.05
N GLU D 324 -14.02 8.22 -27.03
CA GLU D 324 -12.69 7.79 -26.62
C GLU D 324 -11.63 8.29 -27.58
N LEU D 325 -11.88 8.17 -28.89
CA LEU D 325 -10.89 8.63 -29.85
C LEU D 325 -10.72 10.14 -29.79
N PHE D 326 -11.78 10.88 -29.43
CA PHE D 326 -11.61 12.30 -29.14
C PHE D 326 -10.66 12.50 -27.98
N ARG D 327 -10.79 11.69 -26.94
CA ARG D 327 -9.90 11.83 -25.79
C ARG D 327 -8.46 11.45 -26.16
N LYS D 328 -8.28 10.55 -27.12
CA LYS D 328 -6.94 10.27 -27.61
C LYS D 328 -6.35 11.48 -28.32
N MET D 329 -7.18 12.25 -29.03
CA MET D 329 -6.72 13.51 -29.59
C MET D 329 -6.17 14.42 -28.51
N ARG D 330 -6.77 14.38 -27.32
CA ARG D 330 -6.38 15.24 -26.20
C ARG D 330 -6.50 16.72 -26.56
N SER E 4 -34.74 13.02 43.85
CA SER E 4 -33.68 12.02 43.80
C SER E 4 -32.60 12.42 42.79
N LEU E 5 -32.19 11.45 41.97
CA LEU E 5 -31.22 11.71 40.93
C LEU E 5 -31.79 12.69 39.91
N PHE E 6 -30.92 13.54 39.35
CA PHE E 6 -31.36 14.52 38.38
C PHE E 6 -31.96 13.88 37.14
N TYR E 7 -31.29 12.84 36.62
CA TYR E 7 -31.62 12.27 35.33
C TYR E 7 -32.17 10.86 35.49
N ASN E 8 -33.35 10.61 34.94
CA ASN E 8 -33.92 9.28 34.88
C ASN E 8 -34.36 8.99 33.45
N PRO E 9 -34.02 7.82 32.92
CA PRO E 9 -34.31 7.52 31.51
C PRO E 9 -35.79 7.30 31.24
N GLN E 10 -36.64 7.61 32.23
CA GLN E 10 -38.08 7.42 32.05
C GLN E 10 -38.61 8.28 30.92
N LYS E 11 -38.12 9.52 30.78
CA LYS E 11 -38.59 10.39 29.71
C LYS E 11 -38.26 9.80 28.35
N MET E 12 -36.99 9.46 28.14
CA MET E 12 -36.55 8.92 26.85
C MET E 12 -37.10 7.54 26.56
N LEU E 13 -37.55 6.81 27.59
CA LEU E 13 -38.25 5.55 27.36
C LEU E 13 -39.70 5.79 26.97
N SER E 14 -40.41 6.64 27.72
CA SER E 14 -41.80 6.93 27.47
C SER E 14 -42.02 7.75 26.21
N TYR E 15 -40.95 8.27 25.60
CA TYR E 15 -41.10 8.96 24.33
C TYR E 15 -41.61 8.05 23.21
N ASP E 16 -41.70 6.74 23.43
CA ASP E 16 -42.20 5.74 22.49
C ASP E 16 -41.34 5.64 21.24
N ARG E 17 -40.28 6.44 21.13
CA ARG E 17 -39.45 6.42 19.94
C ARG E 17 -38.63 5.13 19.90
N ILE E 18 -38.61 4.49 18.73
CA ILE E 18 -37.89 3.23 18.58
C ILE E 18 -36.42 3.42 18.86
N LEU E 19 -35.83 4.50 18.36
CA LEU E 19 -34.41 4.78 18.52
C LEU E 19 -34.24 5.98 19.43
N ASN E 20 -33.50 5.80 20.53
CA ASN E 20 -33.15 6.86 21.46
C ASN E 20 -31.66 6.77 21.74
N PHE E 21 -31.00 7.92 21.82
CA PHE E 21 -29.54 7.97 21.95
C PHE E 21 -29.16 8.89 23.10
N VAL E 22 -28.77 8.29 24.23
CA VAL E 22 -28.32 9.07 25.41
C VAL E 22 -26.80 9.20 25.28
N ILE E 23 -26.39 10.20 24.50
CA ILE E 23 -25.00 10.36 24.09
C ILE E 23 -24.52 11.76 24.46
N GLY E 24 -23.36 11.85 25.10
CA GLY E 24 -22.73 13.14 25.34
C GLY E 24 -22.44 13.49 26.78
N ALA E 25 -22.22 12.49 27.64
CA ALA E 25 -21.98 12.77 29.05
C ALA E 25 -21.11 11.67 29.64
N ARG E 26 -20.96 11.72 30.96
CA ARG E 26 -20.01 10.83 31.65
C ARG E 26 -20.59 9.44 31.86
N GLY E 27 -21.88 9.35 32.14
CA GLY E 27 -22.52 8.08 32.44
C GLY E 27 -22.40 7.61 33.86
N ILE E 28 -21.89 8.44 34.78
CA ILE E 28 -21.77 8.05 36.17
C ILE E 28 -23.14 7.75 36.76
N GLY E 29 -24.09 8.64 36.55
CA GLY E 29 -25.46 8.42 37.00
C GLY E 29 -26.32 7.78 35.93
N LYS E 30 -26.02 8.08 34.67
CA LYS E 30 -26.84 7.58 33.57
C LYS E 30 -26.79 6.05 33.49
N SER E 31 -25.58 5.48 33.46
CA SER E 31 -25.43 4.05 33.28
C SER E 31 -26.08 3.27 34.41
N TYR E 32 -25.87 3.73 35.65
CA TYR E 32 -26.58 3.12 36.78
C TYR E 32 -28.08 3.28 36.62
N ALA E 33 -28.52 4.44 36.13
CA ALA E 33 -29.95 4.72 36.00
C ALA E 33 -30.63 3.71 35.07
N MET E 34 -30.08 3.48 33.88
CA MET E 34 -30.74 2.53 32.99
C MET E 34 -30.15 1.13 33.05
N LYS E 35 -29.29 0.86 34.03
CA LYS E 35 -28.91 -0.52 34.33
C LYS E 35 -29.63 -1.07 35.55
N VAL E 36 -30.21 -0.21 36.38
CA VAL E 36 -30.97 -0.69 37.53
C VAL E 36 -32.40 -1.07 37.16
N TYR E 37 -32.92 -0.57 36.04
CA TYR E 37 -34.28 -0.86 35.61
C TYR E 37 -34.45 -2.20 34.89
N PRO E 38 -33.62 -2.54 33.89
CA PRO E 38 -33.91 -3.73 33.08
C PRO E 38 -34.03 -5.04 33.87
N ILE E 39 -33.19 -5.26 34.89
CA ILE E 39 -33.34 -6.46 35.69
C ILE E 39 -34.68 -6.43 36.41
N ASN E 40 -35.11 -5.23 36.83
CA ASN E 40 -36.41 -5.09 37.49
C ASN E 40 -37.55 -5.39 36.52
N ARG E 41 -37.44 -4.94 35.26
CA ARG E 41 -38.48 -5.25 34.29
C ARG E 41 -38.53 -6.75 34.01
N PHE E 42 -37.37 -7.41 34.02
CA PHE E 42 -37.36 -8.87 33.92
C PHE E 42 -38.12 -9.51 35.07
N ILE E 43 -37.79 -9.11 36.30
CA ILE E 43 -38.42 -9.72 37.47
C ILE E 43 -39.92 -9.46 37.47
N LYS E 44 -40.34 -8.27 37.03
CA LYS E 44 -41.75 -7.93 37.04
C LYS E 44 -42.52 -8.70 35.97
N TYR E 45 -42.15 -8.51 34.70
CA TYR E 45 -42.94 -9.08 33.60
C TYR E 45 -42.13 -10.02 32.73
N GLY E 46 -41.17 -10.75 33.31
CA GLY E 46 -40.39 -11.70 32.54
C GLY E 46 -39.67 -11.08 31.36
N GLU E 47 -39.42 -9.77 31.41
CA GLU E 47 -38.98 -9.02 30.24
C GLU E 47 -37.47 -9.18 30.09
N GLN E 48 -37.06 -10.00 29.12
CA GLN E 48 -35.66 -10.26 28.87
C GLN E 48 -34.94 -9.00 28.42
N PHE E 49 -33.62 -8.97 28.61
CA PHE E 49 -32.83 -7.78 28.30
C PHE E 49 -31.44 -8.12 27.79
N ILE E 50 -30.96 -7.29 26.86
CA ILE E 50 -29.66 -7.46 26.23
C ILE E 50 -28.84 -6.20 26.44
N TYR E 51 -27.59 -6.37 26.87
CA TYR E 51 -26.60 -5.31 26.80
C TYR E 51 -25.54 -5.68 25.78
N VAL E 52 -25.08 -4.69 25.03
CA VAL E 52 -24.06 -4.89 24.02
C VAL E 52 -22.80 -4.19 24.49
N ARG E 53 -21.74 -4.95 24.67
CA ARG E 53 -20.43 -4.34 24.84
C ARG E 53 -19.81 -4.15 23.46
N ARG E 54 -18.83 -3.25 23.39
CA ARG E 54 -18.30 -2.85 22.09
C ARG E 54 -17.61 -4.01 21.37
N TYR E 55 -17.03 -4.95 22.11
CA TYR E 55 -16.18 -5.96 21.48
C TYR E 55 -15.97 -7.07 22.50
N LYS E 56 -15.23 -8.10 22.10
CA LYS E 56 -15.09 -9.29 22.95
C LYS E 56 -14.44 -9.02 24.30
N PRO E 57 -13.27 -8.37 24.40
CA PRO E 57 -12.60 -8.29 25.70
C PRO E 57 -13.41 -7.58 26.77
N GLU E 58 -14.45 -6.84 26.38
CA GLU E 58 -15.28 -6.14 27.34
C GLU E 58 -16.23 -7.06 28.09
N LEU E 59 -16.30 -8.34 27.72
CA LEU E 59 -17.15 -9.26 28.45
C LEU E 59 -16.70 -9.42 29.90
N ALA E 60 -15.40 -9.32 30.16
CA ALA E 60 -14.90 -9.41 31.53
C ALA E 60 -15.20 -8.17 32.35
N LYS E 61 -15.60 -7.07 31.72
CA LYS E 61 -15.89 -5.83 32.43
C LYS E 61 -17.36 -5.64 32.75
N VAL E 62 -18.23 -6.60 32.38
CA VAL E 62 -19.67 -6.45 32.61
C VAL E 62 -20.15 -7.29 33.79
N SER E 63 -19.36 -8.24 34.26
CA SER E 63 -19.75 -9.07 35.40
C SER E 63 -19.76 -8.30 36.71
N ASN E 64 -19.25 -7.07 36.72
CA ASN E 64 -19.06 -6.34 37.98
C ASN E 64 -20.39 -5.88 38.57
N TYR E 65 -21.26 -5.30 37.76
CA TYR E 65 -22.35 -4.48 38.32
C TYR E 65 -23.33 -5.29 39.15
N PHE E 66 -23.56 -6.55 38.81
CA PHE E 66 -24.50 -7.37 39.58
C PHE E 66 -24.13 -7.44 41.06
N ASN E 67 -22.84 -7.37 41.38
CA ASN E 67 -22.45 -7.37 42.77
C ASN E 67 -22.79 -6.05 43.45
N ASP E 68 -22.42 -4.93 42.83
CA ASP E 68 -22.61 -3.62 43.45
C ASP E 68 -24.08 -3.24 43.53
N VAL E 69 -24.95 -3.87 42.73
CA VAL E 69 -26.37 -3.57 42.77
C VAL E 69 -27.03 -4.40 43.86
N ALA E 70 -26.21 -5.03 44.71
CA ALA E 70 -26.74 -5.87 45.77
C ALA E 70 -27.82 -5.15 46.58
N GLN E 71 -27.55 -3.91 46.98
CA GLN E 71 -28.50 -3.15 47.79
C GLN E 71 -29.87 -3.06 47.13
N GLU E 72 -29.92 -2.98 45.79
CA GLU E 72 -31.19 -2.89 45.10
C GLU E 72 -31.87 -4.25 44.93
N PHE E 73 -31.12 -5.35 44.93
CA PHE E 73 -31.66 -6.66 44.58
C PHE E 73 -31.35 -7.65 45.71
N PRO E 74 -32.04 -7.52 46.84
CA PRO E 74 -31.75 -8.39 47.99
C PRO E 74 -32.32 -9.80 47.87
N ASP E 75 -33.55 -9.91 47.38
CA ASP E 75 -34.33 -11.14 47.52
C ASP E 75 -34.26 -12.04 46.30
N HIS E 76 -33.41 -11.71 45.34
CA HIS E 76 -33.23 -12.54 44.14
C HIS E 76 -31.77 -12.95 44.06
N GLU E 77 -31.53 -14.23 43.79
CA GLU E 77 -30.15 -14.70 43.67
C GLU E 77 -29.51 -14.12 42.41
N LEU E 78 -28.37 -13.45 42.60
CA LEU E 78 -27.68 -12.77 41.52
C LEU E 78 -26.48 -13.59 41.10
N VAL E 79 -26.42 -13.96 39.82
CA VAL E 79 -25.29 -14.68 39.26
C VAL E 79 -24.98 -14.11 37.89
N VAL E 80 -23.70 -13.91 37.59
CA VAL E 80 -23.26 -13.52 36.27
C VAL E 80 -22.20 -14.49 35.80
N LYS E 81 -22.41 -15.09 34.63
CA LYS E 81 -21.52 -16.11 34.08
C LYS E 81 -21.19 -15.73 32.65
N GLY E 82 -20.19 -14.87 32.48
CA GLY E 82 -19.84 -14.39 31.15
C GLY E 82 -20.98 -13.62 30.52
N ARG E 83 -21.64 -14.26 29.56
CA ARG E 83 -22.81 -13.68 28.91
C ARG E 83 -24.11 -13.93 29.69
N ARG E 84 -24.17 -14.99 30.48
CA ARG E 84 -25.42 -15.36 31.15
C ARG E 84 -25.68 -14.47 32.37
N PHE E 85 -26.92 -14.00 32.47
CA PHE E 85 -27.41 -13.25 33.63
C PHE E 85 -28.46 -14.10 34.33
N TYR E 86 -28.17 -14.53 35.56
CA TYR E 86 -29.04 -15.43 36.29
C TYR E 86 -29.67 -14.67 37.45
N ILE E 87 -30.99 -14.53 37.40
CA ILE E 87 -31.81 -14.05 38.49
C ILE E 87 -32.93 -15.05 38.69
N ASP E 88 -33.26 -15.35 39.96
CA ASP E 88 -34.11 -16.48 40.32
C ASP E 88 -33.51 -17.80 39.82
N GLY E 89 -32.19 -17.83 39.65
CA GLY E 89 -31.56 -18.97 38.99
C GLY E 89 -32.08 -19.18 37.60
N LYS E 90 -32.29 -18.10 36.85
CA LYS E 90 -32.94 -18.17 35.56
C LYS E 90 -32.32 -17.12 34.64
N LEU E 91 -32.40 -17.39 33.34
CA LEU E 91 -31.82 -16.48 32.36
C LEU E 91 -32.67 -15.23 32.22
N ALA E 92 -32.03 -14.06 32.31
CA ALA E 92 -32.75 -12.79 32.26
C ALA E 92 -32.16 -11.85 31.23
N GLY E 93 -30.84 -11.86 31.11
CA GLY E 93 -30.16 -10.93 30.22
C GLY E 93 -28.95 -11.55 29.58
N TRP E 94 -28.51 -10.91 28.50
CA TRP E 94 -27.36 -11.39 27.74
C TRP E 94 -26.50 -10.22 27.28
N ALA E 95 -25.18 -10.39 27.35
CA ALA E 95 -24.22 -9.39 26.95
C ALA E 95 -23.47 -9.87 25.70
N ILE E 96 -23.40 -9.02 24.68
CA ILE E 96 -22.91 -9.47 23.38
C ILE E 96 -21.80 -8.57 22.85
N PRO E 97 -20.76 -9.13 22.22
CA PRO E 97 -19.78 -8.33 21.48
C PRO E 97 -20.19 -8.14 20.02
N LEU E 98 -19.72 -7.03 19.43
CA LEU E 98 -20.09 -6.72 18.06
C LEU E 98 -19.41 -7.65 17.07
N SER E 99 -18.10 -7.85 17.22
CA SER E 99 -17.39 -8.72 16.29
C SER E 99 -17.65 -10.19 16.55
N VAL E 100 -17.83 -10.56 17.82
CA VAL E 100 -18.17 -11.94 18.19
C VAL E 100 -19.68 -12.04 18.08
N TRP E 101 -20.16 -12.37 16.89
CA TRP E 101 -21.59 -12.38 16.62
C TRP E 101 -22.08 -13.73 16.12
N GLN E 102 -21.20 -14.49 15.47
CA GLN E 102 -21.62 -15.73 14.83
C GLN E 102 -22.30 -16.66 15.82
N SER E 103 -21.65 -16.94 16.95
CA SER E 103 -22.21 -17.86 17.93
C SER E 103 -23.54 -17.34 18.51
N GLU E 104 -23.77 -16.03 18.44
CA GLU E 104 -25.00 -15.46 18.96
C GLU E 104 -26.15 -15.50 17.97
N LYS E 105 -25.91 -15.86 16.71
CA LYS E 105 -27.00 -15.88 15.74
C LYS E 105 -28.01 -16.98 16.07
N SER E 106 -27.53 -18.17 16.42
CA SER E 106 -28.41 -19.26 16.85
C SER E 106 -28.68 -19.21 18.35
N ASN E 107 -28.13 -18.23 19.06
CA ASN E 107 -28.35 -18.10 20.49
C ASN E 107 -29.81 -17.78 20.79
N ALA E 108 -30.23 -18.13 22.01
CA ALA E 108 -31.63 -18.00 22.40
C ALA E 108 -31.89 -16.57 22.86
N TYR E 109 -32.63 -15.81 22.05
CA TYR E 109 -33.08 -14.47 22.41
C TYR E 109 -34.57 -14.37 22.13
N PRO E 110 -35.41 -15.00 22.96
CA PRO E 110 -36.84 -15.08 22.66
C PRO E 110 -37.50 -13.73 22.42
N ASN E 111 -37.44 -12.83 23.40
CA ASN E 111 -38.11 -11.53 23.26
C ASN E 111 -37.35 -10.51 24.08
N VAL E 112 -36.80 -9.50 23.42
CA VAL E 112 -36.14 -8.39 24.08
C VAL E 112 -36.53 -7.10 23.38
N SER E 113 -36.75 -6.03 24.17
CA SER E 113 -37.05 -4.72 23.64
C SER E 113 -35.96 -3.70 23.96
N THR E 114 -34.78 -4.15 24.36
CA THR E 114 -33.69 -3.23 24.69
C THR E 114 -32.37 -3.75 24.15
N ILE E 115 -31.66 -2.89 23.42
CA ILE E 115 -30.26 -3.11 23.07
C ILE E 115 -29.51 -1.78 23.24
N VAL E 116 -28.60 -1.73 24.21
CA VAL E 116 -27.87 -0.52 24.53
C VAL E 116 -26.40 -0.70 24.16
N PHE E 117 -25.86 0.24 23.41
CA PHE E 117 -24.43 0.29 23.09
C PHE E 117 -23.73 1.22 24.07
N ASP E 118 -22.69 0.73 24.72
CA ASP E 118 -21.84 1.56 25.56
C ASP E 118 -20.40 1.44 25.07
N GLU E 119 -19.67 2.57 25.09
CA GLU E 119 -18.35 2.66 24.47
C GLU E 119 -18.37 2.15 23.04
N PHE E 120 -19.36 2.60 22.27
CA PHE E 120 -19.50 2.13 20.90
C PHE E 120 -18.26 2.43 20.07
N ILE E 121 -17.65 3.60 20.29
CA ILE E 121 -16.40 3.96 19.63
C ILE E 121 -15.26 3.49 20.51
N ARG E 122 -14.29 2.81 19.90
CA ARG E 122 -13.09 2.43 20.63
C ARG E 122 -12.38 3.70 21.10
N GLU E 123 -12.42 3.97 22.39
CA GLU E 123 -12.00 5.27 22.90
C GLU E 123 -10.49 5.43 22.76
N LYS E 124 -10.08 6.36 21.90
CA LYS E 124 -8.69 6.75 21.70
C LYS E 124 -7.83 5.67 21.06
N ASP E 125 -8.41 4.85 20.19
CA ASP E 125 -7.62 4.06 19.27
C ASP E 125 -7.48 4.83 17.96
N ASN E 126 -6.70 4.28 17.02
CA ASN E 126 -6.50 4.97 15.76
C ASN E 126 -7.75 4.85 14.90
N SER E 127 -8.86 5.43 15.39
CA SER E 127 -10.16 5.32 14.74
C SER E 127 -10.50 3.87 14.44
N ASN E 128 -10.25 2.99 15.41
CA ASN E 128 -10.44 1.57 15.21
C ASN E 128 -11.87 1.28 14.80
N TYR E 129 -12.03 0.52 13.72
CA TYR E 129 -13.33 0.25 13.15
C TYR E 129 -13.68 -1.23 13.32
N ILE E 130 -14.88 -1.48 13.82
CA ILE E 130 -15.44 -2.82 13.91
C ILE E 130 -16.17 -3.11 12.60
N PRO E 131 -15.86 -4.19 11.90
CA PRO E 131 -16.31 -4.35 10.51
C PRO E 131 -17.81 -4.15 10.29
N ASN E 132 -18.16 -3.09 9.56
CA ASN E 132 -19.52 -2.85 9.08
C ASN E 132 -20.53 -2.89 10.23
N GLU E 133 -20.37 -1.89 11.10
CA GLU E 133 -21.17 -1.83 12.33
C GLU E 133 -22.66 -1.73 12.04
N VAL E 134 -23.06 -0.81 11.18
CA VAL E 134 -24.48 -0.55 10.95
C VAL E 134 -25.06 -1.45 9.85
N SER E 135 -24.28 -1.77 8.82
CA SER E 135 -24.72 -2.73 7.82
C SER E 135 -25.06 -4.06 8.49
N ALA E 136 -24.29 -4.43 9.52
CA ALA E 136 -24.67 -5.56 10.35
C ALA E 136 -25.84 -5.22 11.26
N LEU E 137 -25.81 -4.05 11.90
CA LEU E 137 -26.79 -3.73 12.93
C LEU E 137 -28.22 -3.74 12.41
N LEU E 138 -28.42 -3.46 11.11
CA LEU E 138 -29.77 -3.53 10.55
C LEU E 138 -30.35 -4.94 10.71
N ASN E 139 -29.61 -5.95 10.22
CA ASN E 139 -30.03 -7.33 10.39
C ASN E 139 -29.97 -7.75 11.86
N LEU E 140 -29.06 -7.16 12.64
CA LEU E 140 -29.01 -7.47 14.07
C LEU E 140 -30.32 -7.11 14.75
N MET E 141 -30.80 -5.89 14.54
CA MET E 141 -32.07 -5.47 15.12
C MET E 141 -33.22 -6.31 14.59
N ASP E 142 -33.28 -6.50 13.26
CA ASP E 142 -34.39 -7.28 12.73
C ASP E 142 -34.31 -8.76 13.09
N THR E 143 -33.17 -9.25 13.61
CA THR E 143 -32.98 -10.67 13.84
C THR E 143 -33.06 -11.05 15.31
N VAL E 144 -32.21 -10.47 16.16
CA VAL E 144 -32.20 -10.88 17.57
C VAL E 144 -33.48 -10.40 18.26
N PHE E 145 -34.03 -9.27 17.83
CA PHE E 145 -35.33 -8.85 18.32
C PHE E 145 -36.43 -9.57 17.54
N ARG E 146 -37.62 -9.61 18.14
CA ARG E 146 -38.71 -10.38 17.56
C ARG E 146 -39.40 -9.60 16.44
N ASN E 147 -39.71 -8.33 16.69
CA ASN E 147 -40.66 -7.62 15.83
C ASN E 147 -40.28 -6.14 15.80
N ARG E 148 -41.22 -5.30 15.40
CA ARG E 148 -41.07 -3.84 15.40
C ARG E 148 -41.86 -3.14 16.49
N GLU E 149 -42.99 -3.70 16.90
CA GLU E 149 -43.77 -3.11 17.98
C GLU E 149 -42.96 -3.11 19.28
N ARG E 150 -42.64 -1.92 19.79
CA ARG E 150 -41.92 -1.75 21.04
C ARG E 150 -40.55 -2.43 21.01
N VAL E 151 -39.68 -1.89 20.16
CA VAL E 151 -38.27 -2.24 20.14
C VAL E 151 -37.47 -0.98 20.44
N ARG E 152 -36.49 -1.10 21.34
CA ARG E 152 -35.70 0.04 21.81
C ARG E 152 -34.22 -0.21 21.51
N CYS E 153 -33.64 0.68 20.71
CA CYS E 153 -32.24 0.63 20.32
C CYS E 153 -31.57 1.89 20.85
N ILE E 154 -30.88 1.75 21.97
CA ILE E 154 -30.32 2.88 22.71
C ILE E 154 -28.80 2.80 22.67
N CYS E 155 -28.17 3.97 22.78
CA CYS E 155 -26.71 4.07 22.82
C CYS E 155 -26.32 5.08 23.88
N LEU E 156 -25.76 4.59 24.99
CA LEU E 156 -25.10 5.45 25.96
C LEU E 156 -23.70 5.80 25.49
N SER E 157 -23.24 7.00 25.87
CA SER E 157 -21.93 7.45 25.47
C SER E 157 -21.18 8.01 26.67
N ASN E 158 -19.86 7.84 26.64
CA ASN E 158 -18.93 8.56 27.50
C ASN E 158 -18.04 9.51 26.74
N ALA E 159 -17.71 9.18 25.48
CA ALA E 159 -16.90 10.06 24.66
C ALA E 159 -17.71 11.27 24.20
N VAL E 160 -17.05 12.41 24.12
CA VAL E 160 -17.69 13.65 23.63
C VAL E 160 -17.56 13.60 22.11
N SER E 161 -18.51 12.90 21.49
CA SER E 161 -18.45 12.60 20.06
C SER E 161 -19.34 13.57 19.31
N VAL E 162 -18.73 14.42 18.48
CA VAL E 162 -19.52 15.23 17.56
C VAL E 162 -20.19 14.34 16.52
N VAL E 163 -19.58 13.20 16.20
CA VAL E 163 -20.16 12.25 15.26
C VAL E 163 -19.49 10.90 15.49
N ASN E 164 -20.19 9.83 15.14
CA ASN E 164 -19.67 8.48 15.13
C ASN E 164 -20.03 7.82 13.81
N PRO E 165 -19.34 6.75 13.43
CA PRO E 165 -19.65 6.10 12.14
C PRO E 165 -21.10 5.67 12.01
N TYR E 166 -21.75 5.28 13.12
CA TYR E 166 -23.18 5.00 13.06
C TYR E 166 -23.95 6.24 12.60
N PHE E 167 -23.60 7.41 13.15
CA PHE E 167 -24.19 8.65 12.68
C PHE E 167 -23.84 8.88 11.21
N LEU E 168 -22.61 8.55 10.81
CA LEU E 168 -22.23 8.67 9.42
C LEU E 168 -23.19 7.89 8.53
N PHE E 169 -23.67 6.74 9.00
CA PHE E 169 -24.69 6.04 8.24
C PHE E 169 -26.03 6.76 8.31
N PHE E 170 -26.60 6.87 9.51
CA PHE E 170 -27.95 7.40 9.64
C PHE E 170 -28.05 8.86 9.23
N ASN E 171 -26.92 9.59 9.21
CA ASN E 171 -26.88 10.97 8.75
C ASN E 171 -27.78 11.87 9.60
N LEU E 172 -27.44 12.00 10.88
CA LEU E 172 -28.25 12.76 11.81
C LEU E 172 -27.83 14.23 11.82
N VAL E 173 -28.78 15.09 12.21
CA VAL E 173 -28.54 16.54 12.29
C VAL E 173 -29.03 17.08 13.64
N PRO E 174 -28.37 16.77 14.75
CA PRO E 174 -28.82 17.27 16.04
C PRO E 174 -28.42 18.73 16.24
N ASP E 175 -28.66 19.22 17.45
CA ASP E 175 -28.27 20.56 17.86
C ASP E 175 -27.85 20.55 19.32
N VAL E 176 -26.95 21.46 19.67
CA VAL E 176 -26.52 21.59 21.07
C VAL E 176 -27.67 22.10 21.93
N ASN E 177 -28.53 22.96 21.37
CA ASN E 177 -29.61 23.56 22.16
C ASN E 177 -30.63 22.52 22.60
N LYS E 178 -31.11 21.70 21.67
CA LYS E 178 -32.17 20.76 21.96
C LYS E 178 -31.62 19.58 22.76
N ARG E 179 -32.00 19.52 24.04
CA ARG E 179 -31.55 18.43 24.90
C ARG E 179 -32.00 17.08 24.36
N PHE E 180 -33.22 17.01 23.86
CA PHE E 180 -33.75 15.85 23.17
C PHE E 180 -33.92 16.20 21.70
N ASN E 181 -33.56 15.26 20.83
CA ASN E 181 -33.58 15.46 19.39
C ASN E 181 -34.42 14.33 18.79
N VAL E 182 -35.71 14.58 18.63
CA VAL E 182 -36.69 13.54 18.33
C VAL E 182 -37.07 13.63 16.86
N TYR E 183 -37.35 12.48 16.26
CA TYR E 183 -37.70 12.36 14.86
C TYR E 183 -38.81 11.34 14.74
N ASP E 184 -39.06 10.87 13.50
CA ASP E 184 -39.98 9.75 13.32
C ASP E 184 -39.47 8.50 14.03
N ASP E 185 -38.16 8.25 13.96
CA ASP E 185 -37.59 7.04 14.52
C ASP E 185 -36.55 7.31 15.60
N ALA E 186 -35.71 8.33 15.43
CA ALA E 186 -34.51 8.50 16.22
C ALA E 186 -34.68 9.59 17.28
N LEU E 187 -33.75 9.60 18.23
CA LEU E 187 -33.75 10.62 19.28
C LEU E 187 -32.35 10.68 19.88
N ILE E 188 -31.66 11.80 19.65
CA ILE E 188 -30.36 12.05 20.27
C ILE E 188 -30.56 12.84 21.55
N GLU E 189 -30.08 12.32 22.67
CA GLU E 189 -30.20 13.03 23.93
C GLU E 189 -28.82 13.37 24.46
N ILE E 190 -28.62 14.64 24.80
CA ILE E 190 -27.39 15.09 25.46
C ILE E 190 -27.65 15.13 26.96
N PRO E 191 -26.94 14.35 27.76
CA PRO E 191 -27.28 14.20 29.17
C PRO E 191 -26.62 15.25 30.06
N ASP E 192 -27.40 15.73 31.05
CA ASP E 192 -26.96 16.54 32.18
C ASP E 192 -25.80 17.48 31.85
N SER E 193 -25.95 18.25 30.77
CA SER E 193 -24.81 18.96 30.19
C SER E 193 -24.16 19.90 31.19
N LEU E 194 -24.94 20.71 31.89
CA LEU E 194 -24.36 21.63 32.87
C LEU E 194 -23.71 20.87 34.01
N ASP E 195 -24.47 19.98 34.66
CA ASP E 195 -23.96 19.28 35.83
C ASP E 195 -22.74 18.46 35.47
N PHE E 196 -22.78 17.75 34.34
CA PHE E 196 -21.60 17.11 33.77
C PHE E 196 -20.39 18.03 33.83
N SER E 197 -20.51 19.19 33.19
CA SER E 197 -19.42 20.16 33.23
C SER E 197 -19.06 20.49 34.68
N SER E 198 -20.06 20.80 35.49
CA SER E 198 -19.81 21.07 36.91
C SER E 198 -19.21 19.85 37.58
N GLU E 199 -19.74 18.66 37.29
CA GLU E 199 -19.20 17.46 37.91
C GLU E 199 -17.73 17.27 37.55
N ARG E 200 -17.29 17.83 36.42
CA ARG E 200 -15.87 17.73 36.09
C ARG E 200 -15.09 18.86 36.77
N ARG E 201 -15.68 20.04 36.85
CA ARG E 201 -15.03 21.17 37.51
C ARG E 201 -14.46 20.75 38.86
N LYS E 202 -15.30 20.14 39.69
CA LYS E 202 -14.91 19.82 41.07
C LYS E 202 -13.70 18.91 41.11
N THR E 203 -13.50 18.06 40.10
CA THR E 203 -12.38 17.13 40.22
C THR E 203 -11.05 17.87 40.10
N ARG E 204 -11.02 18.98 39.36
CA ARG E 204 -9.78 19.77 39.32
C ARG E 204 -9.52 20.44 40.66
N PHE E 205 -10.54 20.57 41.50
CA PHE E 205 -10.31 21.03 42.86
C PHE E 205 -9.67 19.94 43.72
N GLY E 206 -9.91 18.67 43.38
CA GLY E 206 -9.27 17.59 44.10
C GLY E 206 -7.82 17.36 43.69
N ARG E 207 -7.38 17.98 42.61
CA ARG E 207 -6.01 17.81 42.12
C ARG E 207 -5.70 18.98 41.20
N LEU E 208 -4.80 19.86 41.64
CA LEU E 208 -4.47 21.03 40.83
C LEU E 208 -3.72 20.65 39.56
N ILE E 209 -2.94 19.56 39.60
CA ILE E 209 -2.27 19.09 38.40
C ILE E 209 -3.30 18.66 37.37
N ASP E 210 -4.41 18.08 37.82
CA ASP E 210 -5.53 17.92 36.92
C ASP E 210 -6.09 19.26 36.48
N GLY E 211 -5.88 20.32 37.27
CA GLY E 211 -6.20 21.65 36.79
C GLY E 211 -5.34 22.05 35.60
N THR E 212 -4.05 21.73 35.66
CA THR E 212 -3.18 21.96 34.50
C THR E 212 -3.58 21.07 33.34
N GLU E 213 -4.01 19.85 33.63
CA GLU E 213 -4.48 18.93 32.59
C GLU E 213 -5.72 19.48 31.89
N TYR E 214 -6.64 20.05 32.66
CA TYR E 214 -7.81 20.70 32.07
C TYR E 214 -7.38 21.94 31.28
N GLY E 215 -6.38 22.67 31.77
CA GLY E 215 -5.84 23.78 31.02
C GLY E 215 -5.23 23.40 29.69
N GLU E 216 -4.90 22.14 29.50
CA GLU E 216 -4.44 21.67 28.19
C GLU E 216 -5.56 21.83 27.17
N MET E 217 -5.22 22.39 26.01
CA MET E 217 -6.23 22.64 24.99
C MET E 217 -6.81 21.36 24.40
N SER E 218 -6.19 20.21 24.64
CA SER E 218 -6.77 18.95 24.15
C SER E 218 -8.07 18.63 24.87
N LEU E 219 -8.10 18.79 26.19
CA LEU E 219 -9.32 18.47 26.93
C LEU E 219 -10.46 19.41 26.56
N ASP E 220 -10.15 20.69 26.32
CA ASP E 220 -11.17 21.67 25.98
C ASP E 220 -11.50 21.69 24.49
N ASN E 221 -10.69 21.04 23.65
CA ASN E 221 -10.95 21.04 22.23
C ASN E 221 -11.78 19.85 21.76
N GLN E 222 -12.01 18.86 22.62
CA GLN E 222 -12.98 17.83 22.29
C GLN E 222 -14.41 18.25 22.64
N PHE E 223 -14.57 19.40 23.32
CA PHE E 223 -15.84 20.09 23.41
C PHE E 223 -16.07 21.03 22.23
N ILE E 224 -15.14 21.08 21.28
CA ILE E 224 -15.20 21.94 20.11
C ILE E 224 -15.23 21.06 18.87
N GLY E 225 -16.21 21.28 18.01
CA GLY E 225 -16.33 20.56 16.76
C GLY E 225 -15.66 21.33 15.64
N ASP E 226 -15.14 20.60 14.65
CA ASP E 226 -14.53 21.18 13.47
C ASP E 226 -15.08 20.51 12.23
N SER E 227 -15.24 21.28 11.16
CA SER E 227 -15.67 20.78 9.86
C SER E 227 -15.53 21.90 8.86
N GLN E 228 -15.76 21.57 7.59
CA GLN E 228 -15.79 22.60 6.57
C GLN E 228 -17.04 23.46 6.74
N VAL E 229 -16.91 24.74 6.37
CA VAL E 229 -17.96 25.73 6.61
C VAL E 229 -18.23 26.46 5.30
N PHE E 230 -19.41 27.08 5.24
CA PHE E 230 -19.83 27.83 4.07
C PHE E 230 -18.96 29.06 3.88
N ILE E 231 -19.27 29.84 2.85
CA ILE E 231 -18.56 31.10 2.61
C ILE E 231 -19.53 32.27 2.53
N GLU E 232 -20.45 32.23 1.55
CA GLU E 232 -21.39 33.32 1.35
C GLU E 232 -22.76 32.76 0.98
N LYS E 233 -23.80 33.51 1.37
CA LYS E 233 -25.19 33.16 1.14
C LYS E 233 -25.85 34.41 0.57
N ARG E 234 -25.77 34.58 -0.75
CA ARG E 234 -26.11 35.85 -1.39
C ARG E 234 -27.04 35.64 -2.57
N SER E 235 -27.85 36.65 -2.85
CA SER E 235 -28.74 36.65 -4.01
C SER E 235 -29.01 38.08 -4.42
N LYS E 236 -29.39 38.27 -5.68
CA LYS E 236 -29.71 39.57 -6.22
C LYS E 236 -31.18 39.70 -6.55
N ASP E 237 -31.55 40.85 -7.12
CA ASP E 237 -32.89 41.14 -7.60
C ASP E 237 -32.85 41.91 -8.90
N SER E 238 -31.84 41.67 -9.74
CA SER E 238 -31.64 42.47 -10.94
C SER E 238 -31.13 41.57 -12.06
N LYS E 239 -30.64 42.20 -13.12
CA LYS E 239 -30.40 41.55 -14.40
C LYS E 239 -29.29 40.50 -14.28
N PHE E 240 -29.23 39.62 -15.28
CA PHE E 240 -28.26 38.54 -15.27
C PHE E 240 -28.11 37.97 -16.67
N VAL E 241 -26.93 37.41 -16.97
CA VAL E 241 -26.56 37.14 -18.35
C VAL E 241 -26.21 35.68 -18.66
N PHE E 242 -25.14 35.13 -18.09
CA PHE E 242 -24.55 33.89 -18.57
C PHE E 242 -25.33 32.67 -18.08
N SER E 243 -24.73 31.49 -18.30
CA SER E 243 -25.26 30.20 -17.88
C SER E 243 -24.17 29.16 -18.11
N ILE E 244 -23.98 28.26 -17.15
CA ILE E 244 -23.00 27.18 -17.27
C ILE E 244 -23.63 25.91 -16.75
N VAL E 245 -23.13 24.77 -17.23
CA VAL E 245 -23.57 23.46 -16.75
C VAL E 245 -22.34 22.59 -16.55
N TYR E 246 -22.33 21.77 -15.51
CA TYR E 246 -21.29 20.77 -15.37
C TYR E 246 -21.85 19.57 -14.61
N ASN E 247 -21.33 18.39 -14.96
CA ASN E 247 -21.70 17.09 -14.39
C ASN E 247 -23.21 16.99 -14.15
N GLY E 248 -23.97 17.37 -15.17
CA GLY E 248 -25.42 17.29 -15.10
C GLY E 248 -26.03 18.16 -14.03
N PHE E 249 -25.60 19.42 -13.94
CA PHE E 249 -26.09 20.33 -12.93
C PHE E 249 -25.83 21.74 -13.42
N THR E 250 -26.85 22.58 -13.41
CA THR E 250 -26.80 23.89 -14.06
C THR E 250 -26.59 24.99 -13.03
N LEU E 251 -25.75 25.96 -13.38
CA LEU E 251 -25.43 27.10 -12.53
C LEU E 251 -25.61 28.38 -13.33
N GLY E 252 -26.48 29.27 -12.86
CA GLY E 252 -26.70 30.54 -13.50
C GLY E 252 -25.69 31.58 -13.05
N VAL E 253 -25.73 32.74 -13.71
CA VAL E 253 -24.84 33.85 -13.44
C VAL E 253 -25.67 35.11 -13.27
N TRP E 254 -25.47 35.81 -12.17
CA TRP E 254 -26.23 37.01 -11.84
C TRP E 254 -25.31 38.21 -11.73
N VAL E 255 -25.77 39.37 -12.19
CA VAL E 255 -25.01 40.60 -12.14
C VAL E 255 -25.87 41.70 -11.51
N ASP E 256 -25.21 42.73 -10.99
CA ASP E 256 -25.94 43.90 -10.51
C ASP E 256 -25.12 45.15 -10.72
N VAL E 257 -25.77 46.18 -11.26
CA VAL E 257 -25.09 47.44 -11.53
C VAL E 257 -24.75 48.16 -10.23
N ASN E 258 -25.63 48.10 -9.24
CA ASN E 258 -25.36 48.70 -7.93
C ASN E 258 -24.22 47.94 -7.28
N GLN E 259 -23.05 48.57 -7.18
CA GLN E 259 -21.80 47.96 -6.76
C GLN E 259 -21.31 46.92 -7.76
N GLY E 260 -21.99 46.76 -8.89
CA GLY E 260 -21.53 45.91 -9.96
C GLY E 260 -21.27 44.48 -9.55
N LEU E 261 -22.01 43.97 -8.57
CA LEU E 261 -21.63 42.71 -7.95
C LEU E 261 -22.00 41.54 -8.86
N MET E 262 -21.43 40.37 -8.52
CA MET E 262 -21.51 39.18 -9.36
C MET E 262 -21.81 37.98 -8.47
N TYR E 263 -22.92 37.28 -8.75
CA TYR E 263 -23.33 36.11 -8.00
C TYR E 263 -23.48 34.92 -8.93
N ILE E 264 -23.54 33.73 -8.34
CA ILE E 264 -23.76 32.48 -9.07
C ILE E 264 -24.87 31.73 -8.34
N ASP E 265 -26.10 31.87 -8.81
CA ASP E 265 -27.24 31.26 -8.16
C ASP E 265 -28.08 30.50 -9.18
N THR E 266 -28.84 29.53 -8.68
CA THR E 266 -29.64 28.68 -9.55
C THR E 266 -30.59 29.50 -10.39
N ALA E 267 -30.44 29.41 -11.70
CA ALA E 267 -31.25 30.19 -12.63
C ALA E 267 -31.21 29.56 -14.02
N HIS E 268 -32.37 29.18 -14.55
CA HIS E 268 -32.48 28.61 -15.86
C HIS E 268 -33.16 29.61 -16.79
N ASP E 269 -32.57 29.79 -17.97
CA ASP E 269 -33.12 30.73 -18.96
C ASP E 269 -33.59 29.93 -20.16
N PRO E 270 -34.90 29.75 -20.35
CA PRO E 270 -35.37 29.11 -21.59
C PRO E 270 -34.98 29.88 -22.84
N SER E 271 -34.60 31.15 -22.71
CA SER E 271 -33.94 31.82 -23.83
C SER E 271 -32.67 31.09 -24.22
N THR E 272 -31.88 30.71 -23.22
CA THR E 272 -30.83 29.70 -23.36
C THR E 272 -29.80 30.12 -24.41
N LYS E 273 -29.06 31.17 -24.07
CA LYS E 273 -27.90 31.57 -24.83
C LYS E 273 -26.62 31.11 -24.13
N ASN E 274 -25.57 30.92 -24.94
CA ASN E 274 -24.20 30.66 -24.50
C ASN E 274 -24.08 29.65 -23.37
N VAL E 275 -24.91 28.61 -23.38
CA VAL E 275 -24.80 27.56 -22.36
C VAL E 275 -23.52 26.76 -22.58
N TYR E 276 -22.80 26.49 -21.49
CA TYR E 276 -21.43 25.98 -21.56
C TYR E 276 -21.23 24.80 -20.63
N THR E 277 -20.28 23.94 -21.01
CA THR E 277 -19.71 22.93 -20.12
C THR E 277 -18.20 22.90 -20.36
N LEU E 278 -17.46 22.43 -19.35
CA LEU E 278 -16.04 22.13 -19.49
C LEU E 278 -15.75 20.84 -20.24
N THR E 279 -16.55 19.79 -20.01
CA THR E 279 -16.27 18.48 -20.57
C THR E 279 -17.50 18.01 -21.36
N THR E 280 -17.23 17.32 -22.46
CA THR E 280 -18.25 16.85 -23.37
C THR E 280 -19.07 15.68 -22.85
N ASP E 281 -18.93 15.32 -21.57
CA ASP E 281 -19.85 14.37 -20.98
C ASP E 281 -21.25 14.92 -20.83
N ASP E 282 -21.43 16.23 -20.94
CA ASP E 282 -22.75 16.84 -20.94
C ASP E 282 -23.05 17.46 -22.29
N LEU E 283 -22.77 16.71 -23.36
CA LEU E 283 -22.92 17.24 -24.71
C LEU E 283 -24.38 17.38 -25.10
N ASN E 284 -24.66 18.44 -25.86
CA ASN E 284 -25.98 18.66 -26.44
C ASN E 284 -25.82 19.63 -27.60
N GLU E 285 -26.75 19.57 -28.55
CA GLU E 285 -26.64 20.40 -29.74
C GLU E 285 -26.60 21.88 -29.39
N ASN E 286 -27.11 22.24 -28.20
CA ASN E 286 -27.14 23.65 -27.80
C ASN E 286 -25.79 24.11 -27.27
N MET E 287 -25.30 23.45 -26.23
CA MET E 287 -24.05 23.86 -25.60
C MET E 287 -22.86 23.66 -26.52
N MET E 288 -21.78 24.40 -26.25
CA MET E 288 -20.54 24.30 -27.01
C MET E 288 -19.41 23.94 -26.08
N LEU E 289 -18.57 23.00 -26.50
CA LEU E 289 -17.37 22.68 -25.73
C LEU E 289 -16.45 23.89 -25.66
N ILE E 290 -16.28 24.40 -24.46
CA ILE E 290 -15.58 25.66 -24.25
C ILE E 290 -14.11 25.46 -24.52
N THR E 291 -13.50 26.43 -25.20
CA THR E 291 -12.06 26.47 -25.29
C THR E 291 -11.48 26.67 -23.89
N ASN E 292 -10.31 26.07 -23.67
CA ASN E 292 -9.79 25.92 -22.31
C ASN E 292 -9.72 27.26 -21.57
N TYR E 293 -9.06 28.25 -22.16
CA TYR E 293 -8.86 29.54 -21.49
C TYR E 293 -9.38 30.74 -22.27
N LYS E 294 -9.63 30.60 -23.57
CA LYS E 294 -10.17 31.74 -24.30
C LYS E 294 -11.56 32.10 -23.82
N ASN E 295 -12.38 31.10 -23.53
CA ASN E 295 -13.69 31.37 -22.95
C ASN E 295 -13.56 32.01 -21.58
N ASN E 296 -12.46 31.70 -20.86
CA ASN E 296 -12.19 32.39 -19.61
C ASN E 296 -12.02 33.88 -19.83
N TYR E 297 -11.30 34.27 -20.88
CA TYR E 297 -11.14 35.68 -21.19
C TYR E 297 -12.45 36.29 -21.70
N HIS E 298 -13.27 35.50 -22.39
CA HIS E 298 -14.61 35.94 -22.71
C HIS E 298 -15.40 36.30 -21.46
N LEU E 299 -15.33 35.42 -20.46
CA LEU E 299 -15.88 35.70 -19.13
C LEU E 299 -14.80 36.35 -18.25
N ARG E 300 -14.24 37.44 -18.78
CA ARG E 300 -13.18 38.15 -18.07
C ARG E 300 -13.69 38.72 -16.76
N LYS E 301 -14.93 39.21 -16.75
CA LYS E 301 -15.51 39.73 -15.51
C LYS E 301 -15.67 38.63 -14.50
N LEU E 302 -16.10 37.44 -14.94
CA LEU E 302 -16.22 36.31 -14.03
C LEU E 302 -14.86 35.90 -13.48
N ALA E 303 -13.85 35.87 -14.34
CA ALA E 303 -12.50 35.53 -13.89
C ALA E 303 -12.02 36.52 -12.82
N SER E 304 -12.09 37.82 -13.12
CA SER E 304 -11.67 38.83 -12.16
C SER E 304 -12.46 38.75 -10.87
N ALA E 305 -13.75 38.46 -10.97
CA ALA E 305 -14.58 38.32 -9.78
C ALA E 305 -14.11 37.14 -8.94
N PHE E 306 -13.67 36.06 -9.57
CA PHE E 306 -13.06 34.98 -8.80
C PHE E 306 -11.77 35.44 -8.14
N MET E 307 -10.91 36.14 -8.89
CA MET E 307 -9.66 36.62 -8.31
C MET E 307 -9.91 37.59 -7.17
N ASN E 308 -10.86 38.50 -7.35
CA ASN E 308 -11.24 39.43 -6.30
C ASN E 308 -12.38 38.84 -5.48
N GLY E 309 -13.03 39.65 -4.66
CA GLY E 309 -14.17 39.23 -3.88
C GLY E 309 -15.51 39.45 -4.55
N TYR E 310 -15.54 39.83 -5.82
CA TYR E 310 -16.80 40.13 -6.48
C TYR E 310 -17.65 38.90 -6.76
N LEU E 311 -17.15 37.70 -6.52
CA LEU E 311 -17.96 36.50 -6.68
C LEU E 311 -18.53 36.08 -5.33
N ARG E 312 -19.84 35.86 -5.31
CA ARG E 312 -20.53 35.40 -4.11
C ARG E 312 -21.58 34.39 -4.53
N PHE E 313 -21.97 33.53 -3.58
CA PHE E 313 -22.89 32.44 -3.87
C PHE E 313 -23.91 32.35 -2.74
N ASP E 314 -24.80 31.37 -2.85
CA ASP E 314 -25.88 31.19 -1.87
C ASP E 314 -25.92 29.79 -1.29
N ASN E 315 -24.82 29.03 -1.39
CA ASN E 315 -24.80 27.68 -0.87
C ASN E 315 -23.37 27.28 -0.58
N GLN E 316 -23.22 26.25 0.24
CA GLN E 316 -21.94 25.57 0.38
C GLN E 316 -21.80 24.45 -0.64
N VAL E 317 -22.91 23.87 -1.09
CA VAL E 317 -22.87 22.89 -2.16
C VAL E 317 -22.52 23.56 -3.49
N ILE E 318 -23.15 24.71 -3.77
CA ILE E 318 -22.73 25.52 -4.90
C ILE E 318 -21.29 25.96 -4.72
N ARG E 319 -20.90 26.25 -3.48
CA ARG E 319 -19.50 26.57 -3.18
C ARG E 319 -18.58 25.47 -3.69
N ASN E 320 -18.84 24.22 -3.31
CA ASN E 320 -17.90 23.15 -3.65
C ASN E 320 -17.91 22.86 -5.15
N ILE E 321 -19.10 22.85 -5.78
CA ILE E 321 -19.14 22.60 -7.21
C ILE E 321 -18.39 23.70 -7.96
N ALA E 322 -18.67 24.95 -7.63
CA ALA E 322 -18.00 26.05 -8.29
C ALA E 322 -16.50 26.01 -8.04
N TYR E 323 -16.10 25.61 -6.83
CA TYR E 323 -14.68 25.61 -6.52
C TYR E 323 -13.94 24.53 -7.27
N GLU E 324 -14.52 23.33 -7.40
CA GLU E 324 -13.85 22.31 -8.21
C GLU E 324 -13.78 22.74 -9.66
N LEU E 325 -14.83 23.40 -10.16
CA LEU E 325 -14.77 23.94 -11.52
C LEU E 325 -13.66 24.97 -11.65
N PHE E 326 -13.50 25.83 -10.63
CA PHE E 326 -12.41 26.81 -10.64
C PHE E 326 -11.05 26.13 -10.64
N ARG E 327 -10.91 25.05 -9.87
CA ARG E 327 -9.65 24.31 -9.87
C ARG E 327 -9.36 23.75 -11.25
N LYS E 328 -10.37 23.22 -11.92
CA LYS E 328 -10.20 22.77 -13.29
C LYS E 328 -10.08 23.93 -14.28
N MET E 329 -10.32 25.17 -13.85
CA MET E 329 -10.38 26.29 -14.78
C MET E 329 -8.99 26.74 -15.21
N ARG E 330 -8.18 27.22 -14.26
CA ARG E 330 -6.87 27.80 -14.53
C ARG E 330 -6.93 28.97 -15.51
PG AGS M . 16.85 0.39 28.20
S1G AGS M . 17.26 -1.51 28.40
O2G AGS M . 16.46 0.69 26.73
O3G AGS M . 15.65 0.76 29.14
PB AGS M . 17.84 2.30 29.77
O1B AGS M . 16.35 2.37 29.95
O2B AGS M . 18.55 3.57 29.31
O3B AGS M . 18.08 1.25 28.61
PA AGS M . 18.86 0.45 31.59
O1A AGS M . 17.81 0.01 32.53
O2A AGS M . 19.01 -0.39 30.32
O3A AGS M . 18.62 1.95 31.12
O5' AGS M . 20.22 0.51 32.40
C5' AGS M . 21.06 -0.66 32.50
C4' AGS M . 22.49 -0.20 32.62
O4' AGS M . 22.53 1.08 33.28
C3' AGS M . 23.38 -1.09 33.46
O3' AGS M . 23.90 -2.16 32.68
C2' AGS M . 24.48 -0.13 33.91
O2' AGS M . 25.53 -0.05 32.95
C1' AGS M . 23.74 1.22 34.00
N9 AGS M . 23.43 1.70 35.35
C8 AGS M . 22.64 2.79 35.61
N7 AGS M . 22.48 3.06 36.88
C5 AGS M . 23.24 2.07 37.51
C6 AGS M . 23.50 1.80 38.87
N6 AGS M . 23.00 2.51 39.88
N1 AGS M . 24.29 0.74 39.16
C2 AGS M . 24.78 0.01 38.15
N3 AGS M . 24.61 0.18 36.84
C4 AGS M . 23.83 1.23 36.58
MG MG N . 14.28 1.84 30.34
PG AGS O . 26.10 -17.37 1.22
S1G AGS O . 25.08 -16.73 -0.31
O2G AGS O . 27.49 -16.68 1.23
O3G AGS O . 25.34 -17.03 2.54
PB AGS O . 26.79 -19.52 2.54
O1B AGS O . 26.00 -18.84 3.64
O2B AGS O . 28.31 -19.30 2.50
O3B AGS O . 26.32 -18.91 1.19
PA AGS O . 25.85 -22.13 3.22
O1A AGS O . 26.36 -22.40 4.59
O2A AGS O . 24.42 -21.59 3.12
O3A AGS O . 26.78 -21.12 2.44
O5' AGS O . 26.02 -23.51 2.44
C5' AGS O . 27.18 -23.77 1.64
C4' AGS O . 27.72 -25.14 1.96
O4' AGS O . 28.41 -25.12 3.22
C3' AGS O . 26.68 -26.26 2.08
O3' AGS O . 26.66 -27.06 0.91
C2' AGS O . 27.15 -27.09 3.29
O2' AGS O . 27.35 -28.46 2.95
C1' AGS O . 28.48 -26.45 3.67
N9 AGS O . 28.78 -26.45 5.10
C8 AGS O . 29.19 -25.39 5.85
N7 AGS O . 29.39 -25.66 7.11
C5 AGS O . 29.11 -27.02 7.20
C6 AGS O . 29.12 -27.93 8.27
N6 AGS O . 29.46 -27.59 9.52
N1 AGS O . 28.78 -29.21 8.02
C2 AGS O . 28.44 -29.55 6.77
N3 AGS O . 28.38 -28.78 5.68
C4 AGS O . 28.72 -27.51 5.96
MG MG P . 24.89 -17.09 4.59
PG AGS Q . -2.73 -24.49 -15.88
S1G AGS Q . -4.45 -24.39 -14.97
O2G AGS Q . -2.37 -23.09 -16.46
O3G AGS Q . -1.63 -24.97 -14.88
PB AGS Q . -2.63 -27.02 -16.60
O1B AGS Q . -1.61 -27.02 -15.52
O2B AGS Q . -2.35 -27.84 -17.86
O3B AGS Q . -2.82 -25.53 -17.04
PA AGS Q . -4.25 -27.94 -14.60
O1A AGS Q . -3.47 -29.13 -14.25
O2A AGS Q . -3.92 -26.68 -13.79
O3A AGS Q . -4.03 -27.58 -16.12
O5' AGS Q . -5.78 -28.29 -14.54
C5' AGS Q . -6.64 -27.88 -15.61
C4' AGS Q . -7.74 -28.91 -15.80
O4' AGS Q . -7.17 -30.21 -16.07
C3' AGS Q . -8.69 -29.08 -14.61
O3' AGS Q . -10.03 -28.89 -15.03
C2' AGS Q . -8.45 -30.53 -14.16
O2' AGS Q . -9.64 -31.13 -13.67
C1' AGS Q . -8.01 -31.16 -15.46
N9 AGS Q . -7.31 -32.44 -15.33
C8 AGS Q . -6.40 -32.80 -14.38
N7 AGS Q . -5.95 -34.03 -14.50
C5 AGS Q . -6.64 -34.52 -15.60
C6 AGS Q . -6.61 -35.77 -16.25
N6 AGS Q . -5.86 -36.79 -15.86
N1 AGS Q . -7.42 -35.93 -17.31
C2 AGS Q . -8.19 -34.91 -17.71
N3 AGS Q . -8.29 -33.69 -17.18
C4 AGS Q . -7.48 -33.55 -16.12
MG MG R . -0.23 -26.31 -14.02
#